data_6L9J
#
_entry.id   6L9J
#
_cell.length_a   205.522
_cell.length_b   146.459
_cell.length_c   154.329
_cell.angle_alpha   90.000
_cell.angle_beta   131.200
_cell.angle_gamma   90.000
#
_symmetry.space_group_name_H-M   'C 1 2 1'
#
loop_
_entity.id
_entity.type
_entity.pdbx_description
1 polymer 'SWI/SNF chromatin-remodeling complex subunit SNF5'
2 polymer 'SWI/SNF complex subunit SWI3'
3 non-polymer GLYCEROL
4 water water
#
loop_
_entity_poly.entity_id
_entity_poly.type
_entity_poly.pdbx_seq_one_letter_code
_entity_poly.pdbx_strand_id
1 'polypeptide(L)'
;SEQLVPIRLEFDQDRDRFFLRDTLLWNKNDKLIKIEDFVDDMLRDYRFEDATREQHIDTICQSIQEQIQEFQGNPYIELN
QDRLGGDDLRIRIKLDIVVGQNQLIDQFEWDISNSDNCPEEFAESMCQELELPGEFVTAIAHSIREQVHMYHKSLALLGY
NFDGSAIEDDDIRSRMLPTITLDDVYRPAAESKIFTPNLLQISAAELERLDKDKDRDTRRKRRQGRS
;
A,D,G,J
2 'polypeptide(L)'
;DNSIFGDTKSESKQLGNTSSVANTPSEIPDAHKAEQEDIIEKTESVDKKVDSGEERNEQEREIMNDHSKSANPKKTTITR
VEPETFEIPQAHEIVIPSYSKWFNLEKIHSIEVQSLPEFFTNRIPSKTPEVYMRYRNFMVNSYRLNPNEYFSVTTARRNV
SGDAAALFRLHKFLTKWGLINYQVDSK
;
B,C,E,F,H,I,K,L
#
loop_
_chem_comp.id
_chem_comp.type
_chem_comp.name
_chem_comp.formula
GOL non-polymer GLYCEROL 'C3 H8 O3'
#
# COMPACT_ATOMS: atom_id res chain seq x y z
N SER A 1 -44.42 -44.20 -38.56
CA SER A 1 -45.26 -44.38 -37.38
C SER A 1 -44.49 -44.98 -36.20
N GLU A 2 -43.43 -44.29 -35.79
CA GLU A 2 -42.79 -44.53 -34.49
C GLU A 2 -43.37 -43.53 -33.51
N GLN A 3 -43.84 -44.01 -32.37
CA GLN A 3 -44.35 -43.08 -31.41
C GLN A 3 -44.08 -43.62 -30.00
N LEU A 4 -42.80 -43.69 -29.66
CA LEU A 4 -42.36 -44.03 -28.32
C LEU A 4 -42.58 -42.84 -27.41
N VAL A 5 -43.56 -42.96 -26.51
CA VAL A 5 -43.84 -41.87 -25.58
C VAL A 5 -42.89 -41.94 -24.39
N PRO A 6 -42.07 -40.94 -24.17
CA PRO A 6 -41.20 -40.93 -22.97
C PRO A 6 -41.99 -40.66 -21.70
N ILE A 7 -42.19 -41.67 -20.88
CA ILE A 7 -43.00 -41.56 -19.68
C ILE A 7 -42.11 -41.23 -18.49
N ARG A 8 -42.56 -40.30 -17.65
CA ARG A 8 -41.87 -40.00 -16.40
C ARG A 8 -42.88 -40.01 -15.26
N LEU A 9 -42.74 -40.97 -14.37
CA LEU A 9 -43.63 -41.15 -13.24
C LEU A 9 -42.93 -40.67 -11.98
N GLU A 10 -43.55 -39.75 -11.25
CA GLU A 10 -42.97 -39.23 -10.00
C GLU A 10 -44.09 -38.93 -9.00
N PHE A 11 -44.09 -39.63 -7.88
CA PHE A 11 -45.07 -39.40 -6.84
C PHE A 11 -44.39 -39.36 -5.48
N ASP A 12 -44.63 -38.29 -4.74
CA ASP A 12 -44.00 -38.06 -3.45
C ASP A 12 -44.87 -38.57 -2.31
N GLN A 13 -44.27 -38.67 -1.13
CA GLN A 13 -44.98 -39.14 0.06
C GLN A 13 -45.82 -38.05 0.73
N ASP A 14 -45.63 -36.78 0.36
CA ASP A 14 -46.36 -35.69 0.99
C ASP A 14 -47.73 -35.48 0.34
N ARG A 15 -47.75 -35.13 -0.95
CA ARG A 15 -49.00 -34.90 -1.67
C ARG A 15 -49.53 -36.13 -2.40
N ASP A 16 -48.80 -37.23 -2.39
CA ASP A 16 -49.28 -38.49 -2.93
C ASP A 16 -49.12 -39.55 -1.85
N ARG A 17 -50.11 -40.41 -1.70
CA ARG A 17 -50.13 -41.35 -0.58
C ARG A 17 -49.11 -42.48 -0.75
N PHE A 18 -47.98 -42.17 -1.40
CA PHE A 18 -46.99 -43.17 -1.79
C PHE A 18 -45.85 -42.50 -2.54
N PHE A 19 -44.72 -43.20 -2.58
CA PHE A 19 -43.51 -42.74 -3.25
C PHE A 19 -43.20 -43.62 -4.45
N LEU A 20 -42.72 -43.02 -5.54
CA LEU A 20 -42.40 -43.75 -6.75
C LEU A 20 -41.69 -42.88 -7.78
N ARG A 21 -40.53 -43.33 -8.25
CA ARG A 21 -39.76 -42.68 -9.30
C ARG A 21 -39.50 -43.69 -10.41
N ASP A 22 -39.96 -43.38 -11.62
CA ASP A 22 -39.68 -44.29 -12.73
C ASP A 22 -39.74 -43.55 -14.06
N THR A 23 -39.09 -44.16 -15.06
CA THR A 23 -39.13 -43.69 -16.43
C THR A 23 -39.22 -44.89 -17.35
N LEU A 24 -39.90 -44.71 -18.48
CA LEU A 24 -40.01 -45.80 -19.44
C LEU A 24 -40.37 -45.23 -20.80
N LEU A 25 -40.20 -46.07 -21.81
CA LEU A 25 -40.65 -45.79 -23.16
C LEU A 25 -41.93 -46.58 -23.44
N TRP A 26 -43.03 -45.88 -23.67
CA TRP A 26 -44.30 -46.51 -24.02
C TRP A 26 -44.58 -46.32 -25.50
N ASN A 27 -44.72 -47.44 -26.21
CA ASN A 27 -45.02 -47.40 -27.65
C ASN A 27 -46.53 -47.25 -27.83
N LYS A 28 -46.95 -46.07 -28.29
CA LYS A 28 -48.34 -45.69 -28.32
C LYS A 28 -49.16 -46.49 -29.32
N ASN A 29 -48.53 -47.06 -30.36
CA ASN A 29 -49.24 -47.82 -31.37
C ASN A 29 -49.60 -49.24 -30.92
N ASP A 30 -48.95 -49.74 -29.89
CA ASP A 30 -49.21 -51.08 -29.37
C ASP A 30 -50.30 -50.95 -28.34
N LYS A 31 -51.53 -51.25 -28.74
CA LYS A 31 -52.70 -50.99 -27.91
C LYS A 31 -53.15 -52.21 -27.11
N LEU A 32 -52.39 -53.31 -27.19
CA LEU A 32 -52.84 -54.61 -26.70
C LEU A 32 -52.33 -55.02 -25.33
N ILE A 33 -51.31 -54.35 -24.76
CA ILE A 33 -50.93 -54.58 -23.36
C ILE A 33 -51.60 -53.53 -22.51
N LYS A 34 -52.40 -53.97 -21.54
CA LYS A 34 -53.14 -53.02 -20.72
C LYS A 34 -52.20 -52.24 -19.81
N ILE A 35 -52.42 -50.93 -19.73
CA ILE A 35 -51.66 -50.12 -18.80
C ILE A 35 -51.81 -50.67 -17.38
N GLU A 36 -53.06 -50.88 -16.94
CA GLU A 36 -53.30 -51.35 -15.59
C GLU A 36 -52.57 -52.66 -15.30
N ASP A 37 -52.45 -53.56 -16.29
CA ASP A 37 -51.71 -54.79 -16.04
C ASP A 37 -50.21 -54.52 -15.93
N PHE A 38 -49.74 -53.46 -16.54
CA PHE A 38 -48.32 -53.17 -16.51
C PHE A 38 -47.95 -52.51 -15.20
N VAL A 39 -48.82 -51.60 -14.71
CA VAL A 39 -48.56 -50.89 -13.47
C VAL A 39 -48.63 -51.84 -12.27
N ASP A 40 -49.63 -52.73 -12.24
CA ASP A 40 -49.75 -53.69 -11.16
C ASP A 40 -48.58 -54.66 -11.11
N ASP A 41 -47.86 -54.82 -12.21
CA ASP A 41 -46.65 -55.64 -12.19
C ASP A 41 -45.44 -54.80 -11.83
N MET A 42 -45.50 -53.51 -12.15
CA MET A 42 -44.43 -52.59 -11.81
C MET A 42 -44.27 -52.45 -10.30
N LEU A 43 -45.38 -52.34 -9.58
CA LEU A 43 -45.35 -52.04 -8.17
C LEU A 43 -45.91 -53.22 -7.36
N ARG A 44 -45.15 -54.31 -7.36
CA ARG A 44 -45.32 -55.39 -6.38
C ARG A 44 -44.66 -54.96 -5.07
N ASP A 45 -45.35 -54.07 -4.33
CA ASP A 45 -44.87 -53.56 -3.04
C ASP A 45 -45.97 -53.38 -2.00
N TYR A 46 -47.25 -53.58 -2.34
CA TYR A 46 -48.36 -53.38 -1.40
C TYR A 46 -48.93 -54.69 -0.87
N THR A 52 -54.05 -48.64 0.18
CA THR A 52 -55.12 -48.61 -0.82
C THR A 52 -54.57 -48.85 -2.22
N ARG A 53 -54.09 -50.07 -2.46
CA ARG A 53 -53.37 -50.39 -3.68
C ARG A 53 -54.18 -50.00 -4.92
N GLU A 54 -55.40 -50.53 -5.02
CA GLU A 54 -56.16 -50.36 -6.26
C GLU A 54 -56.31 -48.88 -6.62
N GLN A 55 -56.53 -48.01 -5.63
CA GLN A 55 -56.70 -46.61 -5.97
C GLN A 55 -55.39 -45.93 -6.34
N HIS A 56 -54.25 -46.54 -5.99
CA HIS A 56 -52.96 -46.00 -6.39
C HIS A 56 -52.57 -46.45 -7.78
N ILE A 57 -52.94 -47.67 -8.17
CA ILE A 57 -52.81 -48.05 -9.57
C ILE A 57 -53.62 -47.11 -10.44
N ASP A 58 -54.81 -46.73 -9.99
CA ASP A 58 -55.67 -45.88 -10.81
C ASP A 58 -55.03 -44.54 -11.09
N THR A 59 -54.36 -43.95 -10.11
CA THR A 59 -53.77 -42.63 -10.31
C THR A 59 -52.50 -42.68 -11.13
N ILE A 60 -51.76 -43.80 -11.08
CA ILE A 60 -50.58 -43.97 -11.92
C ILE A 60 -51.00 -44.14 -13.38
N CYS A 61 -51.87 -45.10 -13.65
CA CYS A 61 -52.42 -45.26 -15.00
C CYS A 61 -52.90 -43.93 -15.54
N GLN A 62 -53.67 -43.18 -14.75
CA GLN A 62 -54.16 -41.90 -15.23
C GLN A 62 -53.03 -40.94 -15.54
N SER A 63 -51.86 -41.16 -14.96
CA SER A 63 -50.70 -40.36 -15.30
C SER A 63 -50.07 -40.83 -16.61
N ILE A 64 -49.94 -42.14 -16.77
CA ILE A 64 -49.43 -42.68 -18.03
C ILE A 64 -50.37 -42.32 -19.15
N GLN A 65 -51.68 -42.53 -18.94
CA GLN A 65 -52.66 -42.17 -19.95
C GLN A 65 -52.58 -40.70 -20.31
N GLU A 66 -52.52 -39.83 -19.30
CA GLU A 66 -52.42 -38.40 -19.57
C GLU A 66 -51.24 -38.09 -20.48
N GLN A 67 -50.13 -38.80 -20.31
CA GLN A 67 -48.92 -38.49 -21.06
C GLN A 67 -48.97 -39.08 -22.47
N ILE A 68 -49.60 -40.23 -22.62
CA ILE A 68 -49.83 -40.81 -23.93
C ILE A 68 -50.78 -39.94 -24.74
N GLN A 69 -51.78 -39.35 -24.08
CA GLN A 69 -52.80 -38.57 -24.78
C GLN A 69 -52.32 -37.18 -25.16
N GLU A 70 -51.21 -36.71 -24.61
CA GLU A 70 -50.66 -35.42 -25.00
C GLU A 70 -49.37 -35.55 -25.80
N PHE A 71 -48.83 -36.74 -25.93
CA PHE A 71 -47.55 -36.93 -26.61
C PHE A 71 -47.60 -36.39 -28.02
N GLN A 72 -46.67 -35.49 -28.35
CA GLN A 72 -46.57 -34.87 -29.67
C GLN A 72 -45.51 -35.62 -30.47
N GLY A 73 -45.95 -36.66 -31.19
CA GLY A 73 -45.04 -37.44 -32.00
C GLY A 73 -44.22 -36.58 -32.93
N ASN A 74 -43.13 -37.13 -33.42
CA ASN A 74 -42.17 -36.39 -34.22
C ASN A 74 -42.84 -35.65 -35.36
N PRO A 75 -42.92 -34.32 -35.30
CA PRO A 75 -43.73 -33.59 -36.29
C PRO A 75 -43.21 -33.72 -37.68
N TYR A 76 -41.93 -34.03 -37.86
CA TYR A 76 -41.38 -34.16 -39.20
C TYR A 76 -41.91 -35.42 -39.87
N ILE A 77 -41.82 -36.55 -39.20
CA ILE A 77 -42.37 -37.80 -39.71
C ILE A 77 -43.89 -37.71 -39.69
N GLU A 78 -44.44 -36.52 -39.47
CA GLU A 78 -45.89 -36.33 -39.37
C GLU A 78 -46.42 -35.37 -40.44
N LEU A 79 -45.96 -34.12 -40.49
CA LEU A 79 -46.26 -33.23 -41.59
C LEU A 79 -45.14 -33.38 -42.63
N ASN A 80 -45.47 -33.97 -43.77
CA ASN A 80 -44.43 -34.46 -44.68
C ASN A 80 -43.39 -33.40 -45.01
N GLN A 81 -42.12 -33.74 -44.78
CA GLN A 81 -40.99 -32.93 -45.24
C GLN A 81 -39.92 -33.81 -45.87
N ASP A 82 -39.31 -34.69 -45.07
CA ASP A 82 -38.29 -35.61 -45.55
C ASP A 82 -37.17 -34.83 -46.24
N ARG A 83 -36.69 -33.79 -45.56
CA ARG A 83 -35.51 -33.06 -46.01
C ARG A 83 -34.29 -33.72 -45.39
N LEU A 84 -33.43 -34.29 -46.22
CA LEU A 84 -32.28 -35.02 -45.70
C LEU A 84 -31.34 -34.08 -44.95
N GLY A 85 -30.92 -34.50 -43.76
CA GLY A 85 -30.00 -33.72 -42.96
C GLY A 85 -30.61 -32.63 -42.13
N GLY A 86 -31.93 -32.48 -42.15
CA GLY A 86 -32.63 -31.57 -41.26
C GLY A 86 -32.43 -30.09 -41.52
N ASP A 87 -33.16 -29.25 -40.79
CA ASP A 87 -33.08 -27.80 -40.91
C ASP A 87 -32.20 -27.17 -39.84
N ASP A 88 -31.25 -27.93 -39.31
CA ASP A 88 -30.27 -27.46 -38.32
C ASP A 88 -30.92 -26.74 -37.14
N LEU A 89 -31.78 -27.46 -36.43
CA LEU A 89 -32.39 -26.98 -35.19
C LEU A 89 -31.82 -27.85 -34.07
N ARG A 90 -30.64 -27.48 -33.60
CA ARG A 90 -29.93 -28.24 -32.58
C ARG A 90 -30.35 -27.78 -31.19
N ILE A 91 -30.53 -28.75 -30.30
CA ILE A 91 -30.94 -28.51 -28.93
C ILE A 91 -29.77 -28.85 -28.00
N ARG A 92 -29.87 -28.42 -26.76
CA ARG A 92 -28.87 -28.72 -25.73
C ARG A 92 -29.43 -29.86 -24.87
N ILE A 93 -28.79 -31.01 -24.94
CA ILE A 93 -29.27 -32.21 -24.27
C ILE A 93 -28.42 -32.42 -23.02
N LYS A 94 -29.01 -32.14 -21.87
CA LYS A 94 -28.30 -32.21 -20.61
C LYS A 94 -28.61 -33.54 -19.92
N LEU A 95 -27.56 -34.17 -19.40
CA LEU A 95 -27.65 -35.45 -18.71
C LEU A 95 -27.20 -35.29 -17.28
N ASP A 96 -27.95 -35.91 -16.37
CA ASP A 96 -27.66 -35.98 -14.93
C ASP A 96 -28.39 -37.23 -14.45
N ILE A 97 -27.68 -38.36 -14.52
CA ILE A 97 -28.25 -39.69 -14.35
C ILE A 97 -27.50 -40.41 -13.25
N VAL A 98 -28.22 -40.97 -12.29
CA VAL A 98 -27.59 -41.76 -11.23
C VAL A 98 -28.08 -43.19 -11.38
N VAL A 99 -27.16 -44.14 -11.42
CA VAL A 99 -27.48 -45.56 -11.45
C VAL A 99 -26.59 -46.20 -10.40
N GLY A 100 -27.19 -46.58 -9.28
CA GLY A 100 -26.46 -47.01 -8.10
C GLY A 100 -25.55 -45.91 -7.60
N GLN A 101 -24.27 -46.20 -7.56
CA GLN A 101 -23.27 -45.26 -7.11
C GLN A 101 -22.69 -44.42 -8.22
N ASN A 102 -23.04 -44.68 -9.48
CA ASN A 102 -22.47 -43.99 -10.63
C ASN A 102 -23.37 -42.84 -11.04
N GLN A 103 -22.76 -41.67 -11.25
CA GLN A 103 -23.49 -40.48 -11.71
C GLN A 103 -22.80 -39.94 -12.96
N LEU A 104 -23.57 -39.71 -14.01
CA LEU A 104 -23.04 -39.20 -15.26
C LEU A 104 -23.58 -37.80 -15.48
N ILE A 105 -22.67 -36.84 -15.64
CA ILE A 105 -23.00 -35.48 -16.06
C ILE A 105 -22.47 -35.30 -17.47
N ASP A 106 -23.23 -34.63 -18.33
CA ASP A 106 -22.83 -34.58 -19.74
C ASP A 106 -23.68 -33.55 -20.48
N GLN A 107 -23.18 -33.14 -21.63
CA GLN A 107 -23.91 -32.19 -22.44
C GLN A 107 -23.46 -32.36 -23.89
N PHE A 108 -24.43 -32.40 -24.81
CA PHE A 108 -24.10 -32.55 -26.21
C PHE A 108 -25.19 -31.90 -27.04
N GLU A 109 -24.82 -31.44 -28.22
CA GLU A 109 -25.78 -30.88 -29.15
C GLU A 109 -26.53 -32.00 -29.86
N TRP A 110 -27.79 -31.77 -30.13
CA TRP A 110 -28.62 -32.78 -30.80
C TRP A 110 -29.62 -32.08 -31.69
N ASP A 111 -29.71 -32.53 -32.93
CA ASP A 111 -30.57 -31.91 -33.94
C ASP A 111 -31.97 -32.50 -33.83
N ILE A 112 -32.96 -31.65 -33.57
CA ILE A 112 -34.33 -32.13 -33.38
C ILE A 112 -35.10 -32.22 -34.68
N SER A 113 -34.50 -31.85 -35.80
CA SER A 113 -35.18 -31.83 -37.09
C SER A 113 -34.47 -32.71 -38.10
N ASN A 114 -33.85 -33.79 -37.64
CA ASN A 114 -33.26 -34.80 -38.51
C ASN A 114 -33.71 -36.14 -37.96
N SER A 115 -34.70 -36.74 -38.62
CA SER A 115 -35.32 -37.96 -38.14
C SER A 115 -34.46 -39.20 -38.38
N ASP A 116 -33.25 -39.04 -38.87
CA ASP A 116 -32.32 -40.16 -38.92
C ASP A 116 -31.36 -40.20 -37.75
N ASN A 117 -31.46 -39.25 -36.81
CA ASN A 117 -30.74 -39.32 -35.54
C ASN A 117 -31.41 -40.35 -34.65
N CYS A 118 -30.69 -41.41 -34.31
CA CYS A 118 -31.26 -42.49 -33.51
C CYS A 118 -30.75 -42.41 -32.07
N PRO A 119 -31.59 -42.01 -31.11
CA PRO A 119 -31.13 -41.99 -29.71
C PRO A 119 -30.60 -43.31 -29.19
N GLU A 120 -31.21 -44.44 -29.52
CA GLU A 120 -30.69 -45.69 -28.98
C GLU A 120 -29.32 -46.03 -29.54
N GLU A 121 -29.03 -45.65 -30.78
CA GLU A 121 -27.72 -45.96 -31.36
C GLU A 121 -26.64 -45.13 -30.69
N PHE A 122 -26.96 -43.90 -30.30
CA PHE A 122 -26.02 -43.03 -29.62
C PHE A 122 -25.79 -43.49 -28.19
N ALA A 123 -26.88 -43.60 -27.41
CA ALA A 123 -26.79 -44.10 -26.06
C ALA A 123 -25.98 -45.38 -25.98
N GLU A 124 -26.05 -46.22 -26.99
CA GLU A 124 -25.36 -47.48 -26.89
C GLU A 124 -23.88 -47.37 -27.20
N SER A 125 -23.45 -46.34 -27.94
CA SER A 125 -22.01 -46.18 -28.09
C SER A 125 -21.42 -45.37 -26.95
N MET A 126 -22.15 -44.38 -26.44
CA MET A 126 -21.82 -43.77 -25.15
C MET A 126 -21.47 -44.85 -24.14
N CYS A 127 -22.38 -45.79 -23.87
CA CYS A 127 -22.08 -46.78 -22.86
C CYS A 127 -20.95 -47.71 -23.26
N GLN A 128 -20.55 -47.71 -24.51
CA GLN A 128 -19.42 -48.53 -24.93
C GLN A 128 -18.12 -47.80 -24.68
N GLU A 129 -18.10 -46.49 -24.93
CA GLU A 129 -16.88 -45.71 -24.92
C GLU A 129 -16.47 -45.29 -23.52
N LEU A 130 -17.44 -44.79 -22.74
CA LEU A 130 -17.30 -44.58 -21.31
C LEU A 130 -17.31 -45.88 -20.52
N GLU A 131 -17.51 -47.01 -21.19
CA GLU A 131 -17.85 -48.27 -20.55
C GLU A 131 -18.72 -48.03 -19.34
N LEU A 132 -19.94 -47.56 -19.57
CA LEU A 132 -20.90 -47.39 -18.51
C LEU A 132 -21.52 -48.73 -18.16
N PRO A 133 -22.10 -48.86 -16.97
CA PRO A 133 -22.96 -50.01 -16.71
C PRO A 133 -24.12 -50.01 -17.68
N GLY A 134 -24.53 -51.22 -18.08
CA GLY A 134 -25.54 -51.36 -19.11
C GLY A 134 -26.78 -50.52 -18.88
N GLU A 135 -27.14 -50.26 -17.62
CA GLU A 135 -28.40 -49.57 -17.33
C GLU A 135 -28.41 -48.16 -17.88
N PHE A 136 -27.25 -47.63 -18.24
CA PHE A 136 -27.24 -46.25 -18.70
C PHE A 136 -27.81 -46.12 -20.08
N VAL A 137 -27.85 -47.21 -20.85
CA VAL A 137 -28.26 -47.12 -22.24
C VAL A 137 -29.74 -46.71 -22.35
N THR A 138 -30.61 -47.36 -21.60
CA THR A 138 -32.01 -46.95 -21.66
C THR A 138 -32.20 -45.54 -21.15
N ALA A 139 -31.49 -45.16 -20.08
CA ALA A 139 -31.65 -43.88 -19.43
C ALA A 139 -31.12 -42.72 -20.26
N ILE A 140 -29.98 -42.91 -20.94
CA ILE A 140 -29.54 -41.90 -21.89
C ILE A 140 -30.52 -41.74 -23.05
N ALA A 141 -31.16 -42.84 -23.48
CA ALA A 141 -32.07 -42.75 -24.61
C ALA A 141 -33.38 -42.08 -24.22
N HIS A 142 -33.91 -42.44 -23.06
CA HIS A 142 -35.11 -41.77 -22.55
C HIS A 142 -34.90 -40.27 -22.43
N SER A 143 -33.72 -39.85 -21.96
CA SER A 143 -33.47 -38.42 -21.73
C SER A 143 -33.31 -37.66 -23.04
N ILE A 144 -32.64 -38.26 -24.03
CA ILE A 144 -32.65 -37.66 -25.36
C ILE A 144 -34.08 -37.44 -25.83
N ARG A 145 -34.89 -38.50 -25.78
CA ARG A 145 -36.25 -38.43 -26.33
C ARG A 145 -37.14 -37.53 -25.51
N GLU A 146 -36.94 -37.48 -24.19
CA GLU A 146 -37.76 -36.60 -23.37
C GLU A 146 -37.40 -35.14 -23.60
N GLN A 147 -36.12 -34.82 -23.80
CA GLN A 147 -35.77 -33.43 -24.02
C GLN A 147 -36.14 -32.98 -25.44
N VAL A 148 -36.02 -33.89 -26.42
CA VAL A 148 -36.41 -33.60 -27.79
C VAL A 148 -37.92 -33.35 -27.87
N HIS A 149 -38.72 -34.20 -27.20
CA HIS A 149 -40.15 -33.99 -27.21
C HIS A 149 -40.52 -32.61 -26.71
N MET A 150 -39.99 -32.21 -25.56
CA MET A 150 -40.25 -30.87 -25.02
C MET A 150 -40.23 -29.81 -26.11
N TYR A 151 -39.17 -29.78 -26.91
CA TYR A 151 -39.12 -28.79 -27.98
C TYR A 151 -40.10 -29.10 -29.09
N HIS A 152 -40.35 -30.38 -29.37
CA HIS A 152 -41.36 -30.73 -30.36
C HIS A 152 -42.75 -30.33 -29.90
N LYS A 153 -43.03 -30.35 -28.60
CA LYS A 153 -44.35 -29.95 -28.14
C LYS A 153 -44.50 -28.46 -27.88
N SER A 154 -43.41 -27.73 -27.63
CA SER A 154 -43.53 -26.28 -27.56
C SER A 154 -43.81 -25.69 -28.93
N LEU A 155 -42.95 -25.98 -29.91
CA LEU A 155 -43.18 -25.52 -31.27
C LEU A 155 -44.61 -25.82 -31.73
N ALA A 156 -45.14 -26.97 -31.36
CA ALA A 156 -46.51 -27.32 -31.73
C ALA A 156 -47.50 -26.28 -31.21
N LEU A 157 -47.59 -26.12 -29.90
CA LEU A 157 -48.49 -25.13 -29.31
C LEU A 157 -48.15 -23.69 -29.72
N LEU A 158 -47.11 -23.47 -30.50
CA LEU A 158 -46.85 -22.16 -31.10
C LEU A 158 -47.21 -22.13 -32.57
N GLY A 159 -47.83 -23.17 -33.09
CA GLY A 159 -48.22 -23.20 -34.48
C GLY A 159 -47.08 -23.30 -35.48
N TYR A 160 -45.85 -23.44 -35.01
CA TYR A 160 -44.75 -23.71 -35.92
C TYR A 160 -45.16 -24.79 -36.90
N ASN A 161 -44.72 -24.65 -38.14
CA ASN A 161 -45.14 -25.55 -39.20
C ASN A 161 -44.12 -26.63 -39.50
N PHE A 162 -43.02 -26.67 -38.75
CA PHE A 162 -42.00 -27.68 -38.92
C PHE A 162 -41.66 -27.87 -40.40
N ASP A 163 -41.22 -26.79 -41.03
CA ASP A 163 -40.88 -26.83 -42.44
C ASP A 163 -39.49 -26.25 -42.69
N GLY A 164 -39.05 -25.33 -41.84
CA GLY A 164 -37.70 -24.82 -41.92
C GLY A 164 -37.57 -23.32 -41.71
N SER A 165 -38.69 -22.66 -41.46
CA SER A 165 -38.67 -21.22 -41.32
C SER A 165 -38.04 -20.82 -39.98
N ALA A 166 -37.64 -19.56 -39.90
CA ALA A 166 -37.12 -19.03 -38.64
C ALA A 166 -38.14 -19.23 -37.53
N ILE A 167 -37.66 -19.59 -36.35
CA ILE A 167 -38.54 -19.77 -35.19
C ILE A 167 -39.06 -18.41 -34.75
N GLU A 168 -40.37 -18.24 -34.76
CA GLU A 168 -40.96 -16.96 -34.37
C GLU A 168 -40.62 -16.62 -32.94
N ASP A 169 -41.05 -17.46 -32.00
CA ASP A 169 -40.95 -17.16 -30.58
C ASP A 169 -39.53 -16.73 -30.21
N ASP A 170 -39.43 -15.65 -29.43
CA ASP A 170 -38.10 -15.15 -29.08
C ASP A 170 -37.41 -16.05 -28.06
N ASP A 171 -38.17 -16.70 -27.18
CA ASP A 171 -37.56 -17.61 -26.21
C ASP A 171 -37.10 -18.89 -26.90
N ILE A 172 -38.04 -19.66 -27.45
CA ILE A 172 -37.70 -20.94 -28.07
C ILE A 172 -36.55 -20.78 -29.05
N ARG A 173 -36.57 -19.69 -29.83
CA ARG A 173 -35.45 -19.45 -30.74
C ARG A 173 -34.14 -19.26 -29.98
N SER A 174 -34.21 -18.70 -28.78
CA SER A 174 -33.00 -18.38 -28.04
C SER A 174 -32.36 -19.59 -27.39
N ARG A 175 -33.13 -20.65 -27.12
CA ARG A 175 -32.52 -21.85 -26.57
C ARG A 175 -31.86 -22.72 -27.63
N MET A 176 -32.06 -22.39 -28.91
CA MET A 176 -31.58 -23.17 -30.04
C MET A 176 -30.16 -22.76 -30.38
N LEU A 177 -29.24 -23.71 -30.38
CA LEU A 177 -27.83 -23.44 -30.63
C LEU A 177 -27.65 -22.55 -31.85
N PRO A 178 -26.62 -21.71 -31.88
CA PRO A 178 -26.42 -20.81 -33.01
C PRO A 178 -25.80 -21.54 -34.19
N THR A 179 -25.80 -20.86 -35.34
CA THR A 179 -25.35 -21.47 -36.59
C THR A 179 -23.84 -21.61 -36.61
N ILE A 180 -23.36 -22.70 -37.22
CA ILE A 180 -21.97 -23.12 -37.12
C ILE A 180 -21.24 -22.64 -38.38
N THR A 181 -20.71 -21.41 -38.34
CA THR A 181 -19.77 -21.04 -39.39
C THR A 181 -18.50 -21.86 -39.23
N LEU A 182 -17.49 -21.58 -40.07
CA LEU A 182 -16.28 -22.38 -39.98
C LEU A 182 -15.35 -21.90 -38.87
N ASP A 183 -15.56 -20.69 -38.36
CA ASP A 183 -14.79 -20.23 -37.22
C ASP A 183 -15.30 -20.80 -35.91
N ASP A 184 -16.47 -21.44 -35.94
CA ASP A 184 -17.13 -22.00 -34.76
C ASP A 184 -16.90 -23.49 -34.60
N VAL A 185 -16.33 -24.14 -35.60
CA VAL A 185 -16.19 -25.60 -35.53
C VAL A 185 -15.39 -25.97 -34.30
N TYR A 186 -14.19 -25.43 -34.18
CA TYR A 186 -13.39 -25.64 -32.98
C TYR A 186 -14.05 -24.97 -31.79
N ARG A 187 -14.27 -25.75 -30.71
CA ARG A 187 -14.93 -25.24 -29.51
C ARG A 187 -14.01 -24.36 -28.71
N PRO A 188 -14.50 -23.23 -28.20
CA PRO A 188 -13.73 -22.47 -27.20
C PRO A 188 -13.44 -23.33 -25.98
N ALA A 189 -12.43 -22.91 -25.21
CA ALA A 189 -12.09 -23.68 -24.01
C ALA A 189 -13.23 -23.64 -23.00
N ALA A 190 -13.99 -22.56 -23.00
CA ALA A 190 -15.08 -22.41 -22.05
C ALA A 190 -16.21 -23.40 -22.30
N GLU A 191 -16.46 -23.78 -23.56
CA GLU A 191 -17.54 -24.72 -23.84
C GLU A 191 -17.09 -26.17 -23.81
N SER A 192 -15.93 -26.50 -24.37
CA SER A 192 -15.45 -27.86 -24.27
C SER A 192 -15.30 -28.33 -22.83
N LYS A 193 -15.43 -27.43 -21.85
CA LYS A 193 -15.45 -27.84 -20.44
C LYS A 193 -16.76 -28.52 -20.08
N ILE A 194 -17.88 -27.89 -20.44
CA ILE A 194 -19.19 -28.41 -20.09
C ILE A 194 -19.73 -29.41 -21.10
N PHE A 195 -19.32 -29.33 -22.37
CA PHE A 195 -19.75 -30.25 -23.42
C PHE A 195 -18.89 -31.52 -23.46
N THR A 196 -18.82 -32.22 -22.33
CA THR A 196 -18.05 -33.46 -22.24
C THR A 196 -18.51 -34.21 -20.99
N PRO A 197 -18.34 -35.52 -20.96
CA PRO A 197 -18.90 -36.32 -19.88
C PRO A 197 -17.99 -36.42 -18.65
N ASN A 198 -18.64 -36.56 -17.49
CA ASN A 198 -17.99 -36.74 -16.20
C ASN A 198 -18.77 -37.79 -15.43
N LEU A 199 -18.07 -38.82 -14.95
CA LEU A 199 -18.64 -39.97 -14.27
C LEU A 199 -18.07 -40.04 -12.85
N LEU A 200 -18.88 -39.62 -11.88
CA LEU A 200 -18.46 -39.59 -10.48
C LEU A 200 -19.01 -40.81 -9.74
N GLN A 201 -18.25 -41.31 -8.77
CA GLN A 201 -18.79 -42.20 -7.75
C GLN A 201 -19.37 -41.35 -6.62
N ILE A 202 -20.35 -41.91 -5.93
CA ILE A 202 -21.25 -41.12 -5.11
C ILE A 202 -21.80 -42.07 -4.07
N SER A 203 -22.11 -41.55 -2.89
CA SER A 203 -22.54 -42.38 -1.79
C SER A 203 -24.02 -42.16 -1.54
N ALA A 204 -24.58 -43.02 -0.70
CA ALA A 204 -25.93 -42.80 -0.22
C ALA A 204 -26.10 -41.41 0.37
N ALA A 205 -25.06 -40.87 0.99
CA ALA A 205 -25.13 -39.58 1.68
C ALA A 205 -25.13 -38.42 0.71
N GLU A 206 -24.34 -38.49 -0.35
CA GLU A 206 -24.41 -37.47 -1.39
C GLU A 206 -25.70 -37.60 -2.20
N LEU A 207 -26.12 -38.84 -2.50
CA LEU A 207 -27.40 -39.05 -3.16
C LEU A 207 -28.52 -38.31 -2.42
N GLU A 208 -28.54 -38.44 -1.10
CA GLU A 208 -29.52 -37.72 -0.30
C GLU A 208 -29.49 -36.22 -0.59
N ARG A 209 -28.29 -35.63 -0.65
CA ARG A 209 -28.20 -34.20 -0.97
C ARG A 209 -28.85 -33.91 -2.32
N LEU A 210 -28.62 -34.75 -3.32
CA LEU A 210 -29.17 -34.51 -4.66
C LEU A 210 -30.69 -34.59 -4.65
N ASP A 211 -31.23 -35.76 -4.28
CA ASP A 211 -32.69 -35.92 -4.25
C ASP A 211 -33.36 -34.76 -3.52
N LYS A 212 -32.78 -34.34 -2.40
CA LYS A 212 -33.30 -33.19 -1.66
C LYS A 212 -33.04 -31.88 -2.40
N ASP A 213 -33.01 -31.93 -3.73
CA ASP A 213 -32.88 -30.72 -4.55
C ASP A 213 -34.07 -30.58 -5.50
N LYS A 214 -35.07 -31.43 -5.39
CA LYS A 214 -36.32 -31.28 -6.14
C LYS A 214 -36.86 -29.85 -6.09
N ALA B 91 -22.36 -71.98 -14.02
CA ALA B 91 -22.30 -72.61 -12.70
C ALA B 91 -23.63 -73.30 -12.36
N HIS B 92 -24.68 -72.51 -12.18
CA HIS B 92 -25.98 -73.07 -11.81
C HIS B 92 -26.47 -74.06 -12.86
N GLU B 93 -26.99 -75.18 -12.40
CA GLU B 93 -27.69 -76.11 -13.30
C GLU B 93 -29.11 -75.60 -13.49
N ILE B 94 -29.43 -75.21 -14.71
CA ILE B 94 -30.72 -74.62 -15.02
C ILE B 94 -31.74 -75.73 -15.22
N VAL B 95 -32.97 -75.49 -14.75
CA VAL B 95 -34.04 -76.48 -14.83
C VAL B 95 -35.23 -75.83 -15.52
N ILE B 96 -35.63 -76.40 -16.64
CA ILE B 96 -36.79 -75.94 -17.40
C ILE B 96 -37.75 -77.12 -17.53
N PRO B 97 -38.99 -76.87 -17.88
CA PRO B 97 -39.97 -77.96 -18.02
C PRO B 97 -39.68 -78.79 -19.26
N SER B 98 -40.19 -80.03 -19.25
CA SER B 98 -39.94 -80.92 -20.37
C SER B 98 -40.55 -80.39 -21.65
N TYR B 99 -41.59 -79.57 -21.57
CA TYR B 99 -42.20 -79.02 -22.77
C TYR B 99 -41.51 -77.77 -23.29
N SER B 100 -40.29 -77.48 -22.82
CA SER B 100 -39.56 -76.33 -23.35
C SER B 100 -38.14 -76.69 -23.74
N LYS B 101 -37.87 -77.96 -23.99
CA LYS B 101 -36.58 -78.33 -24.55
C LYS B 101 -36.40 -77.85 -25.99
N TRP B 102 -37.43 -77.27 -26.60
CA TRP B 102 -37.28 -76.68 -27.93
C TRP B 102 -36.47 -75.41 -27.89
N PHE B 103 -36.39 -74.76 -26.74
CA PHE B 103 -35.75 -73.46 -26.62
C PHE B 103 -34.24 -73.58 -26.79
N ASN B 104 -33.69 -72.68 -27.59
CA ASN B 104 -32.25 -72.63 -27.83
C ASN B 104 -31.85 -71.18 -27.89
N LEU B 105 -30.91 -70.76 -27.03
CA LEU B 105 -30.50 -69.37 -26.97
C LEU B 105 -30.00 -68.86 -28.32
N GLU B 106 -29.43 -69.73 -29.14
CA GLU B 106 -28.83 -69.30 -30.40
C GLU B 106 -29.78 -69.42 -31.59
N LYS B 107 -30.99 -69.96 -31.41
CA LYS B 107 -31.95 -70.19 -32.48
C LYS B 107 -33.29 -69.54 -32.14
N ILE B 108 -34.14 -69.40 -33.16
CA ILE B 108 -35.53 -69.00 -33.01
C ILE B 108 -36.42 -70.14 -33.49
N HIS B 109 -37.50 -70.38 -32.77
CA HIS B 109 -38.44 -71.47 -33.00
C HIS B 109 -39.75 -70.84 -33.45
N SER B 110 -40.60 -71.65 -34.08
CA SER B 110 -41.86 -71.12 -34.59
C SER B 110 -42.83 -70.78 -33.47
N ILE B 111 -42.81 -71.55 -32.38
CA ILE B 111 -43.58 -71.18 -31.20
C ILE B 111 -43.35 -69.70 -30.85
N GLU B 112 -42.11 -69.23 -30.98
CA GLU B 112 -41.78 -67.86 -30.62
C GLU B 112 -42.28 -66.87 -31.65
N VAL B 113 -42.07 -67.18 -32.94
CA VAL B 113 -42.64 -66.37 -34.01
C VAL B 113 -44.15 -66.29 -33.89
N GLN B 114 -44.79 -67.41 -33.53
CA GLN B 114 -46.25 -67.45 -33.37
C GLN B 114 -46.74 -66.52 -32.28
N SER B 115 -46.06 -66.52 -31.15
CA SER B 115 -46.63 -65.85 -29.99
C SER B 115 -46.25 -64.38 -29.92
N LEU B 116 -45.13 -63.97 -30.53
CA LEU B 116 -44.71 -62.58 -30.55
C LEU B 116 -44.46 -62.11 -31.98
N PRO B 117 -45.49 -62.13 -32.83
CA PRO B 117 -45.30 -61.77 -34.24
C PRO B 117 -44.79 -60.37 -34.46
N GLU B 118 -44.69 -59.53 -33.44
CA GLU B 118 -44.42 -58.12 -33.68
C GLU B 118 -42.98 -57.87 -34.09
N PHE B 119 -42.09 -58.83 -33.87
CA PHE B 119 -40.68 -58.67 -34.17
C PHE B 119 -40.33 -59.23 -35.55
N PHE B 120 -41.22 -60.00 -36.14
CA PHE B 120 -40.94 -60.68 -37.40
C PHE B 120 -41.77 -60.18 -38.57
N THR B 121 -42.64 -59.19 -38.39
CA THR B 121 -43.40 -58.66 -39.51
C THR B 121 -42.59 -57.70 -40.38
N ASN B 122 -41.37 -57.37 -40.02
CA ASN B 122 -40.54 -56.48 -40.82
C ASN B 122 -41.18 -55.14 -41.09
N ARG B 123 -42.29 -54.84 -40.46
CA ARG B 123 -42.99 -53.58 -40.66
C ARG B 123 -42.54 -52.49 -39.69
N ILE B 124 -41.65 -52.80 -38.75
CA ILE B 124 -41.06 -51.80 -37.85
C ILE B 124 -39.57 -52.10 -37.71
N PRO B 125 -38.70 -51.11 -37.89
CA PRO B 125 -37.27 -51.40 -38.04
C PRO B 125 -36.58 -51.77 -36.76
N SER B 126 -36.99 -51.19 -35.63
CA SER B 126 -36.40 -51.48 -34.33
C SER B 126 -36.90 -52.79 -33.73
N LYS B 127 -37.74 -53.53 -34.45
CA LYS B 127 -38.23 -54.84 -34.01
C LYS B 127 -37.89 -55.86 -35.08
N THR B 128 -36.79 -56.56 -34.89
CA THR B 128 -36.22 -57.51 -35.82
C THR B 128 -35.90 -58.78 -35.06
N PRO B 129 -35.60 -59.88 -35.75
CA PRO B 129 -35.21 -61.09 -35.02
C PRO B 129 -33.94 -60.93 -34.19
N GLU B 130 -32.98 -60.13 -34.64
CA GLU B 130 -31.76 -59.91 -33.87
C GLU B 130 -32.08 -59.19 -32.56
N VAL B 131 -32.90 -58.16 -32.63
CA VAL B 131 -33.42 -57.53 -31.43
C VAL B 131 -34.19 -58.52 -30.59
N TYR B 132 -35.03 -59.36 -31.21
CA TYR B 132 -35.80 -60.29 -30.39
C TYR B 132 -34.87 -61.15 -29.56
N MET B 133 -33.77 -61.61 -30.14
CA MET B 133 -32.88 -62.51 -29.42
C MET B 133 -32.13 -61.76 -28.32
N ARG B 134 -31.77 -60.51 -28.56
CA ARG B 134 -31.10 -59.72 -27.54
C ARG B 134 -32.00 -59.52 -26.33
N TYR B 135 -33.22 -59.02 -26.55
CA TYR B 135 -34.17 -58.89 -25.45
C TYR B 135 -34.41 -60.22 -24.76
N ARG B 136 -34.55 -61.29 -25.54
CA ARG B 136 -35.00 -62.55 -24.97
C ARG B 136 -33.88 -63.21 -24.20
N ASN B 137 -32.68 -63.28 -24.78
CA ASN B 137 -31.58 -63.89 -24.07
C ASN B 137 -31.18 -63.07 -22.85
N PHE B 138 -31.34 -61.75 -22.89
CA PHE B 138 -30.99 -60.99 -21.72
C PHE B 138 -31.88 -61.32 -20.54
N MET B 139 -33.11 -61.76 -20.79
CA MET B 139 -34.00 -62.16 -19.70
C MET B 139 -33.68 -63.56 -19.24
N VAL B 140 -33.38 -64.45 -20.17
CA VAL B 140 -33.14 -65.85 -19.82
C VAL B 140 -31.80 -66.01 -19.15
N ASN B 141 -30.78 -65.30 -19.64
CA ASN B 141 -29.43 -65.43 -19.10
C ASN B 141 -29.26 -64.64 -17.80
N SER B 142 -29.86 -63.45 -17.72
CA SER B 142 -29.94 -62.75 -16.45
C SER B 142 -30.63 -63.60 -15.39
N TYR B 143 -31.79 -64.15 -15.70
CA TYR B 143 -32.45 -64.98 -14.69
C TYR B 143 -31.63 -66.21 -14.35
N ARG B 144 -30.82 -66.72 -15.27
CA ARG B 144 -30.13 -67.97 -14.97
C ARG B 144 -28.92 -67.79 -14.06
N LEU B 145 -28.46 -66.55 -13.84
CA LEU B 145 -27.44 -66.31 -12.84
C LEU B 145 -27.99 -66.51 -11.43
N ASN B 146 -29.27 -66.19 -11.21
CA ASN B 146 -29.89 -66.33 -9.89
C ASN B 146 -31.24 -67.04 -9.99
N PRO B 147 -31.22 -68.36 -10.18
CA PRO B 147 -32.49 -69.10 -10.27
C PRO B 147 -33.47 -68.75 -9.18
N ASN B 148 -33.02 -68.45 -7.96
CA ASN B 148 -33.97 -68.29 -6.87
C ASN B 148 -34.55 -66.89 -6.75
N GLU B 149 -34.04 -65.93 -7.50
CA GLU B 149 -34.61 -64.58 -7.50
C GLU B 149 -35.55 -64.39 -8.69
N TYR B 150 -36.74 -63.87 -8.41
CA TYR B 150 -37.64 -63.37 -9.44
C TYR B 150 -36.94 -62.36 -10.33
N PHE B 151 -37.08 -62.53 -11.64
CA PHE B 151 -36.61 -61.56 -12.62
C PHE B 151 -37.80 -60.80 -13.17
N SER B 152 -37.70 -59.48 -13.21
CA SER B 152 -38.87 -58.64 -13.40
C SER B 152 -38.82 -57.84 -14.69
N VAL B 153 -40.01 -57.38 -15.10
CA VAL B 153 -40.11 -56.51 -16.26
C VAL B 153 -39.32 -55.24 -16.03
N THR B 154 -39.31 -54.73 -14.80
CA THR B 154 -38.57 -53.51 -14.49
C THR B 154 -37.07 -53.73 -14.63
N THR B 155 -36.54 -54.84 -14.12
CA THR B 155 -35.14 -55.12 -14.35
C THR B 155 -34.84 -55.13 -15.83
N ALA B 156 -35.77 -55.66 -16.63
CA ALA B 156 -35.58 -55.88 -18.06
C ALA B 156 -35.59 -54.57 -18.84
N ARG B 157 -36.56 -53.69 -18.58
CA ARG B 157 -36.60 -52.44 -19.32
C ARG B 157 -35.58 -51.41 -18.85
N ARG B 158 -34.99 -51.61 -17.68
CA ARG B 158 -33.88 -50.74 -17.28
C ARG B 158 -32.61 -51.10 -18.01
N ASN B 159 -32.47 -52.35 -18.45
CA ASN B 159 -31.24 -52.85 -19.04
C ASN B 159 -31.27 -52.99 -20.56
N VAL B 160 -32.44 -52.89 -21.19
CA VAL B 160 -32.63 -53.18 -22.61
C VAL B 160 -33.51 -52.10 -23.22
N SER B 161 -33.24 -51.72 -24.47
CA SER B 161 -33.81 -50.49 -25.00
C SER B 161 -35.24 -50.63 -25.51
N GLY B 162 -35.88 -51.77 -25.37
CA GLY B 162 -37.21 -51.94 -25.90
C GLY B 162 -38.27 -51.16 -25.15
N ASP B 163 -39.35 -50.86 -25.85
CA ASP B 163 -40.49 -50.20 -25.22
C ASP B 163 -41.12 -51.10 -24.17
N ALA B 164 -41.87 -50.48 -23.26
CA ALA B 164 -42.31 -51.19 -22.07
C ALA B 164 -43.25 -52.33 -22.42
N ALA B 165 -44.22 -52.07 -23.30
CA ALA B 165 -45.24 -53.05 -23.61
C ALA B 165 -44.64 -54.33 -24.17
N ALA B 166 -43.64 -54.21 -25.04
CA ALA B 166 -43.08 -55.39 -25.68
C ALA B 166 -42.17 -56.19 -24.76
N LEU B 167 -41.54 -55.54 -23.77
CA LEU B 167 -40.77 -56.30 -22.81
C LEU B 167 -41.68 -56.99 -21.82
N PHE B 168 -42.79 -56.36 -21.45
CA PHE B 168 -43.81 -57.04 -20.67
C PHE B 168 -44.31 -58.29 -21.39
N ARG B 169 -44.77 -58.15 -22.64
CA ARG B 169 -45.22 -59.28 -23.43
C ARG B 169 -44.13 -60.32 -23.61
N LEU B 170 -42.89 -59.89 -23.84
CA LEU B 170 -41.80 -60.86 -23.92
C LEU B 170 -41.60 -61.57 -22.60
N HIS B 171 -41.68 -60.84 -21.49
CA HIS B 171 -41.60 -61.41 -20.15
C HIS B 171 -42.71 -62.42 -19.94
N LYS B 172 -43.95 -62.02 -20.22
CA LYS B 172 -45.09 -62.90 -20.10
C LYS B 172 -44.84 -64.24 -20.78
N PHE B 173 -44.27 -64.22 -21.98
CA PHE B 173 -44.10 -65.43 -22.77
C PHE B 173 -43.01 -66.32 -22.19
N LEU B 174 -41.83 -65.77 -21.94
CA LEU B 174 -40.78 -66.57 -21.30
C LEU B 174 -41.27 -67.15 -19.97
N THR B 175 -42.11 -66.43 -19.23
CA THR B 175 -42.69 -67.00 -18.01
C THR B 175 -43.57 -68.20 -18.33
N LYS B 176 -44.49 -68.04 -19.30
CA LYS B 176 -45.41 -69.11 -19.69
C LYS B 176 -44.68 -70.41 -19.99
N TRP B 177 -43.55 -70.35 -20.66
CA TRP B 177 -42.84 -71.56 -21.04
C TRP B 177 -41.83 -72.01 -20.01
N GLY B 178 -41.71 -71.32 -18.87
CA GLY B 178 -40.82 -71.74 -17.80
C GLY B 178 -39.36 -71.47 -18.04
N LEU B 179 -39.03 -70.43 -18.79
CA LEU B 179 -37.67 -70.12 -19.18
C LEU B 179 -37.05 -68.99 -18.37
N ILE B 180 -37.86 -68.08 -17.85
CA ILE B 180 -37.51 -67.29 -16.68
C ILE B 180 -38.43 -67.70 -15.55
N ASN B 181 -37.93 -67.52 -14.34
CA ASN B 181 -38.69 -67.57 -13.08
C ASN B 181 -39.35 -68.92 -12.82
N TYR B 182 -38.86 -70.00 -13.41
CA TYR B 182 -39.51 -71.29 -13.21
C TYR B 182 -39.16 -71.92 -11.88
N GLN B 183 -38.03 -71.57 -11.28
CA GLN B 183 -37.64 -72.13 -9.98
C GLN B 183 -37.59 -71.10 -8.87
N VAL B 184 -38.25 -69.96 -9.04
CA VAL B 184 -38.29 -68.97 -7.99
C VAL B 184 -38.96 -69.55 -6.76
N PRO C 89 7.24 -34.84 -32.05
CA PRO C 89 6.71 -36.19 -31.77
C PRO C 89 6.91 -37.13 -32.95
N GLN C 90 7.81 -38.10 -32.81
CA GLN C 90 8.11 -39.01 -33.91
C GLN C 90 6.83 -39.65 -34.43
N ALA C 91 6.61 -39.52 -35.73
CA ALA C 91 5.42 -40.08 -36.36
C ALA C 91 5.57 -41.58 -36.59
N HIS C 92 4.51 -42.33 -36.31
CA HIS C 92 4.49 -43.76 -36.54
C HIS C 92 3.79 -44.07 -37.86
N GLU C 93 3.74 -45.36 -38.18
CA GLU C 93 3.31 -45.80 -39.49
C GLU C 93 1.81 -45.57 -39.64
N ILE C 94 1.46 -44.59 -40.45
CA ILE C 94 0.16 -44.42 -41.08
C ILE C 94 -0.20 -45.74 -41.77
N VAL C 95 -1.35 -46.33 -41.42
CA VAL C 95 -1.75 -47.64 -41.97
C VAL C 95 -3.26 -47.69 -42.19
N ILE C 96 -3.69 -47.63 -43.45
CA ILE C 96 -5.10 -47.77 -43.82
C ILE C 96 -5.23 -48.96 -44.76
N PRO C 97 -6.45 -49.46 -44.96
CA PRO C 97 -6.66 -50.55 -45.93
C PRO C 97 -6.64 -50.07 -47.37
N SER C 98 -6.21 -50.98 -48.25
CA SER C 98 -5.88 -50.60 -49.63
C SER C 98 -7.08 -50.06 -50.39
N TYR C 99 -8.30 -50.47 -50.03
CA TYR C 99 -9.43 -49.91 -50.75
C TYR C 99 -9.70 -48.46 -50.40
N SER C 100 -8.78 -47.82 -49.67
CA SER C 100 -8.99 -46.45 -49.23
C SER C 100 -7.82 -45.53 -49.57
N LYS C 101 -6.88 -45.98 -50.39
CA LYS C 101 -5.74 -45.17 -50.79
C LYS C 101 -6.24 -43.92 -51.50
N TRP C 102 -7.54 -43.86 -51.74
CA TRP C 102 -8.19 -42.71 -52.38
C TRP C 102 -8.36 -41.53 -51.44
N PHE C 103 -8.19 -41.74 -50.14
CA PHE C 103 -8.45 -40.68 -49.17
C PHE C 103 -7.34 -39.66 -49.20
N ASN C 104 -7.72 -38.38 -49.23
CA ASN C 104 -6.77 -37.29 -49.26
C ASN C 104 -7.27 -36.18 -48.35
N LEU C 105 -6.46 -35.84 -47.34
CA LEU C 105 -6.90 -34.95 -46.27
C LEU C 105 -7.39 -33.62 -46.81
N GLU C 106 -6.72 -33.10 -47.83
CA GLU C 106 -7.06 -31.77 -48.35
C GLU C 106 -8.05 -31.78 -49.51
N LYS C 107 -8.82 -32.86 -49.68
CA LYS C 107 -9.95 -32.81 -50.60
C LYS C 107 -11.02 -33.81 -50.18
N ILE C 108 -12.21 -33.62 -50.73
CA ILE C 108 -13.38 -34.47 -50.50
C ILE C 108 -13.64 -35.32 -51.75
N HIS C 109 -13.59 -36.64 -51.60
CA HIS C 109 -13.74 -37.59 -52.70
C HIS C 109 -15.21 -37.71 -53.12
N SER C 110 -15.47 -38.65 -54.03
CA SER C 110 -16.84 -38.96 -54.45
C SER C 110 -17.57 -39.82 -53.41
N ILE C 111 -16.90 -40.88 -52.94
CA ILE C 111 -17.49 -41.78 -51.96
C ILE C 111 -18.00 -41.05 -50.73
N GLU C 112 -17.35 -39.95 -50.35
CA GLU C 112 -17.79 -39.22 -49.15
C GLU C 112 -19.05 -38.43 -49.41
N VAL C 113 -19.20 -37.88 -50.62
CA VAL C 113 -20.41 -37.12 -50.90
C VAL C 113 -21.60 -38.04 -51.09
N GLN C 114 -21.35 -39.31 -51.40
CA GLN C 114 -22.45 -40.26 -51.49
C GLN C 114 -22.79 -40.89 -50.15
N SER C 115 -21.78 -41.20 -49.32
CA SER C 115 -22.00 -41.83 -48.03
C SER C 115 -22.54 -40.86 -46.98
N LEU C 116 -22.18 -39.59 -47.03
CA LEU C 116 -22.54 -38.63 -45.99
C LEU C 116 -23.29 -37.46 -46.61
N PRO C 117 -24.38 -37.73 -47.26
CA PRO C 117 -25.11 -36.70 -47.98
C PRO C 117 -25.69 -35.56 -47.17
N GLU C 118 -25.39 -35.42 -45.88
CA GLU C 118 -26.01 -34.33 -45.15
C GLU C 118 -25.21 -33.03 -45.20
N PHE C 119 -23.92 -33.11 -45.49
CA PHE C 119 -23.09 -31.91 -45.62
C PHE C 119 -23.07 -31.34 -47.05
N PHE C 120 -23.77 -31.96 -47.99
CA PHE C 120 -23.58 -31.64 -49.39
C PHE C 120 -24.83 -31.12 -50.09
N THR C 121 -26.01 -31.26 -49.50
CA THR C 121 -27.09 -30.33 -49.81
C THR C 121 -26.53 -28.93 -49.72
N ASN C 122 -27.20 -27.94 -50.29
CA ASN C 122 -26.80 -26.55 -50.11
C ASN C 122 -27.84 -25.78 -49.32
N ARG C 123 -28.47 -26.44 -48.35
CA ARG C 123 -29.64 -25.89 -47.69
C ARG C 123 -29.49 -25.74 -46.18
N ILE C 124 -28.44 -26.28 -45.59
CA ILE C 124 -28.18 -26.19 -44.16
C ILE C 124 -26.87 -25.42 -43.97
N PRO C 125 -26.95 -24.13 -43.62
CA PRO C 125 -25.71 -23.36 -43.49
C PRO C 125 -24.70 -23.95 -42.50
N SER C 126 -25.14 -24.68 -41.47
CA SER C 126 -24.20 -25.24 -40.51
C SER C 126 -23.51 -26.51 -41.01
N LYS C 127 -23.94 -27.09 -42.12
CA LYS C 127 -23.38 -28.35 -42.63
C LYS C 127 -22.98 -28.11 -44.07
N THR C 128 -21.75 -27.63 -44.28
CA THR C 128 -21.22 -27.41 -45.61
C THR C 128 -20.00 -28.31 -45.82
N PRO C 129 -19.27 -28.15 -46.92
CA PRO C 129 -18.04 -28.94 -47.08
C PRO C 129 -16.88 -28.41 -46.24
N GLU C 130 -16.82 -27.09 -46.02
CA GLU C 130 -15.71 -26.57 -45.23
C GLU C 130 -15.76 -27.10 -43.81
N VAL C 131 -16.94 -27.14 -43.20
CA VAL C 131 -17.03 -27.70 -41.87
C VAL C 131 -16.87 -29.22 -41.91
N TYR C 132 -17.39 -29.87 -42.94
CA TYR C 132 -17.14 -31.30 -43.07
C TYR C 132 -15.65 -31.62 -42.95
N MET C 133 -14.79 -30.85 -43.62
CA MET C 133 -13.38 -31.19 -43.66
C MET C 133 -12.74 -31.00 -42.29
N ARG C 134 -13.17 -29.96 -41.59
CA ARG C 134 -12.72 -29.79 -40.22
C ARG C 134 -13.09 -30.98 -39.36
N TYR C 135 -14.40 -31.24 -39.20
CA TYR C 135 -14.82 -32.39 -38.40
C TYR C 135 -14.04 -33.63 -38.79
N ARG C 136 -13.76 -33.78 -40.08
CA ARG C 136 -13.24 -35.04 -40.59
C ARG C 136 -11.73 -35.12 -40.43
N ASN C 137 -11.04 -34.01 -40.64
CA ASN C 137 -9.60 -34.03 -40.45
C ASN C 137 -9.23 -34.08 -38.96
N PHE C 138 -9.98 -33.37 -38.12
CA PHE C 138 -9.73 -33.48 -36.68
C PHE C 138 -9.84 -34.92 -36.20
N MET C 139 -10.87 -35.64 -36.64
CA MET C 139 -11.01 -37.03 -36.20
C MET C 139 -9.86 -37.88 -36.74
N VAL C 140 -9.44 -37.63 -37.97
CA VAL C 140 -8.41 -38.44 -38.62
C VAL C 140 -7.03 -38.04 -38.13
N ASN C 141 -6.75 -36.74 -38.07
CA ASN C 141 -5.45 -36.32 -37.54
C ASN C 141 -5.31 -36.63 -36.06
N SER C 142 -6.42 -36.66 -35.30
CA SER C 142 -6.37 -37.11 -33.93
C SER C 142 -5.98 -38.59 -33.84
N TYR C 143 -6.68 -39.44 -34.57
CA TYR C 143 -6.40 -40.86 -34.42
C TYR C 143 -4.99 -41.22 -34.88
N ARG C 144 -4.43 -40.44 -35.79
CA ARG C 144 -3.08 -40.74 -36.28
C ARG C 144 -1.98 -40.27 -35.34
N LEU C 145 -2.24 -39.27 -34.48
CA LEU C 145 -1.26 -38.94 -33.46
C LEU C 145 -0.92 -40.14 -32.59
N ASN C 146 -1.87 -41.04 -32.37
CA ASN C 146 -1.58 -42.29 -31.67
C ASN C 146 -2.52 -43.37 -32.17
N PRO C 147 -2.12 -44.13 -33.18
CA PRO C 147 -3.05 -45.04 -33.84
C PRO C 147 -3.36 -46.30 -33.06
N ASN C 148 -2.60 -46.62 -32.03
CA ASN C 148 -2.86 -47.81 -31.23
C ASN C 148 -3.94 -47.60 -30.18
N GLU C 149 -4.60 -46.45 -30.21
CA GLU C 149 -5.52 -46.03 -29.17
C GLU C 149 -6.81 -45.55 -29.80
N TYR C 150 -7.92 -46.15 -29.37
CA TYR C 150 -9.23 -45.87 -29.93
C TYR C 150 -9.58 -44.39 -29.82
N PHE C 151 -9.79 -43.75 -30.96
CA PHE C 151 -10.38 -42.42 -31.00
C PHE C 151 -11.89 -42.55 -30.93
N SER C 152 -12.55 -41.64 -30.21
CA SER C 152 -13.92 -41.86 -29.80
C SER C 152 -14.80 -40.68 -30.18
N VAL C 153 -16.12 -40.96 -30.23
CA VAL C 153 -17.11 -39.92 -30.53
C VAL C 153 -17.13 -38.88 -29.43
N THR C 154 -16.94 -39.30 -28.18
CA THR C 154 -16.91 -38.33 -27.09
C THR C 154 -15.76 -37.34 -27.27
N THR C 155 -14.55 -37.82 -27.54
CA THR C 155 -13.51 -36.82 -27.69
C THR C 155 -13.69 -35.96 -28.95
N ALA C 156 -14.59 -36.32 -29.87
CA ALA C 156 -14.88 -35.48 -31.02
C ALA C 156 -15.98 -34.47 -30.73
N ARG C 157 -17.05 -34.87 -30.03
CA ARG C 157 -18.06 -33.88 -29.68
C ARG C 157 -17.64 -32.95 -28.54
N ARG C 158 -16.57 -33.27 -27.82
CA ARG C 158 -15.99 -32.28 -26.91
C ARG C 158 -15.28 -31.17 -27.66
N ASN C 159 -14.41 -31.56 -28.61
CA ASN C 159 -13.57 -30.60 -29.30
C ASN C 159 -14.34 -29.76 -30.32
N VAL C 160 -15.24 -30.36 -31.09
CA VAL C 160 -15.89 -29.65 -32.20
C VAL C 160 -17.38 -29.48 -31.95
N SER C 161 -17.88 -28.29 -32.25
CA SER C 161 -19.31 -27.98 -32.19
C SER C 161 -20.03 -28.50 -33.43
N GLY C 162 -21.26 -28.97 -33.25
CA GLY C 162 -22.06 -29.59 -34.30
C GLY C 162 -22.89 -30.73 -33.75
N ASP C 163 -23.93 -31.10 -34.51
CA ASP C 163 -24.87 -32.15 -34.08
C ASP C 163 -24.13 -33.44 -33.74
N ALA C 164 -24.28 -33.89 -32.51
CA ALA C 164 -23.55 -35.09 -32.09
C ALA C 164 -23.91 -36.28 -32.97
N ALA C 165 -25.16 -36.36 -33.42
CA ALA C 165 -25.57 -37.44 -34.31
C ALA C 165 -24.82 -37.37 -35.63
N ALA C 166 -24.77 -36.17 -36.22
CA ALA C 166 -23.95 -35.95 -37.41
C ALA C 166 -22.51 -36.41 -37.19
N LEU C 167 -21.96 -36.23 -35.98
CA LEU C 167 -20.59 -36.66 -35.69
C LEU C 167 -20.49 -38.14 -35.40
N PHE C 168 -21.52 -38.74 -34.78
CA PHE C 168 -21.60 -40.18 -34.72
C PHE C 168 -21.51 -40.80 -36.12
N ARG C 169 -22.25 -40.25 -37.07
CA ARG C 169 -22.25 -40.82 -38.42
C ARG C 169 -20.92 -40.62 -39.12
N LEU C 170 -20.31 -39.43 -38.99
CA LEU C 170 -19.00 -39.21 -39.61
C LEU C 170 -17.98 -40.18 -39.03
N HIS C 171 -18.02 -40.39 -37.71
CA HIS C 171 -17.13 -41.34 -37.05
C HIS C 171 -17.31 -42.76 -37.61
N LYS C 172 -18.55 -43.17 -37.90
CA LYS C 172 -18.76 -44.54 -38.36
C LYS C 172 -18.41 -44.70 -39.84
N PHE C 173 -18.65 -43.68 -40.66
CA PHE C 173 -18.14 -43.71 -42.03
C PHE C 173 -16.64 -43.99 -42.02
N LEU C 174 -15.88 -43.15 -41.31
CA LEU C 174 -14.42 -43.26 -41.28
C LEU C 174 -13.97 -44.59 -40.69
N THR C 175 -14.72 -45.15 -39.75
CA THR C 175 -14.43 -46.49 -39.26
C THR C 175 -14.62 -47.56 -40.33
N LYS C 176 -15.71 -47.47 -41.11
CA LYS C 176 -15.96 -48.42 -42.19
C LYS C 176 -14.77 -48.51 -43.12
N TRP C 177 -14.30 -47.36 -43.56
CA TRP C 177 -13.18 -47.26 -44.48
C TRP C 177 -11.82 -47.41 -43.81
N GLY C 178 -11.79 -47.74 -42.52
CA GLY C 178 -10.54 -47.95 -41.82
C GLY C 178 -9.65 -46.73 -41.76
N LEU C 179 -10.21 -45.56 -42.02
CA LEU C 179 -9.45 -44.34 -41.89
C LEU C 179 -9.34 -43.91 -40.43
N ILE C 180 -10.25 -44.39 -39.59
CA ILE C 180 -10.22 -44.26 -38.14
C ILE C 180 -10.01 -45.64 -37.57
N ASN C 181 -9.28 -45.69 -36.46
CA ASN C 181 -9.31 -46.80 -35.53
C ASN C 181 -8.96 -48.13 -36.15
N TYR C 182 -8.20 -48.09 -37.24
CA TYR C 182 -7.91 -49.30 -37.97
C TYR C 182 -6.94 -50.22 -37.23
N GLN C 183 -6.16 -49.69 -36.30
CA GLN C 183 -5.07 -50.46 -35.68
C GLN C 183 -5.27 -50.70 -34.20
N VAL C 184 -6.44 -50.35 -33.64
CA VAL C 184 -6.56 -50.14 -32.20
C VAL C 184 -6.08 -51.33 -31.37
N ASP C 185 -6.07 -52.53 -31.92
CA ASP C 185 -5.50 -53.64 -31.17
C ASP C 185 -6.18 -53.83 -29.81
N GLU D 2 9.96 -13.52 3.33
CA GLU D 2 9.58 -14.21 2.09
C GLU D 2 8.15 -13.91 1.66
N GLN D 3 7.99 -13.08 0.64
CA GLN D 3 6.68 -12.85 0.04
C GLN D 3 6.74 -13.27 -1.43
N LEU D 4 6.13 -14.41 -1.74
CA LEU D 4 6.27 -15.05 -3.04
C LEU D 4 5.38 -14.36 -4.07
N VAL D 5 6.00 -13.72 -5.05
CA VAL D 5 5.24 -13.20 -6.19
C VAL D 5 4.93 -14.36 -7.14
N PRO D 6 3.70 -14.48 -7.63
CA PRO D 6 3.42 -15.40 -8.74
C PRO D 6 3.73 -14.69 -10.05
N ILE D 7 4.68 -15.23 -10.79
CA ILE D 7 5.12 -14.68 -12.06
C ILE D 7 4.49 -15.47 -13.19
N ARG D 8 4.04 -14.77 -14.23
CA ARG D 8 3.55 -15.39 -15.46
C ARG D 8 4.24 -14.75 -16.65
N LEU D 9 4.97 -15.54 -17.41
CA LEU D 9 5.58 -15.09 -18.66
C LEU D 9 4.76 -15.59 -19.85
N GLU D 10 4.41 -14.68 -20.75
CA GLU D 10 3.43 -15.00 -21.79
C GLU D 10 3.82 -14.20 -23.04
N PHE D 11 4.67 -14.78 -23.88
CA PHE D 11 5.19 -14.10 -25.06
C PHE D 11 4.85 -14.88 -26.33
N ASP D 12 4.60 -14.15 -27.42
CA ASP D 12 4.08 -14.73 -28.65
C ASP D 12 4.99 -14.40 -29.83
N GLN D 13 4.90 -15.24 -30.87
CA GLN D 13 5.81 -15.16 -32.00
C GLN D 13 5.48 -13.99 -32.94
N ASP D 14 4.22 -13.60 -33.01
CA ASP D 14 3.87 -12.47 -33.88
C ASP D 14 4.16 -11.15 -33.21
N ARG D 15 3.49 -10.86 -32.08
CA ARG D 15 3.63 -9.54 -31.45
C ARG D 15 4.95 -9.36 -30.72
N ASP D 16 5.65 -10.44 -30.40
CA ASP D 16 6.88 -10.35 -29.61
C ASP D 16 8.11 -10.91 -30.29
N ARG D 17 7.96 -11.67 -31.38
CA ARG D 17 9.07 -12.20 -32.17
C ARG D 17 9.80 -13.34 -31.46
N PHE D 18 9.09 -14.06 -30.59
CA PHE D 18 9.59 -15.27 -29.94
C PHE D 18 8.47 -15.81 -29.10
N PHE D 19 8.61 -17.06 -28.67
CA PHE D 19 7.54 -17.77 -27.96
C PHE D 19 8.03 -18.28 -26.61
N LEU D 20 7.31 -17.92 -25.55
CA LEU D 20 7.63 -18.37 -24.20
C LEU D 20 6.34 -18.43 -23.38
N ARG D 21 6.22 -19.49 -22.57
CA ARG D 21 5.09 -19.67 -21.67
C ARG D 21 5.62 -20.29 -20.37
N ASP D 22 5.40 -19.61 -19.24
CA ASP D 22 5.96 -20.08 -17.98
C ASP D 22 5.30 -19.37 -16.81
N THR D 23 5.12 -20.12 -15.72
CA THR D 23 4.75 -19.56 -14.42
C THR D 23 5.74 -20.04 -13.37
N LEU D 24 6.17 -19.14 -12.49
CA LEU D 24 7.00 -19.52 -11.36
C LEU D 24 6.67 -18.63 -10.16
N LEU D 25 7.08 -19.09 -8.98
CA LEU D 25 6.99 -18.30 -7.75
C LEU D 25 8.34 -17.64 -7.49
N TRP D 26 8.34 -16.33 -7.25
CA TRP D 26 9.57 -15.60 -7.00
C TRP D 26 9.51 -14.88 -5.67
N ASN D 27 10.41 -15.23 -4.75
CA ASN D 27 10.55 -14.56 -3.45
C ASN D 27 11.11 -13.16 -3.65
N LYS D 28 10.23 -12.16 -3.57
CA LYS D 28 10.60 -10.77 -3.79
C LYS D 28 11.77 -10.33 -2.93
N ASN D 29 11.87 -10.88 -1.72
CA ASN D 29 12.94 -10.50 -0.79
C ASN D 29 14.23 -11.27 -1.02
N ASP D 30 14.34 -12.08 -2.06
CA ASP D 30 15.58 -12.82 -2.29
C ASP D 30 16.70 -11.86 -2.66
N LYS D 31 17.87 -12.09 -2.08
CA LYS D 31 18.98 -11.16 -2.22
C LYS D 31 20.24 -11.82 -2.78
N LEU D 32 20.17 -13.09 -3.14
CA LEU D 32 21.36 -13.83 -3.53
C LEU D 32 21.48 -14.11 -5.02
N ILE D 33 20.39 -14.04 -5.79
CA ILE D 33 20.37 -14.55 -7.16
C ILE D 33 19.83 -13.46 -8.08
N LYS D 34 20.65 -13.05 -9.03
CA LYS D 34 20.24 -12.02 -9.97
C LYS D 34 19.20 -12.59 -10.93
N ILE D 35 18.15 -11.81 -11.16
CA ILE D 35 17.13 -12.19 -12.14
C ILE D 35 17.79 -12.65 -13.42
N GLU D 36 18.72 -11.84 -13.93
CA GLU D 36 19.32 -12.12 -15.23
C GLU D 36 20.15 -13.40 -15.22
N ASP D 37 20.76 -13.76 -14.10
CA ASP D 37 21.35 -15.10 -14.00
C ASP D 37 20.27 -16.16 -13.99
N PHE D 38 19.04 -15.78 -13.69
CA PHE D 38 17.98 -16.78 -13.66
C PHE D 38 17.38 -16.95 -15.05
N VAL D 39 16.87 -15.86 -15.65
CA VAL D 39 16.25 -15.96 -16.96
C VAL D 39 17.20 -16.65 -17.93
N ASP D 40 18.38 -16.07 -18.11
CA ASP D 40 19.36 -16.65 -19.01
C ASP D 40 19.46 -18.16 -18.84
N ASP D 41 19.42 -18.64 -17.61
CA ASP D 41 19.51 -20.08 -17.44
C ASP D 41 18.23 -20.76 -17.92
N MET D 42 17.07 -20.11 -17.69
CA MET D 42 15.80 -20.70 -18.11
C MET D 42 15.70 -20.78 -19.63
N LEU D 43 16.08 -19.71 -20.32
CA LEU D 43 16.09 -19.70 -21.78
C LEU D 43 16.98 -20.80 -22.32
N ARG D 44 18.05 -21.17 -21.62
CA ARG D 44 18.87 -22.29 -22.07
C ARG D 44 18.12 -23.61 -21.91
N ASP D 45 17.27 -23.71 -20.88
CA ASP D 45 16.45 -24.90 -20.70
C ASP D 45 15.48 -25.09 -21.85
N TYR D 46 14.88 -24.01 -22.34
CA TYR D 46 13.96 -24.05 -23.46
C TYR D 46 14.67 -24.13 -24.81
N ARG D 47 15.97 -24.39 -24.82
CA ARG D 47 16.73 -24.59 -26.05
C ARG D 47 16.81 -23.32 -26.89
N PHE D 48 16.53 -22.16 -26.30
CA PHE D 48 16.67 -20.93 -27.07
C PHE D 48 18.05 -20.84 -27.68
N GLU D 49 18.12 -20.72 -29.01
CA GLU D 49 19.40 -20.52 -29.65
C GLU D 49 19.96 -19.16 -29.25
N ASP D 50 21.28 -19.07 -29.24
CA ASP D 50 21.97 -17.93 -28.63
C ASP D 50 21.44 -16.60 -29.16
N ALA D 51 21.35 -16.44 -30.48
CA ALA D 51 20.99 -15.14 -31.02
C ALA D 51 19.66 -14.63 -30.47
N THR D 52 18.70 -15.52 -30.24
CA THR D 52 17.36 -15.13 -29.80
C THR D 52 17.26 -14.93 -28.29
N ARG D 53 18.16 -15.53 -27.52
CA ARG D 53 18.23 -15.25 -26.09
C ARG D 53 18.86 -13.90 -25.80
N GLU D 54 20.03 -13.63 -26.39
CA GLU D 54 20.67 -12.33 -26.20
C GLU D 54 19.80 -11.19 -26.70
N GLN D 55 18.90 -11.46 -27.65
CA GLN D 55 18.05 -10.41 -28.19
C GLN D 55 16.84 -10.14 -27.33
N HIS D 56 16.35 -11.16 -26.63
CA HIS D 56 15.11 -11.04 -25.88
C HIS D 56 15.25 -11.15 -24.37
N ILE D 57 16.44 -11.49 -23.84
CA ILE D 57 16.59 -11.68 -22.40
C ILE D 57 16.23 -10.43 -21.62
N ASP D 58 16.29 -9.25 -22.23
CA ASP D 58 15.98 -8.05 -21.48
C ASP D 58 14.47 -7.82 -21.39
N THR D 59 13.74 -8.10 -22.46
CA THR D 59 12.29 -7.97 -22.41
C THR D 59 11.66 -9.02 -21.51
N ILE D 60 12.41 -10.06 -21.17
CA ILE D 60 11.93 -11.05 -20.19
C ILE D 60 12.26 -10.61 -18.78
N CYS D 61 13.43 -10.00 -18.59
CA CYS D 61 13.80 -9.45 -17.29
C CYS D 61 12.94 -8.25 -16.94
N GLN D 62 12.80 -7.32 -17.87
CA GLN D 62 11.92 -6.18 -17.64
C GLN D 62 10.55 -6.66 -17.20
N SER D 63 10.02 -7.71 -17.84
CA SER D 63 8.72 -8.24 -17.47
C SER D 63 8.71 -8.79 -16.05
N ILE D 64 9.66 -9.67 -15.72
CA ILE D 64 9.71 -10.20 -14.37
C ILE D 64 9.89 -9.09 -13.36
N GLN D 65 10.58 -8.01 -13.73
CA GLN D 65 10.81 -6.91 -12.82
C GLN D 65 9.56 -6.07 -12.66
N GLU D 66 8.89 -5.73 -13.76
CA GLU D 66 7.65 -4.99 -13.64
C GLU D 66 6.65 -5.73 -12.75
N GLN D 67 6.65 -7.07 -12.81
CA GLN D 67 5.68 -7.83 -12.06
C GLN D 67 5.98 -7.81 -10.57
N ILE D 68 7.23 -7.95 -10.18
CA ILE D 68 7.53 -7.98 -8.75
C ILE D 68 7.26 -6.62 -8.11
N GLN D 69 7.48 -5.53 -8.83
CA GLN D 69 7.35 -4.22 -8.24
C GLN D 69 5.95 -3.99 -7.70
N GLU D 70 4.96 -4.30 -8.51
CA GLU D 70 3.58 -4.05 -8.13
C GLU D 70 2.94 -5.22 -7.39
N PHE D 71 3.71 -6.20 -6.94
CA PHE D 71 3.16 -7.24 -6.09
C PHE D 71 2.74 -6.64 -4.76
N GLN D 72 1.48 -6.88 -4.38
CA GLN D 72 0.98 -6.34 -3.13
C GLN D 72 1.78 -6.86 -1.93
N GLY D 73 1.92 -8.18 -1.82
CA GLY D 73 2.20 -8.81 -0.55
C GLY D 73 0.84 -9.11 0.07
N ASN D 74 0.72 -10.10 0.92
CA ASN D 74 -0.60 -10.43 1.44
C ASN D 74 -1.09 -9.37 2.43
N PRO D 75 -2.06 -8.52 2.09
CA PRO D 75 -2.36 -7.37 2.96
C PRO D 75 -2.72 -7.73 4.38
N TYR D 76 -3.26 -8.93 4.61
CA TYR D 76 -3.64 -9.28 5.97
C TYR D 76 -2.44 -9.58 6.85
N ILE D 77 -1.23 -9.48 6.30
CA ILE D 77 0.00 -9.52 7.09
C ILE D 77 0.68 -8.16 7.10
N GLU D 78 0.92 -7.60 5.92
CA GLU D 78 1.66 -6.35 5.76
C GLU D 78 0.97 -5.17 6.42
N LEU D 79 -0.17 -5.36 7.08
CA LEU D 79 -0.87 -4.28 7.75
C LEU D 79 -1.36 -4.70 9.13
N ASN D 80 -0.88 -5.84 9.63
CA ASN D 80 -1.31 -6.37 10.92
C ASN D 80 -2.83 -6.39 11.04
N GLN D 81 -3.46 -7.06 10.08
CA GLN D 81 -4.91 -7.16 9.97
C GLN D 81 -5.35 -8.61 9.93
N ASP D 82 -4.83 -9.43 10.84
CA ASP D 82 -5.11 -10.86 10.86
C ASP D 82 -6.05 -11.17 12.01
N ARG D 83 -7.34 -11.22 11.72
CA ARG D 83 -8.34 -11.73 12.65
C ARG D 83 -8.51 -13.22 12.42
N LEU D 84 -8.45 -13.99 13.50
CA LEU D 84 -8.59 -15.44 13.41
C LEU D 84 -9.80 -15.82 12.56
N GLY D 85 -9.58 -16.72 11.60
CA GLY D 85 -10.63 -17.26 10.77
C GLY D 85 -11.04 -16.42 9.58
N GLY D 86 -10.39 -15.29 9.33
CA GLY D 86 -10.68 -14.47 8.17
C GLY D 86 -11.93 -13.62 8.33
N ASP D 87 -12.11 -12.71 7.37
CA ASP D 87 -13.34 -11.96 7.21
C ASP D 87 -14.36 -12.69 6.36
N ASP D 88 -14.12 -13.96 6.05
CA ASP D 88 -14.90 -14.69 5.05
C ASP D 88 -15.13 -13.88 3.78
N LEU D 89 -14.05 -13.75 3.01
CA LEU D 89 -14.05 -13.13 1.68
C LEU D 89 -13.63 -14.20 0.66
N ARG D 90 -14.58 -14.99 0.20
CA ARG D 90 -14.31 -16.15 -0.65
C ARG D 90 -14.49 -15.78 -2.11
N ILE D 91 -13.52 -16.15 -2.94
CA ILE D 91 -13.65 -16.03 -4.38
C ILE D 91 -13.69 -17.42 -4.97
N ARG D 92 -13.92 -17.48 -6.27
CA ARG D 92 -13.86 -18.75 -6.99
C ARG D 92 -12.47 -18.94 -7.55
N ILE D 93 -11.82 -20.05 -7.20
CA ILE D 93 -10.55 -20.41 -7.81
C ILE D 93 -10.85 -21.38 -8.95
N LYS D 94 -10.70 -20.91 -10.19
CA LYS D 94 -10.89 -21.74 -11.38
C LYS D 94 -9.56 -22.35 -11.80
N LEU D 95 -9.46 -23.68 -11.73
CA LEU D 95 -8.30 -24.39 -12.23
C LEU D 95 -8.55 -24.82 -13.68
N ASP D 96 -7.53 -24.63 -14.53
CA ASP D 96 -7.53 -25.15 -15.90
C ASP D 96 -6.07 -25.32 -16.34
N ILE D 97 -5.52 -26.51 -16.09
CA ILE D 97 -4.09 -26.74 -16.17
C ILE D 97 -3.83 -27.97 -17.03
N VAL D 98 -2.85 -27.85 -17.92
CA VAL D 98 -2.39 -28.96 -18.73
C VAL D 98 -0.96 -29.28 -18.32
N VAL D 99 -0.70 -30.56 -18.06
CA VAL D 99 0.62 -31.07 -17.74
C VAL D 99 0.79 -32.33 -18.57
N GLY D 100 1.46 -32.23 -19.71
CA GLY D 100 1.61 -33.36 -20.59
C GLY D 100 0.31 -33.73 -21.28
N GLN D 101 -0.17 -34.94 -21.03
CA GLN D 101 -1.46 -35.38 -21.56
C GLN D 101 -2.62 -35.03 -20.64
N ASN D 102 -2.38 -34.91 -19.34
CA ASN D 102 -3.46 -34.67 -18.39
C ASN D 102 -3.85 -33.21 -18.44
N GLN D 103 -5.13 -32.95 -18.28
CA GLN D 103 -5.67 -31.60 -18.16
C GLN D 103 -6.66 -31.62 -17.01
N LEU D 104 -6.42 -30.80 -15.99
CA LEU D 104 -7.30 -30.78 -14.83
C LEU D 104 -8.19 -29.56 -14.94
N ILE D 105 -9.50 -29.79 -14.88
CA ILE D 105 -10.50 -28.72 -14.85
C ILE D 105 -11.18 -28.82 -13.50
N ASP D 106 -11.27 -27.69 -12.79
CA ASP D 106 -11.75 -27.75 -11.42
C ASP D 106 -12.24 -26.39 -10.96
N GLN D 107 -12.84 -26.35 -9.78
CA GLN D 107 -13.26 -25.09 -9.21
C GLN D 107 -13.52 -25.29 -7.72
N PHE D 108 -12.92 -24.43 -6.89
CA PHE D 108 -13.18 -24.49 -5.45
C PHE D 108 -13.18 -23.08 -4.87
N GLU D 109 -13.89 -22.94 -3.75
CA GLU D 109 -13.94 -21.66 -3.06
C GLU D 109 -12.72 -21.46 -2.18
N TRP D 110 -12.18 -20.24 -2.19
CA TRP D 110 -11.01 -19.90 -1.40
C TRP D 110 -11.21 -18.55 -0.74
N ASP D 111 -10.92 -18.48 0.56
CA ASP D 111 -11.00 -17.26 1.36
C ASP D 111 -9.74 -16.44 1.16
N ILE D 112 -9.84 -15.34 0.42
CA ILE D 112 -8.67 -14.51 0.15
C ILE D 112 -8.14 -13.83 1.40
N SER D 113 -8.87 -13.89 2.51
CA SER D 113 -8.59 -13.06 3.67
C SER D 113 -8.36 -13.87 4.93
N ASN D 114 -8.02 -15.15 4.80
CA ASN D 114 -7.59 -15.96 5.93
C ASN D 114 -6.18 -16.44 5.60
N SER D 115 -5.18 -15.68 6.06
CA SER D 115 -3.78 -15.91 5.72
C SER D 115 -3.21 -17.19 6.32
N ASP D 116 -3.95 -17.89 7.17
CA ASP D 116 -3.62 -19.27 7.52
C ASP D 116 -3.82 -20.24 6.36
N ASN D 117 -4.51 -19.83 5.29
CA ASN D 117 -4.83 -20.69 4.15
C ASN D 117 -3.57 -20.97 3.34
N CYS D 118 -3.04 -22.17 3.44
CA CYS D 118 -1.78 -22.51 2.79
C CYS D 118 -2.02 -23.09 1.40
N PRO D 119 -1.68 -22.37 0.33
CA PRO D 119 -1.90 -22.94 -1.01
C PRO D 119 -1.08 -24.19 -1.29
N GLU D 120 0.22 -24.19 -0.99
CA GLU D 120 1.05 -25.34 -1.30
C GLU D 120 0.53 -26.61 -0.67
N GLU D 121 -0.08 -26.50 0.51
CA GLU D 121 -0.43 -27.69 1.25
C GLU D 121 -1.76 -28.27 0.76
N PHE D 122 -2.65 -27.40 0.27
CA PHE D 122 -3.88 -27.83 -0.36
C PHE D 122 -3.57 -28.53 -1.68
N ALA D 123 -2.89 -27.81 -2.59
CA ALA D 123 -2.22 -28.37 -3.76
C ALA D 123 -1.66 -29.75 -3.51
N GLU D 124 -0.76 -29.90 -2.55
CA GLU D 124 -0.23 -31.24 -2.30
C GLU D 124 -1.32 -32.20 -1.83
N SER D 125 -2.47 -31.70 -1.39
CA SER D 125 -3.50 -32.65 -1.02
C SER D 125 -4.25 -33.11 -2.26
N MET D 126 -4.55 -32.20 -3.17
CA MET D 126 -5.21 -32.55 -4.40
C MET D 126 -4.42 -33.61 -5.17
N CYS D 127 -3.10 -33.49 -5.22
CA CYS D 127 -2.33 -34.46 -5.99
C CYS D 127 -2.33 -35.84 -5.34
N GLN D 128 -2.63 -35.95 -4.07
CA GLN D 128 -2.67 -37.26 -3.45
C GLN D 128 -4.05 -37.89 -3.54
N GLU D 129 -5.11 -37.08 -3.50
CA GLU D 129 -6.44 -37.64 -3.61
C GLU D 129 -6.79 -37.95 -5.06
N LEU D 130 -6.43 -37.08 -5.98
CA LEU D 130 -6.72 -37.22 -7.40
C LEU D 130 -5.61 -37.95 -8.16
N GLU D 131 -4.60 -38.44 -7.46
CA GLU D 131 -3.45 -39.12 -8.05
C GLU D 131 -2.93 -38.40 -9.30
N LEU D 132 -2.63 -37.11 -9.14
CA LEU D 132 -2.10 -36.32 -10.22
C LEU D 132 -0.59 -36.50 -10.36
N PRO D 133 -0.05 -36.45 -11.57
CA PRO D 133 1.41 -36.34 -11.72
C PRO D 133 1.97 -35.21 -10.89
N GLY D 134 3.11 -35.48 -10.26
CA GLY D 134 3.63 -34.56 -9.26
C GLY D 134 3.67 -33.12 -9.71
N GLU D 135 3.82 -32.90 -11.01
CA GLU D 135 3.97 -31.55 -11.54
C GLU D 135 2.75 -30.67 -11.32
N PHE D 136 1.62 -31.24 -10.91
CA PHE D 136 0.44 -30.40 -10.72
C PHE D 136 0.55 -29.57 -9.46
N VAL D 137 1.33 -30.04 -8.49
CA VAL D 137 1.39 -29.37 -7.20
C VAL D 137 1.79 -27.91 -7.37
N THR D 138 2.86 -27.65 -8.14
CA THR D 138 3.27 -26.26 -8.34
C THR D 138 2.27 -25.49 -9.18
N ALA D 139 1.59 -26.16 -10.11
CA ALA D 139 0.62 -25.45 -10.97
C ALA D 139 -0.65 -25.10 -10.22
N ILE D 140 -1.16 -26.02 -9.40
CA ILE D 140 -2.32 -25.69 -8.60
C ILE D 140 -1.98 -24.56 -7.61
N ALA D 141 -0.93 -24.74 -6.81
CA ALA D 141 -0.52 -23.72 -5.85
C ALA D 141 -0.27 -22.37 -6.52
N HIS D 142 0.37 -22.37 -7.69
CA HIS D 142 0.58 -21.10 -8.38
C HIS D 142 -0.73 -20.47 -8.82
N SER D 143 -1.74 -21.28 -9.11
CA SER D 143 -2.98 -20.74 -9.63
C SER D 143 -3.84 -20.19 -8.52
N ILE D 144 -3.81 -20.81 -7.35
CA ILE D 144 -4.41 -20.20 -6.14
C ILE D 144 -3.77 -18.84 -5.86
N ARG D 145 -2.45 -18.79 -5.67
CA ARG D 145 -1.79 -17.53 -5.37
C ARG D 145 -2.04 -16.48 -6.44
N GLU D 146 -1.93 -16.85 -7.71
CA GLU D 146 -2.18 -15.89 -8.78
C GLU D 146 -3.57 -15.28 -8.66
N GLN D 147 -4.58 -16.10 -8.44
CA GLN D 147 -5.95 -15.60 -8.41
C GLN D 147 -6.25 -14.85 -7.13
N VAL D 148 -5.73 -15.30 -5.99
CA VAL D 148 -5.89 -14.51 -4.78
C VAL D 148 -5.24 -13.14 -4.93
N HIS D 149 -4.11 -13.06 -5.63
CA HIS D 149 -3.46 -11.77 -5.75
C HIS D 149 -4.29 -10.78 -6.56
N MET D 150 -4.91 -11.23 -7.64
CA MET D 150 -5.71 -10.32 -8.45
C MET D 150 -6.71 -9.55 -7.60
N TYR D 151 -7.20 -10.17 -6.52
CA TYR D 151 -8.15 -9.56 -5.61
C TYR D 151 -7.46 -8.73 -4.53
N HIS D 152 -6.48 -9.32 -3.85
CA HIS D 152 -5.64 -8.53 -2.95
C HIS D 152 -5.13 -7.26 -3.61
N LYS D 153 -5.10 -7.20 -4.94
CA LYS D 153 -4.60 -6.00 -5.59
C LYS D 153 -5.70 -5.10 -6.11
N SER D 154 -6.85 -5.64 -6.52
CA SER D 154 -7.93 -4.77 -6.94
C SER D 154 -8.58 -4.08 -5.75
N LEU D 155 -8.68 -4.79 -4.62
CA LEU D 155 -9.01 -4.13 -3.38
C LEU D 155 -8.02 -3.01 -3.10
N ALA D 156 -6.75 -3.38 -2.88
CA ALA D 156 -5.74 -2.42 -2.43
C ALA D 156 -5.78 -1.13 -3.23
N LEU D 157 -5.99 -1.23 -4.54
CA LEU D 157 -6.08 -0.03 -5.37
C LEU D 157 -7.45 0.62 -5.30
N LEU D 158 -8.28 0.21 -4.35
CA LEU D 158 -9.57 0.84 -4.08
C LEU D 158 -9.67 1.24 -2.62
N GLY D 159 -8.54 1.48 -1.97
CA GLY D 159 -8.53 1.97 -0.62
C GLY D 159 -9.16 1.03 0.39
N TYR D 160 -9.39 -0.21 0.02
CA TYR D 160 -9.91 -1.16 0.99
C TYR D 160 -8.84 -1.41 2.03
N ASN D 161 -9.07 -0.98 3.25
CA ASN D 161 -8.08 -1.09 4.31
C ASN D 161 -7.95 -2.50 4.86
N PHE D 162 -8.64 -3.47 4.28
CA PHE D 162 -8.54 -4.87 4.68
C PHE D 162 -8.84 -5.04 6.17
N ASP D 163 -9.80 -4.24 6.64
CA ASP D 163 -10.21 -4.18 8.03
C ASP D 163 -11.48 -4.99 8.31
N GLY D 164 -11.99 -5.71 7.32
CA GLY D 164 -13.23 -6.44 7.47
C GLY D 164 -14.46 -5.66 7.06
N SER D 165 -14.30 -4.36 6.81
CA SER D 165 -15.43 -3.56 6.37
C SER D 165 -16.01 -4.14 5.10
N ALA D 166 -17.33 -4.13 5.02
CA ALA D 166 -18.00 -4.55 3.79
C ALA D 166 -17.28 -3.95 2.61
N ILE D 167 -17.27 -4.65 1.48
CA ILE D 167 -16.59 -4.16 0.28
C ILE D 167 -17.48 -3.12 -0.37
N GLU D 168 -16.91 -1.98 -0.71
CA GLU D 168 -17.71 -0.86 -1.18
C GLU D 168 -18.05 -1.02 -2.66
N ASP D 169 -17.04 -1.25 -3.50
CA ASP D 169 -17.25 -1.25 -4.94
C ASP D 169 -18.06 -2.46 -5.39
N ASP D 170 -18.80 -2.28 -6.48
CA ASP D 170 -19.87 -3.19 -6.84
C ASP D 170 -19.40 -4.37 -7.67
N ASP D 171 -18.21 -4.31 -8.26
CA ASP D 171 -17.71 -5.47 -9.00
C ASP D 171 -17.03 -6.45 -8.06
N ILE D 172 -15.93 -6.03 -7.44
CA ILE D 172 -15.25 -6.91 -6.51
C ILE D 172 -16.18 -7.44 -5.43
N ARG D 173 -17.34 -6.81 -5.22
CA ARG D 173 -18.34 -7.40 -4.33
C ARG D 173 -19.20 -8.43 -5.04
N SER D 174 -19.56 -8.18 -6.31
CA SER D 174 -20.38 -9.09 -7.07
C SER D 174 -19.67 -10.38 -7.42
N ARG D 175 -18.38 -10.50 -7.13
CA ARG D 175 -17.66 -11.73 -7.40
C ARG D 175 -17.21 -12.45 -6.14
N MET D 176 -17.52 -11.92 -4.96
CA MET D 176 -17.23 -12.62 -3.73
C MET D 176 -18.43 -13.49 -3.36
N LEU D 177 -18.19 -14.77 -3.14
CA LEU D 177 -19.26 -15.73 -2.97
C LEU D 177 -20.18 -15.30 -1.84
N PRO D 178 -21.49 -15.50 -1.98
CA PRO D 178 -22.44 -14.97 -1.01
C PRO D 178 -22.29 -15.62 0.35
N THR D 179 -22.96 -15.04 1.35
CA THR D 179 -22.90 -15.55 2.71
C THR D 179 -23.54 -16.93 2.79
N ILE D 180 -22.87 -17.84 3.47
CA ILE D 180 -23.36 -19.20 3.66
C ILE D 180 -24.24 -19.24 4.90
N THR D 181 -25.56 -19.36 4.72
CA THR D 181 -26.44 -19.70 5.83
C THR D 181 -26.46 -21.21 6.01
N LEU D 182 -27.22 -21.71 6.98
CA LEU D 182 -27.26 -23.14 7.18
C LEU D 182 -27.85 -23.85 5.97
N ASP D 183 -28.76 -23.19 5.26
CA ASP D 183 -29.44 -23.84 4.14
C ASP D 183 -28.57 -23.89 2.90
N ASP D 184 -27.50 -23.10 2.84
CA ASP D 184 -26.59 -23.07 1.72
C ASP D 184 -25.44 -24.06 1.87
N VAL D 185 -25.28 -24.65 3.05
CA VAL D 185 -24.18 -25.58 3.28
C VAL D 185 -24.23 -26.72 2.26
N TYR D 186 -25.40 -27.35 2.12
CA TYR D 186 -25.59 -28.36 1.07
C TYR D 186 -25.66 -27.68 -0.30
N ARG D 187 -25.15 -28.37 -1.28
CA ARG D 187 -24.93 -27.77 -2.59
C ARG D 187 -26.04 -28.12 -3.57
N PRO D 188 -26.68 -27.13 -4.18
CA PRO D 188 -27.57 -27.41 -5.30
C PRO D 188 -26.85 -28.18 -6.42
N ALA D 189 -27.59 -29.09 -7.07
CA ALA D 189 -26.97 -29.94 -8.07
C ALA D 189 -26.41 -29.15 -9.24
N ALA D 190 -26.94 -27.96 -9.49
CA ALA D 190 -26.39 -27.13 -10.55
C ALA D 190 -25.03 -26.57 -10.20
N GLU D 191 -24.64 -26.67 -8.94
CA GLU D 191 -23.36 -26.17 -8.44
C GLU D 191 -22.35 -27.30 -8.20
N SER D 192 -22.76 -28.44 -7.64
CA SER D 192 -21.78 -29.49 -7.41
C SER D 192 -21.13 -29.96 -8.70
N LYS D 193 -21.88 -30.01 -9.81
CA LYS D 193 -21.29 -30.47 -11.07
C LYS D 193 -20.19 -29.53 -11.54
N ILE D 194 -20.29 -28.24 -11.25
CA ILE D 194 -19.21 -27.31 -11.59
C ILE D 194 -18.15 -27.18 -10.49
N PHE D 195 -18.47 -27.50 -9.25
CA PHE D 195 -17.53 -27.38 -8.12
C PHE D 195 -16.87 -28.71 -7.78
N THR D 196 -16.29 -29.38 -8.76
CA THR D 196 -15.71 -30.70 -8.56
C THR D 196 -14.65 -30.91 -9.64
N PRO D 197 -13.67 -31.75 -9.39
CA PRO D 197 -12.58 -31.93 -10.36
C PRO D 197 -12.90 -32.94 -11.46
N ASN D 198 -12.43 -32.63 -12.67
CA ASN D 198 -12.51 -33.51 -13.84
C ASN D 198 -11.14 -33.52 -14.50
N LEU D 199 -10.56 -34.70 -14.65
CA LEU D 199 -9.25 -34.91 -15.27
C LEU D 199 -9.44 -35.64 -16.61
N LEU D 200 -9.25 -34.95 -17.74
CA LEU D 200 -9.41 -35.55 -19.05
C LEU D 200 -8.07 -35.70 -19.77
N GLN D 201 -7.83 -36.87 -20.33
CA GLN D 201 -6.60 -37.09 -21.11
C GLN D 201 -6.80 -36.58 -22.54
N ILE D 202 -6.05 -35.56 -22.93
CA ILE D 202 -6.17 -34.91 -24.21
C ILE D 202 -4.96 -35.27 -25.05
N SER D 203 -4.97 -34.84 -26.31
CA SER D 203 -3.93 -35.18 -27.26
C SER D 203 -3.37 -33.91 -27.91
N ALA D 204 -2.27 -34.08 -28.63
CA ALA D 204 -1.61 -32.93 -29.25
C ALA D 204 -2.59 -32.09 -30.06
N ALA D 205 -3.44 -32.74 -30.86
CA ALA D 205 -4.37 -32.00 -31.71
C ALA D 205 -5.42 -31.25 -30.90
N GLU D 206 -5.77 -31.78 -29.74
CA GLU D 206 -6.66 -31.06 -28.83
C GLU D 206 -5.93 -29.95 -28.09
N LEU D 207 -4.74 -30.24 -27.60
CA LEU D 207 -3.94 -29.19 -26.98
C LEU D 207 -3.90 -27.97 -27.90
N GLU D 208 -3.80 -28.21 -29.21
CA GLU D 208 -3.66 -27.14 -30.18
C GLU D 208 -4.96 -26.39 -30.40
N ARG D 209 -6.11 -27.03 -30.17
CA ARG D 209 -7.36 -26.30 -30.16
C ARG D 209 -7.44 -25.36 -28.95
N LEU D 210 -7.00 -25.84 -27.78
CA LEU D 210 -7.06 -25.03 -26.58
C LEU D 210 -6.13 -23.82 -26.68
N ASP D 211 -4.89 -24.05 -27.12
CA ASP D 211 -3.88 -23.00 -27.31
C ASP D 211 -4.39 -21.79 -28.07
N LYS D 212 -4.60 -21.94 -29.37
CA LYS D 212 -4.89 -20.79 -30.21
C LYS D 212 -6.25 -20.18 -29.91
N ASP D 213 -6.48 -19.76 -28.66
CA ASP D 213 -7.79 -19.28 -28.25
C ASP D 213 -7.73 -17.80 -27.90
N LYS D 214 -8.91 -17.19 -27.85
CA LYS D 214 -9.09 -15.79 -27.46
C LYS D 214 -8.12 -14.90 -28.23
N PRO E 89 13.71 -50.89 -12.62
CA PRO E 89 14.87 -51.09 -13.49
C PRO E 89 16.17 -51.25 -12.70
N GLN E 90 17.22 -51.76 -13.35
CA GLN E 90 18.54 -51.84 -12.72
C GLN E 90 19.14 -50.45 -12.66
N ALA E 91 19.26 -49.89 -11.46
CA ALA E 91 19.69 -48.50 -11.30
C ALA E 91 21.01 -48.26 -12.02
N HIS E 92 21.21 -47.02 -12.44
CA HIS E 92 22.51 -46.59 -12.95
C HIS E 92 23.49 -46.40 -11.79
N GLU E 93 24.77 -46.61 -12.08
CA GLU E 93 25.79 -46.41 -11.06
C GLU E 93 25.86 -44.94 -10.71
N ILE E 94 26.10 -44.66 -9.43
CA ILE E 94 26.41 -43.30 -8.99
C ILE E 94 27.86 -43.01 -9.33
N VAL E 95 28.11 -41.92 -10.06
CA VAL E 95 29.47 -41.45 -10.27
C VAL E 95 29.51 -39.99 -9.87
N ILE E 96 30.30 -39.67 -8.87
CA ILE E 96 30.42 -38.28 -8.44
C ILE E 96 31.89 -37.93 -8.30
N PRO E 97 32.24 -36.66 -8.20
CA PRO E 97 33.61 -36.30 -7.82
C PRO E 97 33.99 -36.95 -6.49
N SER E 98 35.27 -37.28 -6.36
CA SER E 98 35.77 -38.00 -5.20
C SER E 98 35.70 -37.15 -3.94
N TYR E 99 35.72 -35.84 -4.08
CA TYR E 99 35.56 -34.93 -2.98
C TYR E 99 34.11 -34.70 -2.58
N SER E 100 33.18 -35.54 -3.04
CA SER E 100 31.79 -35.46 -2.58
C SER E 100 31.29 -36.80 -2.11
N LYS E 101 32.18 -37.69 -1.72
CA LYS E 101 31.79 -38.97 -1.14
C LYS E 101 31.15 -38.81 0.22
N TRP E 102 31.13 -37.58 0.74
CA TRP E 102 30.54 -37.29 2.03
C TRP E 102 29.03 -37.14 1.96
N PHE E 103 28.48 -36.89 0.78
CA PHE E 103 27.04 -36.70 0.64
C PHE E 103 26.31 -37.98 1.02
N ASN E 104 25.15 -37.82 1.62
CA ASN E 104 24.39 -38.99 2.05
C ASN E 104 22.92 -38.63 2.03
N LEU E 105 22.14 -39.30 1.17
CA LEU E 105 20.78 -38.88 0.90
C LEU E 105 19.96 -38.73 2.16
N GLU E 106 20.33 -39.46 3.22
CA GLU E 106 19.60 -39.55 4.48
C GLU E 106 20.15 -38.63 5.57
N LYS E 107 21.19 -37.87 5.30
CA LYS E 107 21.76 -36.97 6.29
C LYS E 107 21.88 -35.58 5.69
N ILE E 108 22.28 -34.64 6.54
CA ILE E 108 22.74 -33.32 6.14
C ILE E 108 24.19 -33.22 6.59
N HIS E 109 24.96 -32.36 5.96
CA HIS E 109 26.37 -32.23 6.26
C HIS E 109 26.69 -30.76 6.51
N SER E 110 27.76 -30.53 7.27
CA SER E 110 28.13 -29.17 7.62
C SER E 110 28.44 -28.34 6.38
N ILE E 111 28.92 -28.98 5.30
CA ILE E 111 29.19 -28.27 4.04
C ILE E 111 27.91 -27.72 3.45
N GLU E 112 26.82 -28.50 3.51
CA GLU E 112 25.53 -28.05 3.01
C GLU E 112 24.98 -26.92 3.87
N VAL E 113 24.99 -27.11 5.21
CA VAL E 113 24.51 -26.08 6.13
C VAL E 113 25.32 -24.80 5.99
N GLN E 114 26.63 -24.95 5.88
CA GLN E 114 27.48 -23.80 5.64
C GLN E 114 27.19 -23.16 4.29
N SER E 115 26.96 -23.97 3.25
CA SER E 115 26.86 -23.37 1.91
C SER E 115 25.48 -22.76 1.64
N LEU E 116 24.43 -23.30 2.23
CA LEU E 116 23.08 -22.75 2.07
C LEU E 116 22.44 -22.53 3.45
N PRO E 117 23.03 -21.66 4.27
CA PRO E 117 22.54 -21.51 5.63
C PRO E 117 21.11 -21.00 5.69
N GLU E 118 20.62 -20.35 4.63
CA GLU E 118 19.29 -19.75 4.68
C GLU E 118 18.17 -20.78 4.77
N PHE E 119 18.48 -22.07 4.66
CA PHE E 119 17.48 -23.11 4.73
C PHE E 119 17.27 -23.62 6.16
N PHE E 120 18.19 -23.34 7.06
CA PHE E 120 18.19 -23.94 8.37
C PHE E 120 17.93 -22.94 9.49
N THR E 121 17.63 -21.69 9.13
CA THR E 121 17.38 -20.69 10.14
C THR E 121 16.19 -21.05 11.01
N ASN E 122 15.09 -21.49 10.40
CA ASN E 122 13.82 -21.73 11.06
C ASN E 122 13.01 -20.45 11.18
N ARG E 123 13.41 -19.37 10.52
CA ARG E 123 12.59 -18.15 10.48
C ARG E 123 11.24 -18.48 9.86
N ILE E 124 11.23 -18.63 8.54
CA ILE E 124 10.05 -19.08 7.79
C ILE E 124 9.83 -20.56 8.09
N PRO E 125 8.59 -21.05 8.06
CA PRO E 125 8.38 -22.50 8.27
C PRO E 125 8.66 -23.32 7.04
N SER E 126 8.74 -22.67 5.87
CA SER E 126 9.11 -23.35 4.63
C SER E 126 10.57 -23.78 4.62
N LYS E 127 11.43 -23.13 5.39
CA LYS E 127 12.87 -23.30 5.28
C LYS E 127 13.37 -24.14 6.45
N THR E 128 13.10 -25.43 6.40
CA THR E 128 13.42 -26.34 7.48
C THR E 128 14.23 -27.52 6.96
N PRO E 129 14.92 -28.25 7.85
CA PRO E 129 15.74 -29.38 7.39
C PRO E 129 14.96 -30.55 6.81
N GLU E 130 13.63 -30.52 6.78
CA GLU E 130 12.89 -31.57 6.10
C GLU E 130 12.55 -31.17 4.66
N VAL E 131 12.03 -29.97 4.48
CA VAL E 131 11.91 -29.42 3.13
C VAL E 131 13.23 -29.59 2.41
N TYR E 132 14.30 -29.02 2.96
CA TYR E 132 15.60 -29.07 2.30
C TYR E 132 15.99 -30.50 1.94
N MET E 133 15.69 -31.45 2.80
CA MET E 133 16.08 -32.83 2.54
C MET E 133 15.31 -33.42 1.36
N ARG E 134 14.08 -32.94 1.13
CA ARG E 134 13.28 -33.50 0.07
C ARG E 134 13.33 -32.68 -1.21
N TYR E 135 13.61 -31.38 -1.14
CA TYR E 135 13.93 -30.65 -2.36
C TYR E 135 15.24 -31.17 -2.93
N ARG E 136 16.27 -31.23 -2.08
CA ARG E 136 17.60 -31.62 -2.54
C ARG E 136 17.61 -33.08 -2.97
N ASN E 137 16.86 -33.94 -2.29
CA ASN E 137 16.79 -35.34 -2.70
C ASN E 137 15.97 -35.54 -3.96
N PHE E 138 15.01 -34.65 -4.24
CA PHE E 138 14.32 -34.77 -5.53
C PHE E 138 15.28 -34.57 -6.69
N MET E 139 16.11 -33.52 -6.62
CA MET E 139 17.08 -33.23 -7.67
C MET E 139 18.11 -34.34 -7.82
N VAL E 140 18.78 -34.69 -6.74
CA VAL E 140 19.83 -35.70 -6.86
C VAL E 140 19.27 -37.02 -7.34
N ASN E 141 18.07 -37.39 -6.86
CA ASN E 141 17.50 -38.69 -7.22
C ASN E 141 16.84 -38.69 -8.60
N SER E 142 16.27 -37.56 -9.03
CA SER E 142 15.78 -37.45 -10.40
C SER E 142 16.92 -37.46 -11.41
N TYR E 143 18.02 -36.78 -11.11
CA TYR E 143 19.11 -36.77 -12.07
C TYR E 143 19.75 -38.13 -12.20
N ARG E 144 19.79 -38.91 -11.13
CA ARG E 144 20.47 -40.19 -11.24
C ARG E 144 19.70 -41.22 -12.03
N LEU E 145 18.45 -40.93 -12.42
CA LEU E 145 17.73 -41.90 -13.23
C LEU E 145 18.15 -41.81 -14.70
N ASN E 146 18.58 -40.64 -15.16
CA ASN E 146 19.09 -40.45 -16.52
C ASN E 146 20.36 -39.61 -16.46
N PRO E 147 21.46 -40.22 -16.01
CA PRO E 147 22.68 -39.43 -15.80
C PRO E 147 23.16 -38.76 -17.05
N ASN E 148 22.72 -39.19 -18.22
CA ASN E 148 23.14 -38.57 -19.47
C ASN E 148 22.26 -37.40 -19.85
N GLU E 149 21.13 -37.21 -19.18
CA GLU E 149 20.22 -36.09 -19.43
C GLU E 149 20.49 -34.98 -18.43
N TYR E 150 20.54 -33.75 -18.92
CA TYR E 150 20.77 -32.61 -18.05
C TYR E 150 19.52 -32.35 -17.20
N PHE E 151 19.72 -32.25 -15.89
CA PHE E 151 18.67 -31.89 -14.96
C PHE E 151 18.68 -30.38 -14.78
N SER E 152 17.55 -29.75 -15.02
CA SER E 152 17.47 -28.31 -15.12
C SER E 152 16.71 -27.71 -13.95
N VAL E 153 16.91 -26.41 -13.77
CA VAL E 153 16.18 -25.72 -12.72
C VAL E 153 14.69 -25.70 -13.05
N THR E 154 14.34 -25.62 -14.33
CA THR E 154 12.94 -25.64 -14.74
C THR E 154 12.24 -26.92 -14.31
N THR E 155 12.89 -28.06 -14.48
CA THR E 155 12.25 -29.30 -14.08
C THR E 155 12.03 -29.33 -12.58
N ALA E 156 12.94 -28.74 -11.82
CA ALA E 156 12.84 -28.69 -10.38
C ALA E 156 11.70 -27.79 -9.94
N ARG E 157 11.71 -26.54 -10.39
CA ARG E 157 10.63 -25.61 -10.05
C ARG E 157 9.25 -26.16 -10.36
N ARG E 158 9.15 -27.05 -11.34
CA ARG E 158 7.85 -27.59 -11.75
C ARG E 158 7.38 -28.70 -10.83
N ASN E 159 8.31 -29.41 -10.18
CA ASN E 159 8.02 -30.57 -9.37
C ASN E 159 8.06 -30.30 -7.88
N VAL E 160 8.66 -29.20 -7.46
CA VAL E 160 8.84 -28.87 -6.06
C VAL E 160 8.30 -27.48 -5.83
N SER E 161 7.60 -27.28 -4.72
CA SER E 161 6.97 -25.99 -4.50
C SER E 161 7.99 -24.99 -3.95
N GLY E 162 7.57 -23.75 -3.89
CA GLY E 162 8.44 -22.73 -3.35
C GLY E 162 9.26 -22.05 -4.39
N ASP E 163 10.00 -21.05 -3.95
CA ASP E 163 10.40 -20.01 -4.88
C ASP E 163 11.51 -20.49 -5.80
N ALA E 164 11.59 -19.82 -6.95
CA ALA E 164 12.52 -20.23 -8.00
C ALA E 164 13.95 -19.97 -7.60
N ALA E 165 14.22 -18.84 -6.94
CA ALA E 165 15.59 -18.48 -6.60
C ALA E 165 16.18 -19.45 -5.60
N ALA E 166 15.39 -19.99 -4.68
CA ALA E 166 15.93 -20.98 -3.75
C ALA E 166 16.23 -22.28 -4.48
N LEU E 167 15.41 -22.63 -5.47
CA LEU E 167 15.67 -23.84 -6.25
C LEU E 167 16.84 -23.64 -7.20
N PHE E 168 16.92 -22.48 -7.86
CA PHE E 168 18.13 -22.13 -8.59
C PHE E 168 19.38 -22.24 -7.71
N ARG E 169 19.31 -21.66 -6.49
CA ARG E 169 20.44 -21.65 -5.57
C ARG E 169 20.77 -23.05 -5.07
N LEU E 170 19.76 -23.87 -4.83
CA LEU E 170 20.06 -25.25 -4.45
C LEU E 170 20.65 -26.02 -5.62
N HIS E 171 20.29 -25.63 -6.85
CA HIS E 171 20.80 -26.29 -8.04
C HIS E 171 22.28 -26.00 -8.23
N LYS E 172 22.65 -24.72 -8.14
CA LYS E 172 24.03 -24.31 -8.35
C LYS E 172 24.97 -25.00 -7.40
N PHE E 173 24.52 -25.22 -6.14
CA PHE E 173 25.32 -25.91 -5.13
C PHE E 173 25.50 -27.37 -5.48
N LEU E 174 24.40 -28.09 -5.70
CA LEU E 174 24.51 -29.50 -6.08
C LEU E 174 25.31 -29.67 -7.39
N THR E 175 25.22 -28.73 -8.31
CA THR E 175 26.09 -28.79 -9.49
C THR E 175 27.56 -28.60 -9.11
N LYS E 176 27.83 -27.66 -8.19
CA LYS E 176 29.20 -27.38 -7.79
C LYS E 176 29.90 -28.63 -7.25
N TRP E 177 29.16 -29.50 -6.58
CA TRP E 177 29.74 -30.68 -5.97
C TRP E 177 29.55 -31.92 -6.82
N GLY E 178 29.13 -31.75 -8.09
CA GLY E 178 28.96 -32.86 -9.00
C GLY E 178 27.93 -33.85 -8.55
N LEU E 179 26.97 -33.41 -7.75
CA LEU E 179 25.93 -34.29 -7.25
C LEU E 179 24.72 -34.34 -8.16
N ILE E 180 24.48 -33.28 -8.94
CA ILE E 180 23.65 -33.37 -10.13
C ILE E 180 24.53 -33.04 -11.33
N ASN E 181 24.24 -33.71 -12.45
CA ASN E 181 24.68 -33.28 -13.78
C ASN E 181 26.15 -33.49 -14.11
N TYR E 182 26.79 -34.48 -13.52
CA TYR E 182 28.23 -34.65 -13.60
C TYR E 182 28.65 -35.47 -14.80
N GLN E 183 27.76 -36.31 -15.32
CA GLN E 183 28.01 -37.09 -16.52
C GLN E 183 27.32 -36.51 -17.74
N VAL E 184 26.51 -35.45 -17.58
CA VAL E 184 25.83 -34.87 -18.73
C VAL E 184 26.80 -34.64 -19.87
N ASP E 185 28.05 -34.30 -19.58
CA ASP E 185 29.04 -34.05 -20.61
C ASP E 185 30.22 -35.00 -20.46
N SER E 186 30.82 -35.32 -21.61
CA SER E 186 32.05 -36.08 -21.66
C SER E 186 33.21 -35.17 -21.28
N LYS E 187 34.14 -35.71 -20.50
CA LYS E 187 35.30 -34.97 -20.03
C LYS E 187 36.53 -35.83 -20.27
N ALA F 91 -24.40 -49.11 10.50
CA ALA F 91 -23.09 -49.03 9.86
C ALA F 91 -22.48 -50.42 9.79
N HIS F 92 -21.24 -50.49 9.29
CA HIS F 92 -20.44 -51.70 9.45
C HIS F 92 -19.95 -51.70 10.90
N GLU F 93 -19.04 -52.61 11.23
CA GLU F 93 -18.27 -52.43 12.46
C GLU F 93 -17.63 -51.05 12.41
N ILE F 94 -18.15 -50.10 13.15
CA ILE F 94 -17.53 -48.77 13.25
C ILE F 94 -16.48 -48.80 14.36
N VAL F 95 -15.24 -48.53 13.98
CA VAL F 95 -14.11 -48.57 14.91
C VAL F 95 -13.54 -47.17 15.02
N ILE F 96 -13.53 -46.65 16.25
CA ILE F 96 -12.93 -45.35 16.60
C ILE F 96 -11.76 -45.67 17.53
N PRO F 97 -10.88 -44.73 17.85
CA PRO F 97 -9.88 -44.99 18.88
C PRO F 97 -10.36 -44.60 20.27
N SER F 98 -9.83 -45.31 21.26
CA SER F 98 -10.30 -45.14 22.64
C SER F 98 -10.21 -43.68 23.11
N TYR F 99 -9.19 -42.94 22.67
CA TYR F 99 -9.13 -41.54 23.05
C TYR F 99 -10.21 -40.73 22.44
N SER F 100 -11.22 -41.31 21.81
CA SER F 100 -12.16 -40.50 21.06
C SER F 100 -13.61 -40.90 21.27
N LYS F 101 -13.94 -41.70 22.29
CA LYS F 101 -15.33 -42.00 22.55
C LYS F 101 -16.05 -40.76 23.06
N TRP F 102 -15.35 -39.64 23.09
CA TRP F 102 -15.98 -38.38 23.48
C TRP F 102 -16.83 -37.81 22.37
N PHE F 103 -16.58 -38.24 21.13
CA PHE F 103 -17.30 -37.69 19.99
C PHE F 103 -18.76 -38.15 20.00
N ASN F 104 -19.65 -37.18 19.82
CA ASN F 104 -21.08 -37.45 19.76
C ASN F 104 -21.67 -36.58 18.67
N LEU F 105 -22.25 -37.23 17.66
CA LEU F 105 -22.75 -36.57 16.46
C LEU F 105 -23.74 -35.46 16.76
N GLU F 106 -24.33 -35.42 17.93
CA GLU F 106 -25.36 -34.44 18.22
C GLU F 106 -24.84 -33.18 18.91
N LYS F 107 -23.55 -33.11 19.25
CA LYS F 107 -23.05 -32.00 20.04
C LYS F 107 -21.63 -31.61 19.64
N ILE F 108 -21.30 -30.35 19.89
CA ILE F 108 -19.99 -29.78 19.63
C ILE F 108 -19.15 -29.86 20.91
N HIS F 109 -18.18 -30.76 20.95
CA HIS F 109 -17.39 -30.97 22.15
C HIS F 109 -16.38 -29.84 22.34
N SER F 110 -15.85 -29.76 23.56
CA SER F 110 -14.85 -28.73 23.86
C SER F 110 -13.61 -28.89 22.98
N ILE F 111 -13.13 -30.12 22.80
CA ILE F 111 -11.91 -30.35 22.03
C ILE F 111 -12.00 -29.74 20.65
N GLU F 112 -13.21 -29.60 20.11
CA GLU F 112 -13.44 -29.06 18.77
C GLU F 112 -13.52 -27.56 18.79
N VAL F 113 -14.14 -26.97 19.81
CA VAL F 113 -14.14 -25.52 19.95
C VAL F 113 -12.74 -24.99 20.20
N GLN F 114 -11.83 -25.82 20.68
CA GLN F 114 -10.43 -25.44 20.84
C GLN F 114 -9.61 -25.74 19.59
N SER F 115 -9.81 -26.90 18.96
CA SER F 115 -9.00 -27.31 17.82
C SER F 115 -9.35 -26.59 16.52
N LEU F 116 -10.52 -25.99 16.41
CA LEU F 116 -10.93 -25.39 15.15
C LEU F 116 -11.64 -24.08 15.42
N PRO F 117 -10.99 -23.20 16.12
CA PRO F 117 -11.69 -22.01 16.64
C PRO F 117 -12.25 -21.09 15.57
N GLU F 118 -12.04 -21.38 14.29
CA GLU F 118 -12.52 -20.45 13.27
C GLU F 118 -14.04 -20.47 13.16
N PHE F 119 -14.68 -21.55 13.59
CA PHE F 119 -16.13 -21.60 13.51
C PHE F 119 -16.81 -21.03 14.73
N PHE F 120 -16.07 -20.83 15.81
CA PHE F 120 -16.67 -20.41 17.08
C PHE F 120 -16.23 -19.01 17.47
N THR F 121 -16.29 -18.09 16.51
CA THR F 121 -15.72 -16.76 16.62
C THR F 121 -16.74 -15.68 16.92
N ASN F 122 -17.99 -15.87 16.53
CA ASN F 122 -19.09 -14.92 16.68
C ASN F 122 -18.83 -13.60 15.99
N ARG F 123 -17.82 -13.53 15.12
CA ARG F 123 -17.61 -12.41 14.22
C ARG F 123 -17.79 -12.77 12.74
N ILE F 124 -17.93 -14.05 12.40
CA ILE F 124 -17.96 -14.50 11.01
C ILE F 124 -19.29 -15.17 10.68
N PRO F 125 -20.17 -14.52 9.92
CA PRO F 125 -21.53 -15.05 9.75
C PRO F 125 -21.58 -16.40 9.07
N SER F 126 -20.61 -16.76 8.24
CA SER F 126 -20.65 -18.04 7.53
C SER F 126 -20.05 -19.18 8.32
N LYS F 127 -19.28 -18.90 9.37
CA LYS F 127 -18.70 -19.95 10.21
C LYS F 127 -19.30 -19.81 11.60
N THR F 128 -20.49 -20.33 11.75
CA THR F 128 -21.18 -20.43 13.03
C THR F 128 -21.03 -21.85 13.53
N PRO F 129 -21.62 -22.17 14.68
CA PRO F 129 -21.58 -23.58 15.13
C PRO F 129 -22.54 -24.51 14.40
N GLU F 130 -23.66 -24.01 13.84
CA GLU F 130 -24.56 -24.88 13.09
C GLU F 130 -23.93 -25.30 11.77
N VAL F 131 -23.43 -24.34 11.00
CA VAL F 131 -22.73 -24.64 9.78
C VAL F 131 -21.59 -25.63 10.05
N TYR F 132 -20.93 -25.51 11.20
CA TYR F 132 -19.84 -26.44 11.52
C TYR F 132 -20.34 -27.88 11.54
N MET F 133 -21.58 -28.11 11.97
CA MET F 133 -22.04 -29.48 12.14
C MET F 133 -22.33 -30.15 10.79
N ARG F 134 -23.03 -29.47 9.88
CA ARG F 134 -23.26 -30.04 8.55
C ARG F 134 -21.95 -30.52 7.95
N TYR F 135 -20.92 -29.65 7.96
CA TYR F 135 -19.60 -30.05 7.48
C TYR F 135 -19.13 -31.32 8.16
N ARG F 136 -19.21 -31.35 9.48
CA ARG F 136 -18.54 -32.40 10.23
C ARG F 136 -19.35 -33.68 10.19
N ASN F 137 -20.66 -33.58 10.36
CA ASN F 137 -21.48 -34.78 10.29
C ASN F 137 -21.50 -35.36 8.89
N PHE F 138 -21.45 -34.50 7.86
CA PHE F 138 -21.42 -35.02 6.50
C PHE F 138 -20.16 -35.84 6.23
N MET F 139 -18.99 -35.32 6.62
CA MET F 139 -17.76 -36.10 6.50
C MET F 139 -17.91 -37.44 7.23
N VAL F 140 -18.33 -37.40 8.48
CA VAL F 140 -18.27 -38.58 9.33
C VAL F 140 -19.31 -39.60 8.90
N ASN F 141 -20.54 -39.16 8.65
CA ASN F 141 -21.57 -40.08 8.17
C ASN F 141 -21.20 -40.68 6.82
N SER F 142 -20.69 -39.85 5.89
CA SER F 142 -20.23 -40.37 4.61
C SER F 142 -19.22 -41.49 4.80
N TYR F 143 -18.27 -41.30 5.72
CA TYR F 143 -17.18 -42.26 5.85
C TYR F 143 -17.64 -43.58 6.45
N ARG F 144 -18.60 -43.54 7.37
CA ARG F 144 -19.04 -44.77 8.00
C ARG F 144 -19.92 -45.63 7.09
N LEU F 145 -20.47 -45.04 6.02
CA LEU F 145 -21.22 -45.84 5.06
C LEU F 145 -20.34 -46.89 4.38
N ASN F 146 -19.07 -46.57 4.14
CA ASN F 146 -18.08 -47.57 3.77
C ASN F 146 -16.75 -47.20 4.39
N PRO F 147 -16.50 -47.63 5.63
CA PRO F 147 -15.24 -47.27 6.31
C PRO F 147 -14.02 -47.93 5.72
N ASN F 148 -14.16 -48.82 4.75
CA ASN F 148 -12.99 -49.37 4.07
C ASN F 148 -12.51 -48.49 2.92
N GLU F 149 -13.26 -47.45 2.56
CA GLU F 149 -12.89 -46.51 1.51
C GLU F 149 -12.47 -45.17 2.12
N TYR F 150 -11.28 -44.72 1.78
CA TYR F 150 -10.87 -43.37 2.06
C TYR F 150 -11.97 -42.37 1.70
N PHE F 151 -12.30 -41.47 2.64
CA PHE F 151 -13.12 -40.30 2.38
C PHE F 151 -12.24 -39.09 2.18
N SER F 152 -12.64 -38.19 1.28
CA SER F 152 -11.71 -37.23 0.69
C SER F 152 -12.18 -35.79 0.84
N VAL F 153 -11.22 -34.88 0.94
CA VAL F 153 -11.55 -33.46 0.92
C VAL F 153 -12.34 -33.13 -0.34
N THR F 154 -11.93 -33.71 -1.48
CA THR F 154 -12.57 -33.39 -2.77
C THR F 154 -14.05 -33.75 -2.77
N THR F 155 -14.40 -34.96 -2.32
CA THR F 155 -15.81 -35.24 -2.06
C THR F 155 -16.45 -34.12 -1.25
N ALA F 156 -15.77 -33.65 -0.21
CA ALA F 156 -16.38 -32.70 0.69
C ALA F 156 -16.73 -31.39 -0.01
N ARG F 157 -15.77 -30.79 -0.71
CA ARG F 157 -16.04 -29.50 -1.33
C ARG F 157 -16.99 -29.60 -2.54
N ARG F 158 -17.20 -30.79 -3.10
CA ARG F 158 -18.28 -30.95 -4.08
C ARG F 158 -19.63 -30.77 -3.40
N ASN F 159 -19.89 -31.56 -2.36
CA ASN F 159 -21.20 -31.60 -1.71
C ASN F 159 -21.53 -30.32 -0.97
N VAL F 160 -20.58 -29.70 -0.26
CA VAL F 160 -20.89 -28.58 0.63
C VAL F 160 -20.17 -27.31 0.19
N SER F 161 -20.87 -26.19 0.22
CA SER F 161 -20.31 -24.87 -0.01
C SER F 161 -19.50 -24.40 1.19
N GLY F 162 -18.47 -23.62 0.92
CA GLY F 162 -17.61 -23.08 1.97
C GLY F 162 -16.14 -23.10 1.63
N ASP F 163 -15.35 -22.23 2.27
CA ASP F 163 -13.92 -22.12 2.04
C ASP F 163 -13.26 -23.49 2.03
N ALA F 164 -12.68 -23.85 0.88
CA ALA F 164 -12.09 -25.17 0.75
C ALA F 164 -10.90 -25.36 1.70
N ALA F 165 -10.25 -24.26 2.09
CA ALA F 165 -9.18 -24.35 3.08
C ALA F 165 -9.73 -24.70 4.45
N ALA F 166 -10.90 -24.16 4.80
CA ALA F 166 -11.56 -24.52 6.04
C ALA F 166 -11.97 -25.99 6.09
N LEU F 167 -12.64 -26.50 5.05
CA LEU F 167 -12.98 -27.92 5.04
C LEU F 167 -11.74 -28.81 5.14
N PHE F 168 -10.57 -28.28 4.77
CA PHE F 168 -9.33 -29.05 4.88
C PHE F 168 -8.95 -29.31 6.33
N ARG F 169 -9.06 -28.30 7.19
CA ARG F 169 -8.69 -28.45 8.60
C ARG F 169 -9.67 -29.35 9.34
N LEU F 170 -10.96 -29.08 9.18
CA LEU F 170 -12.02 -30.01 9.53
C LEU F 170 -11.65 -31.45 9.17
N HIS F 171 -11.35 -31.70 7.90
CA HIS F 171 -10.89 -33.02 7.49
C HIS F 171 -9.65 -33.45 8.27
N LYS F 172 -8.64 -32.57 8.35
CA LYS F 172 -7.41 -32.91 9.08
C LYS F 172 -7.70 -33.19 10.54
N PHE F 173 -8.59 -32.39 11.16
CA PHE F 173 -8.94 -32.62 12.56
C PHE F 173 -9.58 -33.98 12.74
N LEU F 174 -10.62 -34.28 11.96
CA LEU F 174 -11.32 -35.56 12.13
C LEU F 174 -10.43 -36.72 11.78
N THR F 175 -9.45 -36.49 10.90
CA THR F 175 -8.48 -37.52 10.59
C THR F 175 -7.56 -37.78 11.78
N LYS F 176 -7.05 -36.71 12.39
CA LYS F 176 -6.25 -36.83 13.60
C LYS F 176 -6.93 -37.73 14.62
N TRP F 177 -8.19 -37.48 14.91
CA TRP F 177 -8.88 -38.18 15.98
C TRP F 177 -9.45 -39.53 15.57
N GLY F 178 -9.20 -39.98 14.35
CA GLY F 178 -9.71 -41.26 13.88
C GLY F 178 -11.21 -41.30 13.72
N LEU F 179 -11.85 -40.18 13.48
CA LEU F 179 -13.30 -40.15 13.28
C LEU F 179 -13.70 -40.33 11.82
N ILE F 180 -12.76 -40.13 10.91
CA ILE F 180 -12.88 -40.51 9.51
C ILE F 180 -11.58 -41.21 9.14
N ASN F 181 -11.68 -42.10 8.16
CA ASN F 181 -10.50 -42.68 7.54
C ASN F 181 -9.67 -43.49 8.50
N TYR F 182 -10.23 -43.86 9.65
CA TYR F 182 -9.46 -44.64 10.61
C TYR F 182 -9.18 -46.06 10.12
N GLN F 183 -10.18 -46.72 9.52
CA GLN F 183 -9.97 -48.10 9.12
C GLN F 183 -9.85 -48.25 7.61
N VAL F 184 -9.03 -47.40 6.99
CA VAL F 184 -8.83 -47.42 5.53
C VAL F 184 -7.73 -48.44 5.27
N ASP F 185 -8.13 -49.69 5.01
CA ASP F 185 -7.18 -50.73 4.63
C ASP F 185 -7.62 -51.39 3.33
N GLU G 2 19.14 9.61 -11.38
CA GLU G 2 19.82 9.98 -10.15
C GLU G 2 18.94 9.68 -8.93
N GLN G 3 19.42 8.79 -8.10
CA GLN G 3 18.75 8.42 -6.86
C GLN G 3 19.58 9.01 -5.72
N LEU G 4 19.17 10.16 -5.21
CA LEU G 4 19.93 10.87 -4.18
C LEU G 4 19.51 10.39 -2.80
N VAL G 5 20.30 9.47 -2.26
CA VAL G 5 20.14 8.92 -0.92
C VAL G 5 20.67 9.89 0.13
N PRO G 6 19.83 10.47 0.97
CA PRO G 6 20.36 11.25 2.10
C PRO G 6 21.09 10.38 3.10
N ILE G 7 22.40 10.52 3.24
CA ILE G 7 23.20 9.68 4.13
C ILE G 7 23.57 10.46 5.39
N ARG G 8 23.56 9.77 6.52
CA ARG G 8 24.02 10.34 7.78
C ARG G 8 24.75 9.26 8.55
N LEU G 9 26.03 9.49 8.81
CA LEU G 9 26.84 8.58 9.60
C LEU G 9 26.96 9.13 11.01
N GLU G 10 26.84 8.26 12.00
CA GLU G 10 27.03 8.69 13.38
C GLU G 10 27.65 7.56 14.16
N PHE G 11 28.84 7.80 14.69
CA PHE G 11 29.53 6.84 15.53
C PHE G 11 30.12 7.54 16.74
N ASP G 12 30.29 6.77 17.80
CA ASP G 12 30.77 7.25 19.09
C ASP G 12 31.88 6.35 19.58
N GLN G 13 32.60 6.82 20.60
CA GLN G 13 33.63 5.99 21.19
C GLN G 13 33.02 4.79 21.91
N ASP G 14 31.81 4.95 22.45
CA ASP G 14 31.16 3.92 23.26
C ASP G 14 30.75 2.73 22.43
N ARG G 15 29.81 2.95 21.50
CA ARG G 15 29.27 1.85 20.72
C ARG G 15 30.30 1.30 19.73
N ASP G 16 31.06 2.18 19.09
CA ASP G 16 31.72 1.87 17.85
C ASP G 16 33.24 1.86 17.91
N ARG G 17 33.85 2.49 18.92
CA ARG G 17 35.29 2.59 19.18
C ARG G 17 35.94 3.68 18.33
N PHE G 18 35.15 4.54 17.71
CA PHE G 18 35.66 5.71 17.00
C PHE G 18 34.54 6.74 16.93
N PHE G 19 34.91 7.98 16.66
CA PHE G 19 33.95 9.08 16.57
C PHE G 19 33.87 9.58 15.13
N LEU G 20 32.65 9.73 14.63
CA LEU G 20 32.43 10.27 13.29
C LEU G 20 31.04 10.89 13.23
N ARG G 21 30.94 12.08 12.62
CA ARG G 21 29.67 12.69 12.27
C ARG G 21 29.76 13.24 10.85
N ASP G 22 28.82 12.85 9.99
CA ASP G 22 28.78 13.38 8.65
C ASP G 22 27.42 13.12 8.04
N THR G 23 26.99 14.05 7.20
CA THR G 23 25.88 13.87 6.28
C THR G 23 26.37 14.21 4.87
N LEU G 24 25.91 13.43 3.90
CA LEU G 24 26.22 13.66 2.49
C LEU G 24 25.09 13.10 1.64
N LEU G 25 25.00 13.60 0.42
CA LEU G 25 24.05 13.09 -0.57
C LEU G 25 24.76 12.07 -1.45
N TRP G 26 24.16 10.91 -1.63
CA TRP G 26 24.79 9.88 -2.44
C TRP G 26 23.81 9.37 -3.49
N ASN G 27 24.32 9.16 -4.70
CA ASN G 27 23.51 8.74 -5.85
C ASN G 27 23.50 7.22 -5.90
N LYS G 28 22.35 6.64 -5.52
CA LYS G 28 22.22 5.19 -5.42
C LYS G 28 22.53 4.47 -6.73
N ASN G 29 22.43 5.16 -7.87
CA ASN G 29 22.68 4.55 -9.17
C ASN G 29 24.08 4.81 -9.70
N ASP G 30 25.02 5.20 -8.85
CA ASP G 30 26.36 5.52 -9.30
C ASP G 30 27.11 4.24 -9.64
N LYS G 31 28.04 4.36 -10.58
CA LYS G 31 28.73 3.15 -11.05
C LYS G 31 30.24 3.34 -11.16
N LEU G 32 30.79 4.47 -10.74
CA LEU G 32 32.18 4.81 -11.01
C LEU G 32 33.10 4.74 -9.80
N ILE G 33 32.65 5.22 -8.64
CA ILE G 33 33.49 5.31 -7.44
C ILE G 33 33.06 4.19 -6.48
N LYS G 34 34.01 3.32 -6.13
CA LYS G 34 33.78 2.36 -5.06
C LYS G 34 33.50 3.08 -3.75
N ILE G 35 32.58 2.52 -2.96
CA ILE G 35 32.26 3.10 -1.65
C ILE G 35 33.48 3.11 -0.75
N GLU G 36 34.33 2.09 -0.84
CA GLU G 36 35.49 1.97 0.03
C GLU G 36 36.57 2.99 -0.24
N ASP G 37 36.60 3.61 -1.42
CA ASP G 37 37.64 4.59 -1.68
C ASP G 37 37.19 5.99 -1.34
N PHE G 38 35.91 6.27 -1.47
CA PHE G 38 35.37 7.53 -0.99
C PHE G 38 35.43 7.60 0.53
N VAL G 39 35.21 6.47 1.21
CA VAL G 39 35.24 6.45 2.67
C VAL G 39 36.68 6.49 3.17
N ASP G 40 37.60 5.78 2.52
CA ASP G 40 39.00 5.88 2.94
C ASP G 40 39.51 7.32 2.84
N ASP G 41 38.88 8.14 2.00
CA ASP G 41 39.31 9.53 1.84
C ASP G 41 38.68 10.44 2.88
N MET G 42 37.43 10.18 3.24
CA MET G 42 36.80 10.87 4.37
C MET G 42 37.65 10.72 5.62
N LEU G 43 38.04 9.49 5.94
CA LEU G 43 38.82 9.09 7.09
C LEU G 43 40.29 9.35 6.95
N ARG G 44 40.69 10.49 6.40
CA ARG G 44 42.11 10.72 6.11
C ARG G 44 42.81 11.54 7.17
N ASP G 45 42.08 12.07 8.16
CA ASP G 45 42.67 12.65 9.35
C ASP G 45 42.83 11.63 10.46
N TYR G 46 42.23 10.45 10.32
CA TYR G 46 42.16 9.46 11.38
C TYR G 46 43.42 8.63 11.43
N ARG G 47 43.93 8.40 12.64
CA ARG G 47 45.23 7.78 12.83
C ARG G 47 45.40 6.47 12.07
N PHE G 48 44.31 5.82 11.68
CA PHE G 48 44.39 4.64 10.83
C PHE G 48 45.29 3.56 11.41
N ARG G 53 41.36 -0.43 12.11
CA ARG G 53 41.60 0.83 11.41
C ARG G 53 41.28 0.66 9.93
N GLU G 54 41.55 -0.54 9.42
CA GLU G 54 41.00 -0.98 8.15
C GLU G 54 39.62 -1.59 8.31
N GLN G 55 39.29 -2.07 9.50
CA GLN G 55 37.98 -2.66 9.75
C GLN G 55 36.92 -1.61 10.09
N HIS G 56 37.33 -0.39 10.42
CA HIS G 56 36.33 0.66 10.62
C HIS G 56 35.84 1.21 9.29
N ILE G 57 36.73 1.39 8.33
CA ILE G 57 36.27 1.75 6.98
C ILE G 57 35.29 0.70 6.49
N ASP G 58 35.61 -0.58 6.69
CA ASP G 58 34.67 -1.64 6.37
C ASP G 58 33.29 -1.33 6.93
N THR G 59 33.21 -1.01 8.22
CA THR G 59 31.91 -0.83 8.87
C THR G 59 31.30 0.54 8.63
N ILE G 60 32.10 1.53 8.21
CA ILE G 60 31.51 2.79 7.76
C ILE G 60 30.84 2.61 6.40
N CYS G 61 31.42 1.78 5.53
CA CYS G 61 30.75 1.47 4.26
C CYS G 61 29.49 0.64 4.49
N GLN G 62 29.58 -0.38 5.33
CA GLN G 62 28.44 -1.26 5.57
C GLN G 62 27.24 -0.51 6.08
N SER G 63 27.43 0.66 6.68
CA SER G 63 26.33 1.50 7.13
C SER G 63 25.79 2.38 6.02
N ILE G 64 26.65 2.80 5.09
CA ILE G 64 26.19 3.55 3.92
C ILE G 64 25.41 2.63 2.99
N GLN G 65 25.92 1.41 2.75
CA GLN G 65 25.26 0.50 1.84
C GLN G 65 23.85 0.14 2.32
N GLU G 66 23.65 0.07 3.64
CA GLU G 66 22.32 -0.24 4.16
C GLU G 66 21.38 0.94 4.03
N GLN G 67 21.90 2.17 4.08
CA GLN G 67 21.05 3.33 3.90
C GLN G 67 20.71 3.54 2.44
N ILE G 68 21.63 3.20 1.56
CA ILE G 68 21.34 3.16 0.13
C ILE G 68 20.33 2.05 -0.15
N GLN G 69 20.64 0.82 0.25
CA GLN G 69 19.78 -0.35 0.07
C GLN G 69 18.66 -0.41 1.09
N GLU G 70 18.25 0.75 1.60
CA GLU G 70 17.01 0.95 2.33
C GLU G 70 16.24 2.15 1.82
N PHE G 71 16.84 2.93 0.93
CA PHE G 71 16.27 4.21 0.53
C PHE G 71 14.99 3.99 -0.26
N GLN G 72 13.99 4.82 0.03
CA GLN G 72 12.69 4.75 -0.63
C GLN G 72 12.63 5.89 -1.65
N GLY G 73 12.94 5.58 -2.91
CA GLY G 73 12.88 6.55 -3.97
C GLY G 73 11.59 7.34 -3.95
N ASN G 74 11.59 8.51 -4.56
CA ASN G 74 10.40 9.35 -4.52
C ASN G 74 9.21 8.59 -5.09
N PRO G 75 8.33 8.03 -4.25
CA PRO G 75 7.28 7.16 -4.77
C PRO G 75 6.38 7.83 -5.79
N TYR G 76 6.32 9.15 -5.83
CA TYR G 76 5.54 9.83 -6.84
C TYR G 76 6.24 9.87 -8.20
N ILE G 77 7.41 9.25 -8.34
CA ILE G 77 8.07 9.11 -9.62
C ILE G 77 8.28 7.65 -9.99
N GLU G 78 8.61 6.80 -9.00
CA GLU G 78 8.82 5.38 -9.21
C GLU G 78 7.52 4.58 -9.23
N LEU G 79 6.37 5.25 -9.16
CA LEU G 79 5.08 4.57 -9.13
C LEU G 79 4.08 5.18 -10.09
N ASN G 80 4.41 6.28 -10.75
CA ASN G 80 3.55 6.84 -11.79
C ASN G 80 2.36 7.56 -11.19
N GLN G 81 2.65 8.50 -10.30
CA GLN G 81 1.64 9.34 -9.68
C GLN G 81 1.85 10.78 -10.13
N ASP G 82 1.82 11.01 -11.43
CA ASP G 82 2.15 12.30 -12.03
C ASP G 82 0.94 13.21 -11.92
N ARG G 83 0.83 13.90 -10.79
CA ARG G 83 -0.25 14.86 -10.57
C ARG G 83 0.34 16.27 -10.49
N LEU G 84 -0.15 17.15 -11.35
CA LEU G 84 0.24 18.55 -11.33
C LEU G 84 -0.11 19.17 -9.98
N GLY G 85 0.65 20.20 -9.60
CA GLY G 85 0.62 20.51 -8.19
C GLY G 85 0.97 19.23 -7.47
N GLY G 86 0.52 19.07 -6.25
CA GLY G 86 0.63 17.78 -5.62
C GLY G 86 -0.71 17.29 -5.12
N ASP G 87 -0.65 16.41 -4.13
CA ASP G 87 -1.80 16.02 -3.32
C ASP G 87 -2.00 16.92 -2.10
N ASP G 88 -1.14 17.91 -1.88
CA ASP G 88 -1.11 18.70 -0.65
C ASP G 88 -0.84 17.82 0.57
N LEU G 89 0.34 17.22 0.59
CA LEU G 89 0.76 16.48 1.77
C LEU G 89 1.90 17.20 2.50
N ARG G 90 1.65 18.40 3.00
CA ARG G 90 2.74 19.26 3.48
C ARG G 90 3.14 18.92 4.91
N ILE G 91 4.38 18.49 5.10
CA ILE G 91 4.93 18.29 6.42
C ILE G 91 5.67 19.55 6.83
N ARG G 92 6.26 19.54 8.02
CA ARG G 92 7.06 20.66 8.51
C ARG G 92 8.54 20.33 8.38
N ILE G 93 9.29 21.22 7.76
CA ILE G 93 10.74 21.07 7.68
C ILE G 93 11.36 21.93 8.76
N LYS G 94 12.09 21.29 9.68
CA LYS G 94 12.61 21.94 10.89
C LYS G 94 14.13 21.96 10.82
N LEU G 95 14.70 23.16 10.69
CA LEU G 95 16.14 23.32 10.61
C LEU G 95 16.73 23.78 11.94
N ASP G 96 17.71 23.02 12.45
CA ASP G 96 18.70 23.50 13.40
C ASP G 96 20.08 23.06 12.91
N ILE G 97 20.85 24.01 12.36
CA ILE G 97 22.07 23.70 11.63
C ILE G 97 23.20 24.59 12.12
N VAL G 98 24.31 23.97 12.49
CA VAL G 98 25.50 24.68 12.95
C VAL G 98 26.60 24.52 11.92
N VAL G 99 27.06 25.62 11.35
CA VAL G 99 28.24 25.66 10.50
C VAL G 99 29.21 26.63 11.15
N GLY G 100 30.18 26.09 11.88
CA GLY G 100 31.14 26.91 12.60
C GLY G 100 30.52 27.59 13.80
N GLN G 101 30.41 28.92 13.76
CA GLN G 101 29.76 29.66 14.83
C GLN G 101 28.47 30.31 14.38
N ASN G 102 27.92 29.91 13.24
CA ASN G 102 26.56 30.24 12.85
C ASN G 102 25.64 29.07 13.18
N GLN G 103 24.48 29.36 13.72
CA GLN G 103 23.44 28.35 13.90
C GLN G 103 22.16 28.91 13.32
N LEU G 104 21.61 28.22 12.32
CA LEU G 104 20.35 28.62 11.73
C LEU G 104 19.25 27.77 12.34
N ILE G 105 18.17 28.42 12.77
CA ILE G 105 16.96 27.77 13.24
C ILE G 105 15.83 28.21 12.33
N ASP G 106 15.02 27.27 11.85
CA ASP G 106 14.03 27.65 10.85
C ASP G 106 12.93 26.62 10.74
N GLN G 107 11.81 27.05 10.15
CA GLN G 107 10.71 26.13 9.90
C GLN G 107 9.92 26.57 8.68
N PHE G 108 9.75 25.67 7.72
CA PHE G 108 8.91 25.95 6.56
C PHE G 108 8.11 24.71 6.20
N GLU G 109 6.96 24.95 5.57
CA GLU G 109 6.10 23.86 5.08
C GLU G 109 6.62 23.33 3.75
N TRP G 110 6.70 22.02 3.63
CA TRP G 110 7.15 21.39 2.40
C TRP G 110 6.16 20.31 1.97
N ASP G 111 5.63 20.42 0.75
CA ASP G 111 4.75 19.40 0.18
C ASP G 111 5.58 18.20 -0.24
N ILE G 112 5.36 17.05 0.41
CA ILE G 112 6.14 15.85 0.10
C ILE G 112 5.59 15.07 -1.08
N SER G 113 4.56 15.56 -1.75
CA SER G 113 3.96 14.82 -2.85
C SER G 113 4.02 15.57 -4.18
N ASN G 114 4.68 16.72 -4.23
CA ASN G 114 4.91 17.43 -5.49
C ASN G 114 6.33 17.15 -5.93
N SER G 115 6.49 16.44 -7.05
CA SER G 115 7.81 16.04 -7.49
C SER G 115 8.61 17.20 -8.06
N ASP G 116 7.95 18.29 -8.43
CA ASP G 116 8.64 19.46 -8.94
C ASP G 116 9.37 20.24 -7.86
N ASN G 117 9.29 19.82 -6.60
CA ASN G 117 9.85 20.57 -5.48
C ASN G 117 11.34 20.30 -5.39
N CYS G 118 12.15 21.29 -5.72
CA CYS G 118 13.59 21.10 -5.70
C CYS G 118 14.13 21.49 -4.33
N PRO G 119 14.70 20.56 -3.57
CA PRO G 119 15.42 20.96 -2.34
C PRO G 119 16.61 21.89 -2.59
N GLU G 120 17.49 21.54 -3.53
CA GLU G 120 18.65 22.35 -3.84
C GLU G 120 18.26 23.71 -4.38
N GLU G 121 17.27 23.77 -5.26
CA GLU G 121 16.86 25.08 -5.78
C GLU G 121 16.49 26.01 -4.66
N PHE G 122 15.90 25.47 -3.58
CA PHE G 122 15.39 26.26 -2.47
C PHE G 122 16.51 26.64 -1.51
N ALA G 123 17.30 25.65 -1.08
CA ALA G 123 18.44 25.90 -0.21
C ALA G 123 19.32 27.01 -0.74
N GLU G 124 19.66 26.96 -2.02
CA GLU G 124 20.51 28.00 -2.58
C GLU G 124 19.84 29.35 -2.52
N SER G 125 18.51 29.40 -2.55
CA SER G 125 17.86 30.69 -2.49
C SER G 125 17.82 31.22 -1.07
N MET G 126 17.68 30.33 -0.09
CA MET G 126 17.80 30.76 1.30
C MET G 126 19.18 31.38 1.54
N CYS G 127 20.25 30.73 1.08
CA CYS G 127 21.60 31.23 1.32
C CYS G 127 21.89 32.53 0.60
N GLN G 128 21.01 33.01 -0.26
CA GLN G 128 21.22 34.31 -0.89
C GLN G 128 20.37 35.40 -0.25
N GLU G 129 19.16 35.07 0.17
CA GLU G 129 18.30 36.05 0.81
C GLU G 129 18.78 36.36 2.21
N LEU G 130 19.44 35.40 2.86
CA LEU G 130 19.90 35.51 4.23
C LEU G 130 21.42 35.61 4.32
N GLU G 131 22.11 35.76 3.19
CA GLU G 131 23.56 35.87 3.16
C GLU G 131 24.23 34.92 4.14
N LEU G 132 24.17 33.63 3.87
CA LEU G 132 24.65 32.59 4.75
C LEU G 132 25.98 32.04 4.26
N PRO G 133 26.85 31.62 5.17
CA PRO G 133 28.03 30.88 4.75
C PRO G 133 27.64 29.77 3.77
N GLY G 134 28.51 29.51 2.81
CA GLY G 134 28.17 28.60 1.73
C GLY G 134 27.80 27.20 2.17
N GLU G 135 28.35 26.73 3.29
CA GLU G 135 28.13 25.35 3.69
C GLU G 135 26.69 25.06 4.10
N PHE G 136 25.83 26.08 4.14
CA PHE G 136 24.44 25.85 4.51
C PHE G 136 23.63 25.30 3.34
N VAL G 137 23.97 25.67 2.11
CA VAL G 137 23.22 25.23 0.95
C VAL G 137 23.11 23.71 0.95
N THR G 138 24.19 23.00 1.27
CA THR G 138 24.15 21.55 1.24
C THR G 138 23.50 20.98 2.49
N ALA G 139 23.73 21.60 3.66
CA ALA G 139 23.11 21.13 4.90
C ALA G 139 21.59 21.28 4.86
N ILE G 140 21.09 22.43 4.40
CA ILE G 140 19.66 22.59 4.30
C ILE G 140 19.05 21.55 3.37
N ALA G 141 19.60 21.42 2.14
CA ALA G 141 19.04 20.47 1.17
C ALA G 141 19.13 19.04 1.66
N HIS G 142 20.22 18.65 2.32
CA HIS G 142 20.24 17.33 2.94
C HIS G 142 19.15 17.21 4.00
N SER G 143 18.75 18.33 4.61
CA SER G 143 17.79 18.27 5.69
C SER G 143 16.38 18.26 5.15
N ILE G 144 16.11 19.01 4.08
CA ILE G 144 14.84 18.83 3.36
C ILE G 144 14.71 17.40 2.84
N ARG G 145 15.79 16.81 2.33
CA ARG G 145 15.67 15.47 1.78
C ARG G 145 15.54 14.39 2.85
N GLU G 146 16.20 14.55 3.99
CA GLU G 146 16.09 13.53 5.04
C GLU G 146 14.68 13.51 5.64
N GLN G 147 14.08 14.68 5.84
CA GLN G 147 12.76 14.73 6.44
C GLN G 147 11.66 14.38 5.44
N VAL G 148 11.81 14.76 4.17
CA VAL G 148 10.86 14.33 3.15
C VAL G 148 10.93 12.83 2.96
N HIS G 149 12.11 12.25 3.08
CA HIS G 149 12.22 10.81 2.98
C HIS G 149 11.56 10.12 4.16
N MET G 150 11.71 10.67 5.37
CA MET G 150 11.13 10.05 6.55
C MET G 150 9.65 9.73 6.34
N TYR G 151 8.90 10.69 5.82
CA TYR G 151 7.48 10.43 5.58
C TYR G 151 7.28 9.41 4.47
N HIS G 152 8.03 9.53 3.36
CA HIS G 152 7.91 8.58 2.27
C HIS G 152 8.12 7.14 2.75
N LYS G 153 9.16 6.90 3.54
CA LYS G 153 9.41 5.54 4.00
C LYS G 153 8.45 5.12 5.10
N SER G 154 7.59 6.01 5.59
CA SER G 154 6.59 5.61 6.57
C SER G 154 5.20 5.51 5.95
N LEU G 155 4.81 6.50 5.14
CA LEU G 155 3.65 6.30 4.30
C LEU G 155 3.81 5.08 3.40
N ALA G 156 5.05 4.63 3.18
CA ALA G 156 5.28 3.42 2.39
C ALA G 156 4.95 2.17 3.20
N LEU G 157 5.60 2.01 4.35
CA LEU G 157 5.38 0.83 5.19
C LEU G 157 3.90 0.56 5.43
N LEU G 158 3.17 1.57 5.87
CA LEU G 158 1.77 1.41 6.23
C LEU G 158 0.92 1.09 5.00
N GLY G 159 1.55 1.04 3.83
CA GLY G 159 0.88 0.61 2.63
C GLY G 159 0.11 1.67 1.89
N TYR G 160 0.38 2.94 2.15
CA TYR G 160 -0.19 3.99 1.33
C TYR G 160 0.28 3.80 -0.11
N ASN G 161 -0.65 3.71 -1.05
CA ASN G 161 -0.29 3.56 -2.45
C ASN G 161 0.07 4.88 -3.12
N PHE G 162 0.06 5.98 -2.35
CA PHE G 162 0.37 7.31 -2.87
C PHE G 162 -0.66 7.73 -3.91
N ASP G 163 -1.90 7.28 -3.69
CA ASP G 163 -3.09 7.81 -4.33
C ASP G 163 -3.03 9.31 -4.52
N GLY G 164 -2.98 10.05 -3.43
CA GLY G 164 -3.57 11.36 -3.33
C GLY G 164 -4.82 11.36 -2.47
N SER G 165 -5.05 10.29 -1.72
CA SER G 165 -6.22 10.07 -0.91
C SER G 165 -5.92 10.42 0.54
N ALA G 166 -6.78 9.96 1.44
CA ALA G 166 -6.60 10.15 2.87
C ALA G 166 -5.58 9.16 3.42
N ILE G 167 -5.17 9.38 4.66
CA ILE G 167 -4.10 8.64 5.30
C ILE G 167 -4.70 7.67 6.29
N GLU G 168 -4.31 6.40 6.20
CA GLU G 168 -4.83 5.35 7.07
C GLU G 168 -4.35 5.47 8.50
N ASP G 169 -3.37 6.31 8.78
CA ASP G 169 -2.76 6.39 10.10
C ASP G 169 -3.08 7.75 10.69
N ASP G 170 -3.89 7.76 11.74
CA ASP G 170 -4.07 8.97 12.54
C ASP G 170 -2.71 9.57 12.89
N ASP G 171 -1.80 8.73 13.40
CA ASP G 171 -0.52 9.22 13.88
C ASP G 171 0.18 10.07 12.83
N ILE G 172 0.43 9.50 11.65
CA ILE G 172 1.10 10.26 10.59
C ILE G 172 0.18 11.32 10.00
N ARG G 173 -1.13 11.21 10.15
CA ARG G 173 -2.00 12.25 9.60
C ARG G 173 -2.04 13.50 10.45
N SER G 174 -1.62 13.43 11.71
CA SER G 174 -1.58 14.62 12.56
C SER G 174 -0.35 15.47 12.26
N ARG G 175 0.78 14.84 11.97
CA ARG G 175 1.97 15.57 11.56
C ARG G 175 1.83 16.23 10.19
N MET G 176 0.80 15.92 9.42
CA MET G 176 0.55 16.67 8.22
C MET G 176 -0.20 17.95 8.56
N LEU G 177 0.03 18.96 7.78
CA LEU G 177 -0.58 20.23 8.09
C LEU G 177 -1.99 20.32 7.52
N PRO G 178 -2.82 21.19 8.07
CA PRO G 178 -4.23 21.26 7.66
C PRO G 178 -4.45 21.90 6.31
N THR G 179 -5.71 22.00 5.91
CA THR G 179 -6.08 22.55 4.61
C THR G 179 -6.25 24.05 4.72
N ILE G 180 -5.73 24.78 3.74
CA ILE G 180 -5.63 26.24 3.83
C ILE G 180 -6.88 26.82 3.17
N THR G 181 -7.96 26.91 3.93
CA THR G 181 -9.05 27.76 3.48
C THR G 181 -8.54 29.19 3.32
N LEU G 182 -9.39 30.06 2.78
CA LEU G 182 -8.91 31.41 2.53
C LEU G 182 -8.62 32.18 3.81
N ASP G 183 -8.97 31.64 4.97
CA ASP G 183 -8.74 32.30 6.25
C ASP G 183 -7.41 31.93 6.88
N ASP G 184 -6.78 30.84 6.43
CA ASP G 184 -5.48 30.43 6.91
C ASP G 184 -4.33 30.91 6.04
N VAL G 185 -4.57 31.83 5.11
CA VAL G 185 -3.49 32.34 4.26
C VAL G 185 -2.59 33.18 5.13
N TYR G 186 -3.09 34.34 5.54
CA TYR G 186 -2.41 35.17 6.51
C TYR G 186 -2.12 34.39 7.78
N ARG G 187 -0.86 34.21 8.09
CA ARG G 187 -0.49 33.42 9.24
C ARG G 187 -0.93 34.12 10.52
N PRO G 188 -1.33 33.37 11.55
CA PRO G 188 -1.54 33.97 12.86
C PRO G 188 -0.22 34.40 13.48
N ALA G 189 -0.27 35.45 14.30
CA ALA G 189 0.97 35.96 14.88
C ALA G 189 1.68 34.93 15.74
N ALA G 190 0.96 33.97 16.29
CA ALA G 190 1.61 32.89 17.03
C ALA G 190 2.37 31.95 16.12
N GLU G 191 1.96 31.87 14.86
CA GLU G 191 2.55 30.97 13.89
C GLU G 191 3.76 31.59 13.20
N SER G 192 3.64 32.83 12.71
CA SER G 192 4.75 33.41 11.99
C SER G 192 6.03 33.37 12.81
N LYS G 193 5.93 33.62 14.11
CA LYS G 193 7.13 33.70 14.93
C LYS G 193 7.98 32.43 14.89
N ILE G 194 7.44 31.29 14.46
CA ILE G 194 8.28 30.11 14.27
C ILE G 194 8.50 29.76 12.82
N PHE G 195 7.72 30.30 11.89
CA PHE G 195 7.90 30.01 10.46
C PHE G 195 8.71 31.13 9.81
N THR G 196 9.97 31.17 10.22
CA THR G 196 10.87 32.25 9.89
C THR G 196 12.25 31.92 10.44
N PRO G 197 13.33 32.27 9.75
CA PRO G 197 14.67 31.93 10.24
C PRO G 197 15.21 32.94 11.25
N ASN G 198 16.07 32.44 12.12
CA ASN G 198 16.82 33.23 13.08
C ASN G 198 18.23 32.67 13.05
N LEU G 199 19.22 33.55 12.98
CA LEU G 199 20.61 33.15 12.81
C LEU G 199 21.44 33.65 14.00
N LEU G 200 21.84 32.73 14.85
CA LEU G 200 22.58 33.04 16.06
C LEU G 200 24.06 32.84 15.80
N GLN G 201 24.89 33.63 16.48
CA GLN G 201 26.31 33.35 16.60
C GLN G 201 26.57 32.71 17.95
N ILE G 202 27.26 31.58 17.95
CA ILE G 202 27.49 30.79 19.15
C ILE G 202 28.99 30.59 19.32
N SER G 203 29.36 30.09 20.50
CA SER G 203 30.75 29.90 20.91
C SER G 203 31.03 28.42 21.09
N ALA G 204 32.31 28.06 21.20
CA ALA G 204 32.61 26.68 21.54
C ALA G 204 31.97 26.29 22.86
N ALA G 205 31.74 27.25 23.76
CA ALA G 205 31.08 26.94 25.02
C ALA G 205 29.60 26.62 24.83
N GLU G 206 28.94 27.28 23.88
CA GLU G 206 27.53 27.00 23.60
C GLU G 206 27.37 25.81 22.67
N LEU G 207 28.32 25.57 21.77
CA LEU G 207 28.30 24.37 20.95
C LEU G 207 28.36 23.13 21.82
N GLU G 208 29.21 23.16 22.85
CA GLU G 208 29.30 22.04 23.78
C GLU G 208 27.96 21.79 24.47
N ARG G 209 27.12 22.81 24.61
CA ARG G 209 25.80 22.62 25.19
C ARG G 209 24.91 21.82 24.25
N LEU G 210 24.69 22.33 23.04
CA LEU G 210 23.84 21.67 22.05
C LEU G 210 24.28 20.23 21.81
N ASP G 211 25.58 20.02 21.62
CA ASP G 211 26.05 18.65 21.35
C ASP G 211 26.02 17.80 22.62
N LYS G 212 26.35 18.38 23.77
CA LYS G 212 26.21 17.63 25.02
C LYS G 212 24.79 17.12 25.20
N ASP G 213 23.81 17.91 24.73
CA ASP G 213 22.41 17.57 24.89
C ASP G 213 22.02 16.29 24.19
N LYS G 214 22.90 15.71 23.37
CA LYS G 214 22.55 14.53 22.59
C LYS G 214 22.22 13.35 23.50
N ASP G 215 20.92 13.12 23.71
CA ASP G 215 20.44 12.05 24.56
C ASP G 215 18.99 11.74 24.19
N ALA H 91 47.90 38.73 -5.41
CA ALA H 91 47.33 37.39 -5.31
C ALA H 91 48.40 36.30 -5.41
N HIS H 92 48.02 35.08 -5.03
CA HIS H 92 48.94 33.95 -5.08
C HIS H 92 49.23 33.54 -6.51
N GLU H 93 50.50 33.30 -6.81
CA GLU H 93 50.91 32.84 -8.12
C GLU H 93 50.31 31.46 -8.41
N ILE H 94 49.86 31.27 -9.65
CA ILE H 94 49.32 29.99 -10.10
C ILE H 94 50.46 29.13 -10.60
N VAL H 95 50.56 27.89 -10.08
CA VAL H 95 51.64 26.97 -10.40
C VAL H 95 51.02 25.61 -10.76
N ILE H 96 51.14 25.21 -12.03
CA ILE H 96 50.53 23.97 -12.50
C ILE H 96 51.57 23.21 -13.33
N PRO H 97 51.43 21.90 -13.43
CA PRO H 97 52.39 21.14 -14.24
C PRO H 97 52.33 21.53 -15.71
N SER H 98 53.43 21.28 -16.42
CA SER H 98 53.59 21.88 -17.74
C SER H 98 52.57 21.33 -18.73
N TYR H 99 52.12 20.09 -18.53
CA TYR H 99 51.16 19.43 -19.37
C TYR H 99 49.73 19.83 -19.05
N SER H 100 49.48 21.02 -18.49
CA SER H 100 48.11 21.43 -18.21
C SER H 100 47.89 22.91 -18.50
N LYS H 101 48.77 23.53 -19.26
CA LYS H 101 48.58 24.92 -19.64
C LYS H 101 47.31 25.11 -20.47
N TRP H 102 46.59 24.01 -20.70
CA TRP H 102 45.40 24.03 -21.54
C TRP H 102 44.15 24.41 -20.77
N PHE H 103 44.15 24.16 -19.47
CA PHE H 103 42.99 24.46 -18.63
C PHE H 103 42.68 25.94 -18.67
N ASN H 104 41.42 26.26 -18.87
CA ASN H 104 40.95 27.64 -18.90
C ASN H 104 39.67 27.71 -18.08
N LEU H 105 39.62 28.66 -17.14
CA LEU H 105 38.50 28.70 -16.20
C LEU H 105 37.19 29.04 -16.89
N GLU H 106 37.23 29.81 -17.97
CA GLU H 106 36.04 30.25 -18.68
C GLU H 106 35.66 29.33 -19.85
N LYS H 107 36.39 28.24 -20.06
CA LYS H 107 36.14 27.31 -21.15
C LYS H 107 36.14 25.90 -20.63
N ILE H 108 35.65 24.99 -21.45
CA ILE H 108 35.77 23.56 -21.20
C ILE H 108 36.61 22.99 -22.32
N HIS H 109 37.23 21.84 -22.05
CA HIS H 109 38.21 21.26 -22.94
C HIS H 109 37.90 19.79 -23.13
N SER H 110 38.29 19.26 -24.29
CA SER H 110 37.90 17.91 -24.68
C SER H 110 38.53 16.85 -23.79
N ILE H 111 39.67 17.18 -23.16
CA ILE H 111 40.23 16.30 -22.14
C ILE H 111 39.29 16.21 -20.94
N GLU H 112 38.68 17.33 -20.58
CA GLU H 112 37.70 17.31 -19.52
C GLU H 112 36.49 16.47 -19.91
N VAL H 113 35.88 16.78 -21.07
CA VAL H 113 34.74 16.01 -21.58
C VAL H 113 35.09 14.54 -21.74
N GLN H 114 36.30 14.24 -22.22
CA GLN H 114 36.67 12.84 -22.37
C GLN H 114 36.91 12.17 -21.04
N SER H 115 37.43 12.91 -20.03
CA SER H 115 37.75 12.30 -18.74
C SER H 115 36.52 12.15 -17.88
N LEU H 116 35.60 13.11 -17.91
CA LEU H 116 34.38 13.05 -17.12
C LEU H 116 33.15 13.13 -18.02
N PRO H 117 32.87 12.09 -18.81
CA PRO H 117 31.75 12.16 -19.76
C PRO H 117 30.40 12.36 -19.09
N GLU H 118 30.25 11.90 -17.85
CA GLU H 118 28.96 11.91 -17.19
C GLU H 118 28.43 13.32 -16.96
N PHE H 119 29.29 14.32 -16.97
CA PHE H 119 28.76 15.64 -16.66
C PHE H 119 28.09 16.29 -17.86
N PHE H 120 28.22 15.72 -19.04
CA PHE H 120 27.76 16.42 -20.23
C PHE H 120 26.68 15.65 -20.99
N THR H 121 26.23 14.50 -20.49
CA THR H 121 25.16 13.76 -21.16
C THR H 121 23.84 14.48 -21.15
N ASN H 122 23.63 15.40 -20.22
CA ASN H 122 22.46 16.26 -20.24
C ASN H 122 21.16 15.50 -19.97
N ARG H 123 21.24 14.37 -19.29
CA ARG H 123 20.04 13.67 -18.85
C ARG H 123 19.25 14.53 -17.88
N ILE H 124 19.79 14.74 -16.68
CA ILE H 124 19.18 15.61 -15.67
C ILE H 124 19.86 16.98 -15.76
N PRO H 125 19.24 18.06 -15.26
CA PRO H 125 19.90 19.37 -15.35
C PRO H 125 21.22 19.42 -14.59
N SER H 126 21.40 18.54 -13.60
CA SER H 126 22.64 18.47 -12.84
C SER H 126 23.84 18.14 -13.70
N LYS H 127 23.62 17.82 -14.97
CA LYS H 127 24.73 17.33 -15.79
C LYS H 127 24.86 18.15 -17.05
N THR H 128 24.81 19.47 -16.93
CA THR H 128 25.07 20.38 -18.03
C THR H 128 26.44 21.00 -17.92
N PRO H 129 26.92 21.65 -18.98
CA PRO H 129 28.25 22.26 -18.90
C PRO H 129 28.33 23.44 -17.96
N GLU H 130 27.25 24.18 -17.74
CA GLU H 130 27.33 25.36 -16.85
C GLU H 130 27.46 24.93 -15.39
N VAL H 131 26.75 23.88 -14.99
CA VAL H 131 26.93 23.35 -13.64
C VAL H 131 28.36 22.84 -13.46
N TYR H 132 28.84 22.05 -14.42
CA TYR H 132 30.20 21.49 -14.29
C TYR H 132 31.23 22.57 -14.07
N MET H 133 31.11 23.69 -14.76
CA MET H 133 32.09 24.74 -14.62
C MET H 133 32.00 25.40 -13.24
N ARG H 134 30.83 25.39 -12.61
CA ARG H 134 30.72 25.95 -11.27
C ARG H 134 31.33 25.02 -10.24
N TYR H 135 30.95 23.74 -10.24
CA TYR H 135 31.56 22.79 -9.33
C TYR H 135 33.07 22.81 -9.48
N ARG H 136 33.56 22.85 -10.70
CA ARG H 136 34.98 22.73 -10.98
C ARG H 136 35.74 23.99 -10.59
N ASN H 137 35.16 25.16 -10.85
CA ASN H 137 35.83 26.43 -10.60
C ASN H 137 35.91 26.73 -9.13
N PHE H 138 34.90 26.31 -8.36
CA PHE H 138 34.99 26.34 -6.92
C PHE H 138 36.24 25.60 -6.47
N MET H 139 36.28 24.28 -6.66
CA MET H 139 37.45 23.49 -6.29
C MET H 139 38.74 24.18 -6.72
N VAL H 140 38.79 24.74 -7.92
CA VAL H 140 40.06 25.27 -8.38
C VAL H 140 40.32 26.65 -7.78
N ASN H 141 39.31 27.51 -7.71
CA ASN H 141 39.50 28.83 -7.15
C ASN H 141 39.74 28.80 -5.64
N SER H 142 39.10 27.85 -4.93
CA SER H 142 39.32 27.71 -3.50
C SER H 142 40.72 27.20 -3.21
N TYR H 143 41.18 26.21 -3.97
CA TYR H 143 42.54 25.74 -3.75
C TYR H 143 43.55 26.83 -4.06
N ARG H 144 43.21 27.73 -4.98
CA ARG H 144 44.17 28.75 -5.36
C ARG H 144 44.25 29.90 -4.37
N LEU H 145 43.30 29.99 -3.44
CA LEU H 145 43.41 31.02 -2.40
C LEU H 145 44.43 30.61 -1.35
N ASN H 146 44.70 29.31 -1.23
CA ASN H 146 45.65 28.79 -0.25
C ASN H 146 46.37 27.57 -0.81
N PRO H 147 47.30 27.79 -1.73
CA PRO H 147 48.00 26.66 -2.34
C PRO H 147 48.61 25.72 -1.33
N ASN H 148 49.08 26.22 -0.19
CA ASN H 148 49.85 25.41 0.73
C ASN H 148 48.99 24.47 1.54
N GLU H 149 47.67 24.68 1.57
CA GLU H 149 46.74 23.83 2.29
C GLU H 149 45.99 22.88 1.37
N TYR H 150 45.85 21.63 1.80
CA TYR H 150 45.15 20.61 1.03
C TYR H 150 43.66 20.90 1.00
N PHE H 151 43.07 20.83 -0.19
CA PHE H 151 41.64 21.04 -0.38
C PHE H 151 41.02 19.69 -0.68
N SER H 152 39.94 19.35 0.02
CA SER H 152 39.51 17.97 0.19
C SER H 152 38.15 17.70 -0.47
N VAL H 153 37.90 16.43 -0.74
CA VAL H 153 36.56 16.02 -1.15
C VAL H 153 35.54 16.56 -0.16
N THR H 154 35.86 16.52 1.12
CA THR H 154 34.87 16.87 2.13
C THR H 154 34.54 18.36 2.06
N THR H 155 35.54 19.21 1.96
CA THR H 155 35.24 20.63 1.85
C THR H 155 34.42 20.93 0.61
N ALA H 156 34.52 20.09 -0.43
CA ALA H 156 33.81 20.28 -1.69
C ALA H 156 32.36 19.83 -1.61
N ARG H 157 32.12 18.64 -1.09
CA ARG H 157 30.73 18.22 -0.94
C ARG H 157 30.01 18.99 0.15
N ARG H 158 30.73 19.73 1.01
CA ARG H 158 30.06 20.63 1.94
C ARG H 158 29.72 21.98 1.32
N ASN H 159 30.43 22.41 0.30
CA ASN H 159 30.17 23.72 -0.28
C ASN H 159 29.43 23.66 -1.61
N VAL H 160 29.29 22.49 -2.22
CA VAL H 160 28.68 22.38 -3.54
C VAL H 160 27.51 21.41 -3.46
N SER H 161 26.33 21.87 -3.83
CA SER H 161 25.17 21.00 -3.85
C SER H 161 25.45 19.81 -4.75
N GLY H 162 24.72 18.73 -4.54
CA GLY H 162 24.88 17.64 -5.46
C GLY H 162 25.18 16.30 -4.84
N ASP H 163 26.01 15.52 -5.51
CA ASP H 163 26.16 14.10 -5.25
C ASP H 163 27.62 13.86 -4.94
N ALA H 164 27.90 13.38 -3.72
CA ALA H 164 29.27 13.29 -3.27
C ALA H 164 30.11 12.42 -4.19
N ALA H 165 29.48 11.46 -4.88
CA ALA H 165 30.27 10.57 -5.73
C ALA H 165 30.81 11.29 -6.96
N ALA H 166 30.13 12.35 -7.40
CA ALA H 166 30.54 13.10 -8.57
C ALA H 166 31.50 14.21 -8.20
N LEU H 167 31.30 14.84 -7.05
CA LEU H 167 32.32 15.70 -6.48
C LEU H 167 33.60 14.93 -6.23
N PHE H 168 33.49 13.70 -5.70
CA PHE H 168 34.68 12.88 -5.56
C PHE H 168 35.37 12.68 -6.89
N ARG H 169 34.59 12.37 -7.94
CA ARG H 169 35.21 12.08 -9.23
C ARG H 169 35.77 13.35 -9.87
N LEU H 170 35.08 14.48 -9.74
CA LEU H 170 35.63 15.74 -10.22
C LEU H 170 36.96 16.05 -9.53
N HIS H 171 37.06 15.77 -8.22
CA HIS H 171 38.27 16.06 -7.47
C HIS H 171 39.41 15.16 -7.90
N LYS H 172 39.13 13.87 -8.08
CA LYS H 172 40.16 12.94 -8.50
C LYS H 172 40.77 13.35 -9.82
N PHE H 173 39.94 13.87 -10.74
CA PHE H 173 40.43 14.37 -12.02
C PHE H 173 41.31 15.59 -11.83
N LEU H 174 40.77 16.67 -11.25
CA LEU H 174 41.56 17.89 -11.08
C LEU H 174 42.88 17.62 -10.37
N THR H 175 42.96 16.58 -9.57
CA THR H 175 44.20 16.22 -8.92
C THR H 175 45.18 15.56 -9.88
N LYS H 176 44.68 14.67 -10.76
CA LYS H 176 45.54 14.02 -11.75
C LYS H 176 46.27 15.03 -12.62
N TRP H 177 45.64 16.15 -12.95
CA TRP H 177 46.26 17.17 -13.76
C TRP H 177 46.87 18.30 -12.94
N GLY H 178 47.03 18.10 -11.63
CA GLY H 178 47.62 19.08 -10.75
C GLY H 178 46.99 20.45 -10.85
N LEU H 179 45.69 20.51 -11.08
CA LEU H 179 44.99 21.79 -11.04
C LEU H 179 44.38 22.08 -9.66
N ILE H 180 44.29 21.08 -8.80
CA ILE H 180 44.19 21.29 -7.36
C ILE H 180 45.33 20.53 -6.69
N ASN H 181 45.93 21.14 -5.67
CA ASN H 181 46.78 20.47 -4.69
C ASN H 181 48.19 20.20 -5.19
N TYR H 182 48.65 20.91 -6.21
CA TYR H 182 49.95 20.63 -6.81
C TYR H 182 51.10 21.10 -5.92
N GLN H 183 50.88 22.12 -5.10
CA GLN H 183 51.90 22.66 -4.21
C GLN H 183 51.71 22.26 -2.75
N VAL H 184 50.82 21.31 -2.44
CA VAL H 184 50.59 20.99 -1.05
C VAL H 184 51.76 20.24 -0.42
N ASP H 185 52.60 19.61 -1.24
CA ASP H 185 53.82 18.96 -0.77
C ASP H 185 55.01 19.49 -1.54
N SER H 186 56.14 19.60 -0.85
CA SER H 186 57.40 19.96 -1.50
C SER H 186 57.89 18.82 -2.35
N LYS H 187 58.42 19.14 -3.53
CA LYS H 187 58.88 18.12 -4.48
C LYS H 187 60.35 18.31 -4.85
N ALA I 91 1.08 54.35 -3.13
CA ALA I 91 1.32 55.78 -3.28
C ALA I 91 2.73 56.03 -3.81
N HIS I 92 3.48 54.95 -4.01
CA HIS I 92 4.85 55.02 -4.49
C HIS I 92 4.89 54.78 -6.00
N GLU I 93 5.84 55.44 -6.67
CA GLU I 93 5.95 55.39 -8.11
C GLU I 93 6.26 53.98 -8.62
N ILE I 94 5.30 53.34 -9.26
CA ILE I 94 5.49 51.98 -9.73
C ILE I 94 6.00 51.99 -11.17
N VAL I 95 6.84 51.03 -11.49
CA VAL I 95 7.40 50.87 -12.83
C VAL I 95 7.50 49.37 -13.10
N ILE I 96 6.61 48.85 -13.93
CA ILE I 96 6.71 47.48 -14.46
C ILE I 96 7.16 47.51 -15.91
N PRO I 97 7.75 46.44 -16.44
CA PRO I 97 8.04 46.37 -17.87
C PRO I 97 6.79 46.56 -18.71
N SER I 98 6.99 47.02 -19.95
CA SER I 98 5.84 47.37 -20.80
C SER I 98 5.02 46.16 -21.17
N TYR I 99 5.67 45.00 -21.28
CA TYR I 99 4.96 43.77 -21.63
C TYR I 99 4.12 43.21 -20.48
N SER I 100 3.84 44.03 -19.47
CA SER I 100 3.15 43.56 -18.29
C SER I 100 1.97 44.41 -17.87
N LYS I 101 1.65 45.46 -18.62
CA LYS I 101 0.51 46.33 -18.30
C LYS I 101 -0.77 45.52 -18.23
N TRP I 102 -0.69 44.23 -18.56
CA TRP I 102 -1.84 43.35 -18.49
C TRP I 102 -2.22 42.98 -17.08
N PHE I 103 -1.30 43.09 -16.14
CA PHE I 103 -1.53 42.64 -14.77
C PHE I 103 -2.51 43.54 -14.05
N ASN I 104 -3.44 42.94 -13.33
CA ASN I 104 -4.37 43.69 -12.53
C ASN I 104 -4.57 42.98 -11.20
N LEU I 105 -4.43 43.74 -10.10
CA LEU I 105 -4.53 43.15 -8.76
C LEU I 105 -5.91 42.57 -8.51
N GLU I 106 -6.95 43.25 -9.00
CA GLU I 106 -8.30 42.72 -8.83
C GLU I 106 -8.50 41.45 -9.64
N LYS I 107 -7.91 41.38 -10.82
CA LYS I 107 -8.14 40.28 -11.77
C LYS I 107 -7.01 39.26 -11.70
N ILE I 108 -7.23 38.13 -12.37
CA ILE I 108 -6.31 36.99 -12.31
C ILE I 108 -6.22 36.34 -13.70
N HIS I 109 -5.22 36.79 -14.47
CA HIS I 109 -5.10 36.66 -15.93
C HIS I 109 -4.74 35.24 -16.37
N SER I 110 -4.86 34.98 -17.67
CA SER I 110 -4.62 33.63 -18.21
C SER I 110 -3.15 33.34 -18.45
N ILE I 111 -2.30 34.38 -18.55
CA ILE I 111 -0.86 34.17 -18.54
C ILE I 111 -0.41 33.59 -17.21
N GLU I 112 -1.14 33.87 -16.12
CA GLU I 112 -0.85 33.28 -14.81
C GLU I 112 -1.40 31.86 -14.71
N VAL I 113 -2.61 31.65 -15.23
CA VAL I 113 -3.20 30.31 -15.23
C VAL I 113 -2.41 29.38 -16.13
N GLN I 114 -1.83 29.91 -17.21
CA GLN I 114 -0.97 29.07 -18.04
C GLN I 114 0.35 28.77 -17.33
N SER I 115 0.94 29.77 -16.67
CA SER I 115 2.28 29.65 -16.10
C SER I 115 2.31 29.06 -14.69
N LEU I 116 1.29 29.26 -13.87
CA LEU I 116 1.25 28.68 -12.53
C LEU I 116 0.08 27.69 -12.45
N PRO I 117 0.22 26.53 -13.08
CA PRO I 117 -0.91 25.59 -13.16
C PRO I 117 -1.33 24.98 -11.84
N GLU I 118 -0.50 24.99 -10.80
CA GLU I 118 -0.86 24.23 -9.61
C GLU I 118 -1.95 24.90 -8.79
N PHE I 119 -2.27 26.15 -9.07
CA PHE I 119 -3.33 26.85 -8.37
C PHE I 119 -4.64 26.85 -9.14
N PHE I 120 -4.67 26.21 -10.30
CA PHE I 120 -5.87 26.20 -11.13
C PHE I 120 -6.32 24.80 -11.51
N THR I 121 -5.80 23.78 -10.85
CA THR I 121 -6.48 22.50 -10.80
C THR I 121 -7.65 22.62 -9.86
N ASN I 122 -8.81 22.08 -10.25
CA ASN I 122 -9.93 21.99 -9.32
C ASN I 122 -9.88 20.71 -8.52
N ARG I 123 -8.67 20.29 -8.14
CA ARG I 123 -8.44 19.00 -7.53
C ARG I 123 -7.55 19.08 -6.29
N ILE I 124 -7.19 20.27 -5.85
CA ILE I 124 -6.30 20.41 -4.70
C ILE I 124 -6.83 21.49 -3.77
N PRO I 125 -7.39 21.13 -2.62
CA PRO I 125 -8.18 22.12 -1.87
C PRO I 125 -7.38 23.32 -1.41
N SER I 126 -6.10 23.15 -1.04
CA SER I 126 -5.34 24.28 -0.50
C SER I 126 -4.95 25.29 -1.58
N LYS I 127 -4.84 24.87 -2.83
CA LYS I 127 -4.39 25.76 -3.90
C LYS I 127 -5.60 26.08 -4.76
N THR I 128 -5.97 27.34 -4.84
CA THR I 128 -7.17 27.78 -5.53
C THR I 128 -6.97 29.23 -5.97
N PRO I 129 -7.75 29.70 -6.93
CA PRO I 129 -7.58 31.09 -7.37
C PRO I 129 -7.68 32.11 -6.24
N GLU I 130 -8.50 31.85 -5.22
CA GLU I 130 -8.58 32.84 -4.14
C GLU I 130 -7.37 32.76 -3.22
N VAL I 131 -7.01 31.56 -2.76
CA VAL I 131 -5.77 31.43 -2.00
C VAL I 131 -4.55 31.65 -2.87
N TYR I 132 -4.72 31.78 -4.19
CA TYR I 132 -3.63 32.23 -5.04
C TYR I 132 -3.61 33.75 -5.10
N MET I 133 -4.78 34.38 -5.21
CA MET I 133 -4.84 35.83 -5.33
C MET I 133 -4.35 36.51 -4.06
N ARG I 134 -4.37 35.80 -2.93
CA ARG I 134 -3.82 36.30 -1.68
C ARG I 134 -2.30 36.18 -1.66
N TYR I 135 -1.78 34.96 -1.84
CA TYR I 135 -0.35 34.78 -2.00
C TYR I 135 0.25 35.83 -2.94
N ARG I 136 -0.33 35.98 -4.13
CA ARG I 136 0.30 36.83 -5.13
C ARG I 136 0.11 38.31 -4.79
N ASN I 137 -1.06 38.71 -4.32
CA ASN I 137 -1.24 40.14 -4.04
C ASN I 137 -0.46 40.57 -2.80
N PHE I 138 -0.13 39.64 -1.91
CA PHE I 138 0.70 40.02 -0.78
C PHE I 138 2.11 40.37 -1.24
N MET I 139 2.72 39.51 -2.07
CA MET I 139 4.04 39.82 -2.60
C MET I 139 4.06 41.15 -3.32
N VAL I 140 3.01 41.44 -4.09
CA VAL I 140 3.07 42.63 -4.93
C VAL I 140 2.84 43.89 -4.10
N ASN I 141 1.85 43.87 -3.20
CA ASN I 141 1.58 45.06 -2.40
C ASN I 141 2.71 45.36 -1.42
N SER I 142 3.39 44.32 -0.92
CA SER I 142 4.59 44.54 -0.12
C SER I 142 5.67 45.26 -0.92
N TYR I 143 6.14 44.66 -2.00
CA TYR I 143 7.25 45.23 -2.76
C TYR I 143 6.97 46.65 -3.26
N ARG I 144 5.73 47.05 -3.41
CA ARG I 144 5.43 48.41 -3.84
C ARG I 144 5.26 49.38 -2.68
N LEU I 145 5.40 48.90 -1.43
CA LEU I 145 5.56 49.82 -0.31
C LEU I 145 6.95 50.41 -0.28
N ASN I 146 7.96 49.61 -0.62
CA ASN I 146 9.33 50.10 -0.75
C ASN I 146 10.00 49.49 -1.98
N PRO I 147 9.76 50.06 -3.16
CA PRO I 147 10.22 49.43 -4.41
C PRO I 147 11.71 49.33 -4.54
N ASN I 148 12.48 50.05 -3.73
CA ASN I 148 13.93 50.00 -3.87
C ASN I 148 14.54 48.85 -3.08
N GLU I 149 13.75 48.16 -2.25
CA GLU I 149 14.25 47.03 -1.47
C GLU I 149 13.73 45.72 -2.05
N TYR I 150 14.63 44.76 -2.17
CA TYR I 150 14.27 43.42 -2.59
C TYR I 150 13.23 42.82 -1.66
N PHE I 151 12.25 42.12 -2.24
CA PHE I 151 11.25 41.36 -1.51
C PHE I 151 11.54 39.87 -1.68
N SER I 152 11.42 39.12 -0.60
CA SER I 152 12.09 37.82 -0.49
C SER I 152 11.09 36.72 -0.22
N VAL I 153 11.50 35.48 -0.53
CA VAL I 153 10.62 34.33 -0.33
C VAL I 153 10.45 34.08 1.16
N THR I 154 11.47 34.39 1.95
CA THR I 154 11.40 34.15 3.38
C THR I 154 10.35 35.04 4.03
N THR I 155 10.33 36.33 3.68
CA THR I 155 9.21 37.16 4.12
C THR I 155 7.89 36.46 3.84
N ALA I 156 7.59 36.24 2.56
CA ALA I 156 6.31 35.65 2.17
C ALA I 156 5.97 34.40 2.97
N ARG I 157 6.91 33.47 3.11
CA ARG I 157 6.54 32.27 3.87
C ARG I 157 6.45 32.48 5.38
N ARG I 158 6.92 33.61 5.91
CA ARG I 158 6.63 33.92 7.32
C ARG I 158 5.18 34.37 7.47
N ASN I 159 4.73 35.24 6.55
CA ASN I 159 3.41 35.83 6.59
C ASN I 159 2.28 34.88 6.16
N VAL I 160 2.50 33.99 5.18
CA VAL I 160 1.39 33.22 4.62
C VAL I 160 1.69 31.73 4.65
N SER I 161 0.70 30.94 5.05
CA SER I 161 0.84 29.50 5.01
C SER I 161 0.74 29.00 3.58
N GLY I 162 1.38 27.87 3.33
CA GLY I 162 1.50 27.36 1.99
C GLY I 162 2.73 26.48 1.86
N ASP I 163 2.77 25.73 0.77
CA ASP I 163 3.99 25.05 0.38
C ASP I 163 5.04 26.11 0.07
N ALA I 164 6.21 25.98 0.68
CA ALA I 164 7.22 27.00 0.44
C ALA I 164 7.79 26.86 -0.97
N ALA I 165 7.85 25.64 -1.50
CA ALA I 165 8.22 25.45 -2.90
C ALA I 165 7.24 26.16 -3.83
N ALA I 166 5.94 26.08 -3.54
CA ALA I 166 4.95 26.81 -4.33
C ALA I 166 5.06 28.31 -4.16
N LEU I 167 5.43 28.81 -2.97
CA LEU I 167 5.66 30.24 -2.86
C LEU I 167 6.92 30.67 -3.61
N PHE I 168 7.93 29.79 -3.67
CA PHE I 168 9.09 30.02 -4.50
C PHE I 168 8.70 30.27 -5.95
N ARG I 169 7.87 29.38 -6.51
CA ARG I 169 7.49 29.48 -7.91
C ARG I 169 6.65 30.71 -8.17
N LEU I 170 5.68 30.99 -7.30
CA LEU I 170 4.91 32.22 -7.43
C LEU I 170 5.83 33.43 -7.36
N HIS I 171 6.86 33.38 -6.51
CA HIS I 171 7.89 34.40 -6.51
C HIS I 171 8.67 34.43 -7.82
N LYS I 172 9.10 33.27 -8.33
CA LYS I 172 9.83 33.27 -9.60
C LYS I 172 9.00 33.84 -10.72
N PHE I 173 7.69 33.55 -10.74
CA PHE I 173 6.84 34.08 -11.79
C PHE I 173 6.83 35.61 -11.76
N LEU I 174 6.46 36.19 -10.62
CA LEU I 174 6.35 37.66 -10.54
C LEU I 174 7.68 38.34 -10.82
N THR I 175 8.79 37.68 -10.53
CA THR I 175 10.11 38.25 -10.81
C THR I 175 10.36 38.35 -12.30
N LYS I 176 10.12 37.26 -13.03
CA LYS I 176 10.34 37.24 -14.47
C LYS I 176 9.57 38.35 -15.18
N TRP I 177 8.31 38.55 -14.80
CA TRP I 177 7.49 39.59 -15.42
C TRP I 177 7.72 40.95 -14.82
N GLY I 178 8.66 41.09 -13.89
CA GLY I 178 8.95 42.38 -13.33
C GLY I 178 7.82 42.95 -12.51
N LEU I 179 6.97 42.10 -11.98
CA LEU I 179 5.92 42.56 -11.10
C LEU I 179 6.39 42.74 -9.67
N ILE I 180 7.53 42.13 -9.30
CA ILE I 180 8.21 42.41 -8.06
C ILE I 180 9.70 42.48 -8.37
N ASN I 181 10.42 43.17 -7.49
CA ASN I 181 11.87 43.23 -7.46
C ASN I 181 12.46 43.93 -8.67
N TYR I 182 11.66 44.70 -9.40
CA TYR I 182 12.06 45.21 -10.71
C TYR I 182 12.92 46.46 -10.62
N GLN I 183 12.75 47.28 -9.59
CA GLN I 183 13.49 48.52 -9.48
C GLN I 183 14.59 48.47 -8.43
N VAL I 184 14.95 47.27 -7.95
CA VAL I 184 15.93 47.13 -6.88
C VAL I 184 17.27 47.63 -7.35
N ASP I 185 17.58 48.89 -7.02
CA ASP I 185 18.86 49.49 -7.36
C ASP I 185 19.98 48.74 -6.66
N SER J 1 5.10 52.71 49.21
CA SER J 1 5.50 51.62 48.32
C SER J 1 5.23 51.98 46.87
N GLU J 2 5.73 51.15 45.95
CA GLU J 2 5.52 51.35 44.52
C GLU J 2 4.21 50.73 44.08
N GLN J 3 3.41 51.49 43.36
CA GLN J 3 2.18 50.94 42.79
C GLN J 3 2.06 51.47 41.36
N LEU J 4 2.83 50.85 40.46
CA LEU J 4 2.78 51.17 39.05
C LEU J 4 1.76 50.25 38.37
N VAL J 5 0.63 50.84 38.01
CA VAL J 5 -0.47 50.14 37.38
C VAL J 5 -0.18 49.98 35.90
N PRO J 6 0.10 48.77 35.41
CA PRO J 6 0.19 48.59 33.96
C PRO J 6 -1.15 48.84 33.32
N ILE J 7 -1.30 49.89 32.53
CA ILE J 7 -2.57 50.23 31.90
C ILE J 7 -2.53 49.79 30.44
N ARG J 8 -3.68 49.33 29.93
CA ARG J 8 -3.80 48.97 28.54
C ARG J 8 -5.11 49.51 27.99
N LEU J 9 -5.04 50.21 26.87
CA LEU J 9 -6.22 50.77 26.24
C LEU J 9 -6.40 50.13 24.86
N GLU J 10 -7.46 49.33 24.71
CA GLU J 10 -7.81 48.68 23.44
C GLU J 10 -9.23 49.11 23.07
N PHE J 11 -9.35 49.92 22.02
CA PHE J 11 -10.64 50.41 21.55
C PHE J 11 -10.68 50.31 20.03
N ASP J 12 -11.58 49.46 19.52
CA ASP J 12 -11.75 49.26 18.09
C ASP J 12 -12.90 50.11 17.56
N GLN J 13 -13.28 49.88 16.30
CA GLN J 13 -14.41 50.55 15.67
C GLN J 13 -15.70 49.73 15.72
N ASP J 14 -15.59 48.42 15.89
CA ASP J 14 -16.74 47.54 15.98
C ASP J 14 -17.65 47.94 17.15
N ARG J 15 -17.20 47.65 18.37
CA ARG J 15 -18.03 47.78 19.56
C ARG J 15 -17.85 49.10 20.29
N ASP J 16 -16.96 49.98 19.84
CA ASP J 16 -16.60 51.18 20.59
C ASP J 16 -16.96 52.48 19.88
N ARG J 17 -16.70 52.58 18.57
CA ARG J 17 -17.04 53.75 17.76
C ARG J 17 -15.94 54.81 17.79
N PHE J 18 -14.70 54.38 18.03
CA PHE J 18 -13.49 55.20 17.90
C PHE J 18 -12.33 54.25 18.10
N PHE J 19 -11.20 54.56 17.46
CA PHE J 19 -10.04 53.69 17.52
C PHE J 19 -8.96 54.28 18.41
N LEU J 20 -8.32 53.40 19.20
CA LEU J 20 -7.30 53.81 20.14
C LEU J 20 -6.58 52.58 20.65
N ARG J 21 -5.25 52.66 20.74
CA ARG J 21 -4.47 51.59 21.32
C ARG J 21 -3.26 52.22 21.99
N ASP J 22 -3.03 51.89 23.26
CA ASP J 22 -1.98 52.56 24.01
C ASP J 22 -1.66 51.80 25.29
N THR J 23 -0.43 51.95 25.76
CA THR J 23 -0.02 51.41 27.05
C THR J 23 0.70 52.48 27.85
N LEU J 24 0.57 52.41 29.17
CA LEU J 24 1.25 53.39 30.01
C LEU J 24 1.29 52.86 31.44
N LEU J 25 2.16 53.44 32.23
CA LEU J 25 2.24 53.17 33.65
C LEU J 25 1.57 54.31 34.37
N TRP J 26 0.73 53.98 35.33
CA TRP J 26 0.04 54.96 36.14
C TRP J 26 0.38 54.71 37.60
N ASN J 27 0.97 55.73 38.25
CA ASN J 27 1.37 55.67 39.66
C ASN J 27 0.17 55.97 40.56
N LYS J 28 -0.31 54.94 41.24
CA LYS J 28 -1.49 55.09 42.09
C LYS J 28 -1.23 56.07 43.23
N ASN J 29 -0.05 55.99 43.86
CA ASN J 29 0.30 56.85 44.99
C ASN J 29 0.23 58.33 44.64
N ASP J 30 0.38 58.70 43.38
CA ASP J 30 0.25 60.10 42.98
C ASP J 30 -1.21 60.36 42.68
N LYS J 31 -1.78 61.36 43.34
CA LYS J 31 -3.22 61.61 43.25
C LYS J 31 -3.54 63.00 42.73
N LEU J 32 -2.60 63.69 42.11
CA LEU J 32 -2.82 65.10 41.80
C LEU J 32 -2.71 65.48 40.32
N ILE J 33 -2.42 64.54 39.42
CA ILE J 33 -2.74 64.72 38.01
C ILE J 33 -4.09 64.04 37.76
N LYS J 34 -5.06 64.81 37.28
CA LYS J 34 -6.38 64.25 37.02
C LYS J 34 -6.37 63.36 35.77
N ILE J 35 -6.91 62.16 35.89
CA ILE J 35 -6.99 61.27 34.74
C ILE J 35 -7.64 61.99 33.56
N GLU J 36 -8.70 62.76 33.82
CA GLU J 36 -9.39 63.46 32.75
C GLU J 36 -8.46 64.40 32.00
N ASP J 37 -7.56 65.09 32.71
CA ASP J 37 -6.66 66.02 32.04
C ASP J 37 -5.63 65.27 31.21
N PHE J 38 -5.22 64.10 31.68
CA PHE J 38 -4.22 63.32 30.97
C PHE J 38 -4.79 62.74 29.69
N VAL J 39 -6.01 62.19 29.75
CA VAL J 39 -6.63 61.61 28.57
C VAL J 39 -6.96 62.70 27.56
N ASP J 40 -7.41 63.86 28.02
CA ASP J 40 -7.77 64.92 27.08
C ASP J 40 -6.58 65.37 26.28
N ASP J 41 -5.38 65.25 26.84
CA ASP J 41 -4.17 65.58 26.11
C ASP J 41 -3.67 64.40 25.30
N MET J 42 -3.96 63.18 25.76
CA MET J 42 -3.62 61.98 24.98
C MET J 42 -4.33 62.00 23.63
N LEU J 43 -5.55 62.53 23.58
CA LEU J 43 -6.41 62.54 22.40
C LEU J 43 -6.49 63.92 21.76
N ARG J 44 -5.41 64.69 21.75
CA ARG J 44 -5.46 65.97 21.04
C ARG J 44 -4.96 65.83 19.60
N ASP J 45 -4.85 64.61 19.10
CA ASP J 45 -4.66 64.30 17.68
C ASP J 45 -5.94 63.79 17.01
N TYR J 46 -7.10 63.93 17.66
CA TYR J 46 -8.37 63.42 17.15
C TYR J 46 -9.33 64.54 16.83
N ARG J 53 -20.98 64.51 19.53
CA ARG J 53 -19.73 65.15 19.90
C ARG J 53 -18.60 64.14 20.08
N GLU J 54 -17.37 64.63 20.01
CA GLU J 54 -16.18 63.81 20.18
C GLU J 54 -15.73 63.81 21.65
N GLN J 55 -16.64 63.36 22.52
CA GLN J 55 -16.33 63.32 23.94
C GLN J 55 -16.45 61.89 24.49
N HIS J 56 -15.69 60.97 23.88
CA HIS J 56 -15.52 59.60 24.37
C HIS J 56 -14.49 59.53 25.48
N ILE J 57 -14.14 60.68 26.04
CA ILE J 57 -13.10 60.71 27.07
C ILE J 57 -13.55 59.93 28.31
N ASP J 58 -14.80 60.10 28.74
CA ASP J 58 -15.27 59.38 29.92
C ASP J 58 -15.01 57.89 29.80
N THR J 59 -15.33 57.31 28.65
CA THR J 59 -15.17 55.87 28.48
C THR J 59 -13.72 55.47 28.71
N ILE J 60 -12.77 56.29 28.26
CA ILE J 60 -11.36 55.99 28.48
C ILE J 60 -10.98 56.26 29.94
N CYS J 61 -11.43 57.39 30.50
CA CYS J 61 -11.17 57.64 31.91
C CYS J 61 -11.76 56.53 32.77
N GLN J 62 -12.99 56.13 32.48
CA GLN J 62 -13.63 55.07 33.27
C GLN J 62 -12.87 53.77 33.13
N SER J 63 -12.13 53.60 32.03
CA SER J 63 -11.38 52.38 31.77
C SER J 63 -10.08 52.37 32.56
N ILE J 64 -9.41 53.52 32.63
CA ILE J 64 -8.17 53.62 33.40
C ILE J 64 -8.47 53.44 34.89
N GLN J 65 -9.50 54.14 35.39
CA GLN J 65 -9.93 53.97 36.77
C GLN J 65 -10.07 52.50 37.13
N GLU J 66 -10.78 51.73 36.30
CA GLU J 66 -11.10 50.37 36.65
C GLU J 66 -9.84 49.54 36.87
N GLN J 67 -8.87 49.66 35.99
CA GLN J 67 -7.64 48.91 36.12
C GLN J 67 -6.84 49.36 37.33
N ILE J 68 -7.06 50.61 37.75
CA ILE J 68 -6.34 51.18 38.88
C ILE J 68 -6.82 50.56 40.19
N GLN J 69 -8.15 50.50 40.37
CA GLN J 69 -8.70 49.99 41.63
C GLN J 69 -8.67 48.47 41.69
N GLU J 70 -8.75 47.78 40.56
CA GLU J 70 -8.52 46.35 40.55
C GLU J 70 -7.04 46.00 40.71
N PHE J 71 -6.16 46.97 40.48
CA PHE J 71 -4.73 46.69 40.50
C PHE J 71 -4.31 46.08 41.84
N GLN J 72 -3.29 45.24 41.77
CA GLN J 72 -2.77 44.52 42.93
C GLN J 72 -1.28 44.82 43.08
N GLY J 73 -0.95 45.75 43.96
CA GLY J 73 0.44 46.05 44.24
C GLY J 73 1.21 44.79 44.64
N ASN J 74 2.52 44.85 44.46
CA ASN J 74 3.32 43.66 44.69
C ASN J 74 3.04 43.06 46.07
N PRO J 75 2.31 41.94 46.13
CA PRO J 75 1.90 41.40 47.43
C PRO J 75 3.06 41.04 48.34
N TYR J 76 4.27 40.99 47.82
CA TYR J 76 5.41 40.65 48.66
C TYR J 76 5.89 41.85 49.48
N ILE J 77 5.19 42.98 49.40
CA ILE J 77 5.44 44.13 50.25
C ILE J 77 4.12 44.49 50.92
N GLU J 78 3.02 44.30 50.19
CA GLU J 78 1.70 44.59 50.75
C GLU J 78 1.44 43.76 52.01
N LEU J 79 1.66 42.45 51.94
CA LEU J 79 1.46 41.56 53.08
C LEU J 79 2.73 41.35 53.90
N ASN J 80 3.82 42.04 53.57
CA ASN J 80 5.08 41.93 54.32
C ASN J 80 5.58 40.47 54.32
N GLN J 81 5.96 40.02 53.13
CA GLN J 81 6.48 38.67 52.95
C GLN J 81 7.82 38.71 52.22
N ASP J 82 8.65 39.68 52.54
CA ASP J 82 9.97 39.79 51.94
C ASP J 82 10.95 38.79 52.55
N ARG J 83 11.64 38.05 51.69
CA ARG J 83 12.73 37.18 52.09
C ARG J 83 13.82 37.32 51.04
N LEU J 84 15.05 37.52 51.48
CA LEU J 84 16.12 37.75 50.53
C LEU J 84 16.16 36.64 49.48
N GLY J 85 16.11 37.03 48.21
CA GLY J 85 16.27 36.11 47.11
C GLY J 85 14.96 35.62 46.52
N GLY J 86 13.92 35.49 47.32
CA GLY J 86 12.58 35.20 46.83
C GLY J 86 12.17 33.75 47.09
N ASP J 87 10.94 33.45 46.70
CA ASP J 87 10.36 32.12 46.86
C ASP J 87 10.56 31.21 45.66
N ASP J 88 11.17 31.71 44.58
CA ASP J 88 11.32 30.93 43.35
C ASP J 88 10.00 30.68 42.64
N LEU J 89 9.31 31.73 42.22
CA LEU J 89 8.07 31.60 41.44
C LEU J 89 8.30 32.27 40.09
N ARG J 90 8.96 31.55 39.18
CA ARG J 90 9.34 32.11 37.89
C ARG J 90 8.21 31.91 36.88
N ILE J 91 7.82 32.97 36.19
CA ILE J 91 6.93 32.87 35.06
C ILE J 91 7.75 33.02 33.77
N ARG J 92 7.13 32.72 32.64
CA ARG J 92 7.74 33.04 31.35
C ARG J 92 7.16 34.35 30.87
N ILE J 93 8.03 35.31 30.56
CA ILE J 93 7.63 36.57 29.97
C ILE J 93 7.78 36.41 28.48
N LYS J 94 6.68 36.61 27.76
CA LYS J 94 6.66 36.53 26.32
C LYS J 94 6.53 37.95 25.77
N LEU J 95 7.52 38.40 25.02
CA LEU J 95 7.49 39.69 24.36
C LEU J 95 7.23 39.51 22.87
N ASP J 96 6.41 40.39 22.32
CA ASP J 96 6.08 40.46 20.90
C ASP J 96 5.69 41.91 20.68
N ILE J 97 6.66 42.74 20.32
CA ILE J 97 6.50 44.18 20.34
C ILE J 97 6.89 44.75 18.98
N VAL J 98 6.12 45.73 18.52
CA VAL J 98 6.36 46.38 17.24
C VAL J 98 6.51 47.87 17.49
N VAL J 99 7.64 48.43 17.07
CA VAL J 99 7.85 49.87 17.05
C VAL J 99 8.31 50.22 15.65
N GLY J 100 7.53 51.03 14.95
CA GLY J 100 7.83 51.30 13.56
C GLY J 100 7.80 50.04 12.73
N GLN J 101 8.95 49.66 12.18
CA GLN J 101 9.09 48.44 11.42
C GLN J 101 9.90 47.37 12.16
N ASN J 102 10.44 47.69 13.33
CA ASN J 102 11.10 46.71 14.19
C ASN J 102 10.07 45.91 14.96
N GLN J 103 10.30 44.61 15.08
CA GLN J 103 9.42 43.78 15.88
C GLN J 103 10.25 42.77 16.65
N LEU J 104 10.10 42.76 17.97
CA LEU J 104 10.93 41.94 18.83
C LEU J 104 10.10 40.79 19.40
N ILE J 105 10.60 39.57 19.22
CA ILE J 105 9.99 38.36 19.76
C ILE J 105 10.99 37.79 20.74
N ASP J 106 10.56 37.54 21.97
CA ASP J 106 11.49 37.09 22.98
C ASP J 106 10.73 36.34 24.07
N GLN J 107 11.46 35.57 24.86
CA GLN J 107 10.87 34.86 25.98
C GLN J 107 11.93 34.68 27.05
N PHE J 108 11.67 35.14 28.27
CA PHE J 108 12.60 34.91 29.37
C PHE J 108 11.87 34.55 30.65
N GLU J 109 12.59 33.85 31.52
CA GLU J 109 12.11 33.54 32.86
C GLU J 109 12.24 34.74 33.79
N TRP J 110 11.24 34.96 34.62
CA TRP J 110 11.20 36.06 35.57
C TRP J 110 10.59 35.57 36.86
N ASP J 111 11.25 35.90 37.97
CA ASP J 111 10.77 35.52 39.30
C ASP J 111 9.81 36.58 39.81
N ILE J 112 8.55 36.19 40.05
CA ILE J 112 7.55 37.15 40.53
C ILE J 112 7.51 37.27 42.05
N SER J 113 8.28 36.46 42.76
CA SER J 113 8.31 36.52 44.21
C SER J 113 9.62 37.09 44.73
N ASN J 114 10.23 38.00 43.98
CA ASN J 114 11.49 38.64 44.36
C ASN J 114 11.36 40.14 44.09
N SER J 115 11.04 40.91 45.12
CA SER J 115 10.76 42.33 44.93
C SER J 115 11.96 43.10 44.40
N ASP J 116 13.18 42.60 44.60
CA ASP J 116 14.37 43.28 44.11
C ASP J 116 14.45 43.34 42.59
N ASN J 117 13.63 42.58 41.87
CA ASN J 117 13.72 42.48 40.42
C ASN J 117 13.14 43.73 39.79
N CYS J 118 13.95 44.42 38.99
CA CYS J 118 13.54 45.71 38.46
C CYS J 118 13.30 45.62 36.96
N PRO J 119 12.06 45.78 36.49
CA PRO J 119 11.82 45.67 35.05
C PRO J 119 12.48 46.76 34.23
N GLU J 120 12.46 48.01 34.68
CA GLU J 120 13.14 49.06 33.93
C GLU J 120 14.63 48.79 33.80
N GLU J 121 15.24 48.18 34.80
CA GLU J 121 16.67 47.90 34.72
C GLU J 121 16.96 46.91 33.60
N PHE J 122 16.18 45.83 33.56
CA PHE J 122 16.36 44.77 32.58
C PHE J 122 16.01 45.24 31.16
N ALA J 123 14.98 46.05 31.03
CA ALA J 123 14.65 46.69 29.77
C ALA J 123 15.83 47.48 29.19
N GLU J 124 16.41 48.38 30.00
CA GLU J 124 17.49 49.24 29.52
C GLU J 124 18.69 48.44 29.06
N SER J 125 19.02 47.37 29.79
CA SER J 125 20.11 46.50 29.38
C SER J 125 19.80 45.86 28.04
N MET J 126 18.54 45.52 27.79
CA MET J 126 18.13 44.88 26.54
C MET J 126 18.34 45.83 25.35
N CYS J 127 17.70 46.99 25.36
CA CYS J 127 17.88 47.94 24.27
C CYS J 127 19.29 48.45 24.11
N GLN J 128 20.26 47.88 24.80
CA GLN J 128 21.63 48.25 24.58
C GLN J 128 22.49 47.07 24.23
N GLU J 129 22.14 45.88 24.71
CA GLU J 129 22.77 44.65 24.25
C GLU J 129 22.28 44.28 22.84
N LEU J 130 21.00 44.45 22.57
CA LEU J 130 20.42 44.17 21.26
C LEU J 130 20.37 45.39 20.38
N GLU J 131 20.89 46.51 20.84
CA GLU J 131 20.68 47.72 20.06
C GLU J 131 19.20 47.79 19.72
N LEU J 132 18.39 48.20 20.65
CA LEU J 132 17.02 48.43 20.26
C LEU J 132 16.77 49.92 20.20
N PRO J 133 15.88 50.37 19.32
CA PRO J 133 15.43 51.77 19.40
C PRO J 133 14.96 52.13 20.81
N GLY J 134 15.06 53.41 21.16
CA GLY J 134 14.70 53.82 22.50
C GLY J 134 13.31 53.40 22.91
N GLU J 135 12.35 53.49 21.98
CA GLU J 135 10.95 53.21 22.31
C GLU J 135 10.78 51.86 23.00
N PHE J 136 11.75 50.96 22.89
CA PHE J 136 11.55 49.61 23.41
C PHE J 136 11.74 49.51 24.91
N VAL J 137 12.30 50.54 25.55
CA VAL J 137 12.55 50.46 26.98
C VAL J 137 11.23 50.42 27.74
N THR J 138 10.33 51.36 27.45
CA THR J 138 9.08 51.40 28.19
C THR J 138 8.20 50.23 27.83
N ALA J 139 8.21 49.84 26.55
CA ALA J 139 7.37 48.75 26.07
C ALA J 139 7.77 47.42 26.67
N ILE J 140 9.08 47.22 26.91
CA ILE J 140 9.51 45.96 27.52
C ILE J 140 9.18 45.95 28.99
N ALA J 141 9.38 47.09 29.66
CA ALA J 141 9.14 47.18 31.09
C ALA J 141 7.67 47.05 31.38
N HIS J 142 6.84 47.70 30.56
CA HIS J 142 5.39 47.55 30.69
C HIS J 142 4.98 46.10 30.56
N SER J 143 5.60 45.36 29.63
CA SER J 143 5.20 43.98 29.38
C SER J 143 5.64 43.06 30.50
N ILE J 144 6.79 43.33 31.12
CA ILE J 144 7.15 42.57 32.31
C ILE J 144 6.17 42.83 33.44
N ARG J 145 5.81 44.11 33.67
CA ARG J 145 4.92 44.43 34.77
C ARG J 145 3.50 43.89 34.55
N GLU J 146 2.98 44.00 33.31
CA GLU J 146 1.65 43.50 33.04
C GLU J 146 1.57 42.00 33.28
N GLN J 147 2.61 41.27 32.91
CA GLN J 147 2.60 39.82 33.01
C GLN J 147 2.98 39.32 34.40
N VAL J 148 3.56 40.15 35.26
CA VAL J 148 3.73 39.75 36.65
C VAL J 148 2.46 40.04 37.44
N HIS J 149 1.82 41.18 37.19
CA HIS J 149 0.58 41.49 37.89
C HIS J 149 -0.45 40.40 37.64
N MET J 150 -0.74 40.10 36.37
CA MET J 150 -1.62 39.00 36.01
C MET J 150 -1.49 37.84 37.00
N TYR J 151 -0.26 37.47 37.33
CA TYR J 151 -0.05 36.33 38.21
C TYR J 151 -0.23 36.70 39.68
N HIS J 152 0.16 37.91 40.08
CA HIS J 152 -0.16 38.38 41.42
C HIS J 152 -1.68 38.45 41.62
N LYS J 153 -2.38 39.04 40.65
CA LYS J 153 -3.85 39.17 40.73
C LYS J 153 -4.52 37.82 40.86
N SER J 154 -4.00 36.80 40.19
CA SER J 154 -4.63 35.50 40.23
C SER J 154 -4.38 34.80 41.56
N LEU J 155 -3.12 34.61 41.91
CA LEU J 155 -2.80 34.02 43.21
C LEU J 155 -3.48 34.76 44.35
N ALA J 156 -3.88 36.01 44.15
CA ALA J 156 -4.57 36.74 45.21
C ALA J 156 -6.04 36.40 45.25
N LEU J 157 -6.73 36.47 44.10
CA LEU J 157 -8.13 36.05 44.08
C LEU J 157 -8.31 34.59 44.42
N LEU J 158 -7.24 33.81 44.44
CA LEU J 158 -7.33 32.44 44.92
C LEU J 158 -7.12 32.33 46.42
N GLY J 159 -6.75 33.41 47.08
CA GLY J 159 -6.48 33.39 48.51
C GLY J 159 -5.10 32.90 48.87
N TYR J 160 -4.09 33.24 48.08
CA TYR J 160 -2.72 32.82 48.35
C TYR J 160 -2.07 33.80 49.32
N ASN J 161 -1.25 33.27 50.22
CA ASN J 161 -0.63 34.10 51.25
C ASN J 161 0.70 34.69 50.84
N PHE J 162 1.33 34.16 49.80
CA PHE J 162 2.66 34.61 49.39
C PHE J 162 3.68 34.34 50.50
N ASP J 163 3.74 33.08 50.93
CA ASP J 163 4.61 32.68 52.02
C ASP J 163 5.61 31.60 51.61
N GLY J 164 5.63 31.20 50.35
CA GLY J 164 6.47 30.10 49.93
C GLY J 164 5.79 28.76 49.96
N SER J 165 4.49 28.73 50.21
CA SER J 165 3.75 27.48 50.21
C SER J 165 3.32 27.14 48.79
N ALA J 166 3.57 25.91 48.38
CA ALA J 166 3.20 25.48 47.04
C ALA J 166 1.76 25.90 46.73
N ILE J 167 1.59 26.69 45.68
CA ILE J 167 0.25 27.15 45.30
C ILE J 167 -0.57 25.93 44.88
N GLU J 168 -1.65 25.67 45.61
CA GLU J 168 -2.40 24.42 45.46
C GLU J 168 -3.50 24.51 44.41
N ASP J 169 -3.54 25.57 43.62
CA ASP J 169 -4.35 25.52 42.40
C ASP J 169 -3.61 24.74 41.34
N ASP J 170 -4.33 23.87 40.63
CA ASP J 170 -3.67 23.04 39.63
C ASP J 170 -3.45 23.78 38.31
N ASP J 171 -4.26 24.79 38.01
CA ASP J 171 -4.08 25.52 36.77
C ASP J 171 -2.87 26.45 36.83
N ILE J 172 -2.80 27.28 37.87
CA ILE J 172 -1.72 28.25 37.95
C ILE J 172 -0.40 27.59 38.34
N ARG J 173 -0.43 26.48 39.09
CA ARG J 173 0.83 25.81 39.41
C ARG J 173 1.48 25.18 38.19
N SER J 174 0.74 25.01 37.09
CA SER J 174 1.30 24.41 35.89
C SER J 174 2.03 25.45 35.03
N ARG J 175 1.52 26.68 34.99
CA ARG J 175 2.22 27.75 34.31
C ARG J 175 3.42 28.27 35.10
N MET J 176 3.58 27.87 36.36
CA MET J 176 4.81 28.14 37.08
C MET J 176 5.92 27.24 36.56
N LEU J 177 7.13 27.78 36.47
CA LEU J 177 8.23 27.02 35.92
C LEU J 177 8.75 26.02 36.93
N PRO J 178 9.49 25.01 36.49
CA PRO J 178 9.86 23.91 37.37
C PRO J 178 11.09 24.23 38.22
N THR J 179 11.33 23.39 39.21
CA THR J 179 12.50 23.58 40.05
C THR J 179 13.74 23.24 39.25
N ILE J 180 14.84 23.93 39.56
CA ILE J 180 16.04 23.92 38.73
C ILE J 180 17.15 23.11 39.36
N THR J 181 17.01 21.79 39.34
CA THR J 181 18.09 20.92 39.78
C THR J 181 19.35 21.23 38.97
N LEU J 182 20.44 20.55 39.32
CA LEU J 182 21.70 20.88 38.67
C LEU J 182 21.76 20.37 37.24
N ASP J 183 20.94 19.37 36.89
CA ASP J 183 20.88 18.89 35.51
C ASP J 183 19.94 19.70 34.64
N ASP J 184 19.04 20.49 35.23
CA ASP J 184 18.16 21.38 34.51
C ASP J 184 18.80 22.75 34.22
N VAL J 185 20.10 22.91 34.47
CA VAL J 185 20.71 24.24 34.39
C VAL J 185 21.05 24.59 32.95
N TYR J 186 21.84 23.74 32.30
CA TYR J 186 22.01 23.81 30.85
C TYR J 186 20.70 23.44 30.16
N ARG J 187 20.16 24.38 29.43
CA ARG J 187 18.82 24.23 28.88
C ARG J 187 18.87 23.39 27.60
N PRO J 188 17.97 22.42 27.44
CA PRO J 188 18.02 21.56 26.24
C PRO J 188 17.81 22.34 24.96
N ALA J 189 18.48 21.86 23.90
CA ALA J 189 18.44 22.56 22.61
C ALA J 189 17.04 22.95 22.20
N ALA J 190 16.04 22.16 22.59
CA ALA J 190 14.67 22.46 22.22
C ALA J 190 14.16 23.71 22.92
N GLU J 191 14.73 24.08 24.06
CA GLU J 191 14.22 25.25 24.77
C GLU J 191 14.93 26.53 24.34
N SER J 192 16.23 26.47 24.11
CA SER J 192 16.91 27.70 23.74
C SER J 192 16.52 28.21 22.36
N LYS J 193 15.83 27.42 21.54
CA LYS J 193 15.22 27.99 20.35
C LYS J 193 14.20 29.07 20.72
N ILE J 194 13.56 28.89 21.88
CA ILE J 194 12.49 29.78 22.33
C ILE J 194 13.03 30.92 23.20
N PHE J 195 13.99 30.64 24.08
CA PHE J 195 14.42 31.60 25.12
C PHE J 195 15.58 32.47 24.64
N THR J 196 15.33 33.26 23.62
CA THR J 196 16.36 34.07 22.98
C THR J 196 15.66 34.99 22.00
N PRO J 197 16.10 36.23 21.84
CA PRO J 197 15.32 37.18 21.05
C PRO J 197 15.57 37.08 19.55
N ASN J 198 14.59 37.57 18.80
CA ASN J 198 14.63 37.66 17.35
C ASN J 198 14.06 39.01 16.96
N LEU J 199 14.81 39.77 16.18
CA LEU J 199 14.40 41.10 15.73
C LEU J 199 14.14 41.02 14.23
N LEU J 200 12.90 41.29 13.84
CA LEU J 200 12.47 41.22 12.45
C LEU J 200 12.20 42.62 11.93
N GLN J 201 12.46 42.82 10.66
CA GLN J 201 11.95 44.01 10.00
C GLN J 201 10.64 43.64 9.30
N ILE J 202 9.72 44.59 9.27
CA ILE J 202 8.38 44.32 8.80
C ILE J 202 7.82 45.61 8.21
N SER J 203 6.98 45.45 7.19
CA SER J 203 6.40 46.58 6.49
C SER J 203 4.97 46.76 6.94
N ALA J 204 4.38 47.88 6.51
CA ALA J 204 2.98 48.14 6.80
C ALA J 204 2.07 46.96 6.45
N ALA J 205 2.46 46.13 5.48
CA ALA J 205 1.64 44.95 5.17
C ALA J 205 1.94 43.79 6.10
N GLU J 206 3.19 43.63 6.55
CA GLU J 206 3.43 42.73 7.67
C GLU J 206 2.54 43.13 8.86
N LEU J 207 2.53 44.42 9.17
CA LEU J 207 1.87 44.88 10.38
C LEU J 207 0.37 44.63 10.33
N GLU J 208 -0.27 44.85 9.16
CA GLU J 208 -1.71 44.69 9.12
C GLU J 208 -2.12 43.24 9.21
N ARG J 209 -1.30 42.32 8.72
CA ARG J 209 -1.59 40.92 8.98
C ARG J 209 -1.58 40.62 10.47
N LEU J 210 -0.60 41.19 11.19
CA LEU J 210 -0.52 40.98 12.64
C LEU J 210 -1.67 41.66 13.35
N ASP J 211 -1.90 42.95 13.06
CA ASP J 211 -2.99 43.67 13.69
C ASP J 211 -4.35 43.03 13.47
N LYS J 212 -4.50 42.24 12.40
CA LYS J 212 -5.69 41.44 12.13
C LYS J 212 -5.59 40.06 12.78
N ASP J 213 -5.31 40.04 14.09
CA ASP J 213 -5.08 38.82 14.85
C ASP J 213 -4.32 37.78 14.03
N ALA K 91 22.14 73.00 16.50
CA ALA K 91 20.75 72.97 16.04
C ALA K 91 20.34 74.32 15.53
N HIS K 92 19.05 74.48 15.22
CA HIS K 92 18.52 75.81 14.96
C HIS K 92 18.83 76.70 16.17
N GLU K 93 18.54 77.98 16.03
CA GLU K 93 18.71 78.86 17.17
C GLU K 93 17.66 78.50 18.20
N ILE K 94 18.08 78.39 19.46
CA ILE K 94 17.13 78.21 20.54
C ILE K 94 16.54 79.57 20.88
N VAL K 95 15.22 79.61 21.09
CA VAL K 95 14.52 80.84 21.42
C VAL K 95 13.65 80.54 22.63
N ILE K 96 14.07 81.02 23.79
CA ILE K 96 13.34 80.82 25.04
C ILE K 96 12.90 82.18 25.55
N PRO K 97 11.82 82.28 26.30
CA PRO K 97 11.44 83.58 26.84
C PRO K 97 12.55 84.11 27.75
N SER K 98 12.63 85.43 27.84
CA SER K 98 13.72 86.04 28.59
C SER K 98 13.67 85.67 30.06
N TYR K 99 12.51 85.28 30.59
CA TYR K 99 12.43 84.88 31.99
C TYR K 99 12.90 83.45 32.23
N SER K 100 13.42 82.76 31.21
CA SER K 100 13.95 81.41 31.37
C SER K 100 15.44 81.31 31.11
N LYS K 101 16.15 82.43 30.93
CA LYS K 101 17.58 82.40 30.67
C LYS K 101 18.35 81.60 31.71
N TRP K 102 17.65 81.17 32.76
CA TRP K 102 18.25 80.42 33.85
C TRP K 102 18.39 78.94 33.57
N PHE K 103 17.70 78.42 32.55
CA PHE K 103 17.71 76.99 32.30
C PHE K 103 19.07 76.56 31.78
N ASN K 104 19.43 75.32 32.07
CA ASN K 104 20.74 74.82 31.70
C ASN K 104 20.68 73.30 31.70
N LEU K 105 20.90 72.69 30.54
CA LEU K 105 20.78 71.24 30.39
C LEU K 105 21.72 70.47 31.30
N GLU K 106 22.76 71.10 31.81
CA GLU K 106 23.70 70.38 32.66
C GLU K 106 23.42 70.54 34.15
N LYS K 107 22.59 71.50 34.53
CA LYS K 107 22.35 71.84 35.92
C LYS K 107 20.88 71.66 36.27
N ILE K 108 20.58 71.77 37.55
CA ILE K 108 19.21 71.86 38.08
C ILE K 108 19.10 73.18 38.79
N HIS K 109 18.03 73.92 38.51
CA HIS K 109 17.80 75.21 39.12
C HIS K 109 16.81 75.06 40.26
N SER K 110 16.71 76.09 41.08
CA SER K 110 15.85 75.96 42.25
C SER K 110 14.38 76.02 41.85
N ILE K 111 14.04 76.80 40.81
CA ILE K 111 12.66 76.83 40.34
C ILE K 111 12.21 75.48 39.83
N GLU K 112 13.15 74.63 39.42
CA GLU K 112 12.79 73.26 39.07
C GLU K 112 12.54 72.42 40.31
N VAL K 113 13.40 72.55 41.33
CA VAL K 113 13.26 71.78 42.56
C VAL K 113 11.94 72.07 43.24
N GLN K 114 11.53 73.32 43.30
CA GLN K 114 10.33 73.64 44.05
C GLN K 114 9.06 73.51 43.23
N SER K 115 9.17 73.34 41.91
CA SER K 115 8.00 73.10 41.06
C SER K 115 7.70 71.62 40.90
N LEU K 116 8.70 70.74 40.89
CA LEU K 116 8.48 69.30 40.81
C LEU K 116 9.22 68.63 41.94
N PRO K 117 8.76 68.81 43.18
CA PRO K 117 9.49 68.27 44.34
C PRO K 117 9.50 66.77 44.44
N GLU K 118 8.69 66.07 43.66
CA GLU K 118 8.65 64.61 43.78
C GLU K 118 10.00 63.98 43.48
N PHE K 119 10.87 64.67 42.75
CA PHE K 119 12.13 64.07 42.34
C PHE K 119 13.25 64.30 43.34
N PHE K 120 13.04 65.17 44.32
CA PHE K 120 14.10 65.60 45.19
C PHE K 120 13.92 65.27 46.66
N THR K 121 12.85 64.56 47.05
CA THR K 121 12.61 64.29 48.47
C THR K 121 13.37 63.10 48.98
N ASN K 122 13.87 62.22 48.11
CA ASN K 122 14.77 61.13 48.45
C ASN K 122 14.04 59.88 48.90
N ARG K 123 12.73 59.79 48.72
CA ARG K 123 11.96 58.65 49.20
C ARG K 123 11.72 57.58 48.14
N ILE K 124 11.69 57.94 46.87
CA ILE K 124 11.31 57.04 45.78
C ILE K 124 12.56 56.73 44.97
N PRO K 125 13.12 55.51 45.04
CA PRO K 125 14.39 55.25 44.35
C PRO K 125 14.37 55.54 42.86
N SER K 126 13.22 55.42 42.21
CA SER K 126 13.14 55.71 40.78
C SER K 126 12.87 57.17 40.48
N LYS K 127 12.67 58.00 41.50
CA LYS K 127 12.43 59.43 41.35
C LYS K 127 13.59 60.14 42.04
N THR K 128 14.59 60.50 41.25
CA THR K 128 15.91 60.89 41.67
C THR K 128 16.27 62.14 40.88
N PRO K 129 17.30 62.87 41.30
CA PRO K 129 17.71 64.03 40.47
C PRO K 129 18.36 63.62 39.16
N GLU K 130 19.14 62.55 39.16
CA GLU K 130 19.71 62.05 37.90
C GLU K 130 18.60 61.60 36.95
N VAL K 131 17.57 60.96 37.48
CA VAL K 131 16.41 60.64 36.66
C VAL K 131 15.71 61.90 36.18
N TYR K 132 15.58 62.92 37.04
CA TYR K 132 14.91 64.12 36.59
C TYR K 132 15.63 64.77 35.42
N MET K 133 16.96 64.70 35.39
CA MET K 133 17.68 65.31 34.28
C MET K 133 17.54 64.48 33.02
N ARG K 134 17.34 63.17 33.16
CA ARG K 134 17.09 62.35 31.98
C ARG K 134 15.72 62.64 31.39
N TYR K 135 14.66 62.46 32.18
CA TYR K 135 13.32 62.74 31.69
C TYR K 135 13.25 64.14 31.09
N ARG K 136 13.74 65.13 31.83
CA ARG K 136 13.56 66.52 31.43
C ARG K 136 14.44 66.89 30.26
N ASN K 137 15.60 66.25 30.14
CA ASN K 137 16.50 66.55 29.05
C ASN K 137 16.08 65.89 27.75
N PHE K 138 15.31 64.80 27.85
CA PHE K 138 14.77 64.19 26.64
C PHE K 138 13.69 65.05 26.01
N MET K 139 12.80 65.64 26.82
CA MET K 139 11.74 66.46 26.23
C MET K 139 12.30 67.72 25.60
N VAL K 140 13.36 68.28 26.15
CA VAL K 140 13.92 69.53 25.63
C VAL K 140 14.86 69.29 24.46
N ASN K 141 15.76 68.31 24.58
CA ASN K 141 16.62 67.96 23.45
C ASN K 141 15.77 67.58 22.25
N SER K 142 14.78 66.72 22.47
CA SER K 142 13.84 66.34 21.42
C SER K 142 13.16 67.56 20.82
N TYR K 143 12.72 68.50 21.63
CA TYR K 143 11.95 69.61 21.08
C TYR K 143 12.84 70.54 20.26
N ARG K 144 14.11 70.68 20.64
CA ARG K 144 14.98 71.61 19.96
C ARG K 144 15.42 71.10 18.59
N LEU K 145 15.25 69.81 18.30
CA LEU K 145 15.52 69.29 16.97
C LEU K 145 14.46 69.70 15.98
N ASN K 146 13.28 70.11 16.43
CA ASN K 146 12.22 70.45 15.51
C ASN K 146 11.37 71.59 16.07
N PRO K 147 11.95 72.77 16.27
CA PRO K 147 11.25 73.79 17.08
C PRO K 147 9.88 74.14 16.57
N ASN K 148 9.53 73.82 15.32
CA ASN K 148 8.22 74.17 14.79
C ASN K 148 7.17 73.09 15.05
N GLU K 149 7.59 71.92 15.52
CA GLU K 149 6.73 70.75 15.68
C GLU K 149 6.41 70.55 17.16
N TYR K 150 5.11 70.43 17.46
CA TYR K 150 4.69 70.22 18.84
C TYR K 150 5.26 68.90 19.36
N PHE K 151 5.75 68.93 20.60
CA PHE K 151 6.27 67.77 21.29
C PHE K 151 5.31 67.41 22.41
N SER K 152 5.08 66.12 22.62
CA SER K 152 3.86 65.68 23.29
C SER K 152 4.16 64.76 24.47
N VAL K 153 3.23 64.71 25.43
CA VAL K 153 3.37 63.77 26.53
C VAL K 153 3.57 62.37 25.98
N THR K 154 2.90 62.05 24.87
CA THR K 154 2.90 60.67 24.37
C THR K 154 4.26 60.27 23.81
N THR K 155 4.92 61.15 23.07
CA THR K 155 6.29 60.83 22.67
C THR K 155 7.15 60.58 23.90
N ALA K 156 7.04 61.45 24.92
CA ALA K 156 7.82 61.33 26.15
C ALA K 156 7.60 59.99 26.83
N ARG K 157 6.34 59.59 27.04
CA ARG K 157 6.10 58.29 27.67
C ARG K 157 6.55 57.12 26.81
N ARG K 158 6.54 57.30 25.48
CA ARG K 158 7.00 56.19 24.64
C ARG K 158 8.50 55.99 24.79
N ASN K 159 9.25 57.05 25.03
CA ASN K 159 10.70 57.00 24.96
C ASN K 159 11.40 56.92 26.32
N VAL K 160 10.76 57.38 27.39
CA VAL K 160 11.39 57.46 28.70
C VAL K 160 10.49 56.71 29.69
N SER K 161 11.08 56.14 30.73
CA SER K 161 10.38 55.13 31.52
C SER K 161 9.70 55.70 32.76
N GLY K 162 9.30 56.98 32.73
CA GLY K 162 8.52 57.53 33.81
C GLY K 162 7.12 56.93 33.93
N ASP K 163 6.40 57.39 34.93
CA ASP K 163 4.98 57.15 35.04
C ASP K 163 4.25 58.28 34.35
N ALA K 164 3.04 57.98 33.89
CA ALA K 164 2.35 58.93 33.04
C ALA K 164 2.17 60.25 33.75
N ALA K 165 1.61 60.23 34.96
CA ALA K 165 1.36 61.47 35.70
C ALA K 165 2.63 62.31 35.83
N ALA K 166 3.74 61.69 36.23
CA ALA K 166 5.00 62.42 36.43
C ALA K 166 5.52 63.04 35.13
N LEU K 167 5.43 62.33 34.01
CA LEU K 167 5.85 62.92 32.76
C LEU K 167 4.90 64.02 32.30
N PHE K 168 3.60 63.86 32.55
CA PHE K 168 2.65 64.92 32.22
C PHE K 168 3.00 66.21 32.97
N ARG K 169 3.39 66.10 34.25
CA ARG K 169 3.72 67.30 35.03
C ARG K 169 5.05 67.91 34.58
N LEU K 170 6.06 67.09 34.32
CA LEU K 170 7.30 67.63 33.77
C LEU K 170 7.03 68.37 32.46
N HIS K 171 6.30 67.72 31.54
CA HIS K 171 5.86 68.37 30.30
C HIS K 171 5.15 69.68 30.57
N LYS K 172 4.32 69.72 31.60
CA LYS K 172 3.53 70.90 31.90
C LYS K 172 4.41 72.04 32.42
N PHE K 173 5.41 71.71 33.23
CA PHE K 173 6.34 72.69 33.73
C PHE K 173 7.16 73.30 32.60
N LEU K 174 7.74 72.44 31.74
CA LEU K 174 8.55 72.93 30.62
C LEU K 174 7.74 73.80 29.66
N THR K 175 6.43 73.56 29.54
CA THR K 175 5.61 74.44 28.71
C THR K 175 5.49 75.82 29.34
N LYS K 176 5.10 75.87 30.61
CA LYS K 176 4.96 77.15 31.33
C LYS K 176 6.20 78.01 31.20
N TRP K 177 7.38 77.42 31.35
CA TRP K 177 8.59 78.21 31.30
C TRP K 177 9.12 78.37 29.89
N GLY K 178 8.41 77.85 28.89
CA GLY K 178 8.77 78.02 27.51
C GLY K 178 9.93 77.17 27.07
N LEU K 179 10.22 76.08 27.75
CA LEU K 179 11.38 75.29 27.40
C LEU K 179 11.04 74.18 26.41
N ILE K 180 9.78 73.89 26.18
CA ILE K 180 9.33 73.12 25.04
C ILE K 180 8.11 73.82 24.45
N ASN K 181 7.91 73.62 23.15
CA ASN K 181 6.70 74.03 22.43
C ASN K 181 6.52 75.54 22.40
N TYR K 182 7.62 76.28 22.37
CA TYR K 182 7.54 77.72 22.52
C TYR K 182 7.44 78.47 21.20
N GLN K 183 7.90 77.90 20.09
CA GLN K 183 7.79 78.52 18.78
C GLN K 183 7.08 77.59 17.81
N VAL K 184 6.01 76.96 18.29
CA VAL K 184 5.26 76.00 17.51
C VAL K 184 4.58 76.66 16.30
N ALA L 91 44.42 30.10 22.76
CA ALA L 91 44.75 30.27 24.17
C ALA L 91 45.03 31.72 24.50
N HIS L 92 44.03 32.60 24.30
CA HIS L 92 44.16 34.02 24.60
C HIS L 92 44.83 34.27 25.94
N GLU L 93 45.46 35.43 26.11
CA GLU L 93 45.97 35.81 27.42
C GLU L 93 44.85 36.35 28.28
N ILE L 94 44.70 35.76 29.47
CA ILE L 94 43.70 36.26 30.42
C ILE L 94 44.17 37.57 31.02
N VAL L 95 43.22 38.41 31.39
CA VAL L 95 43.53 39.70 31.97
C VAL L 95 42.38 40.17 32.86
N ILE L 96 42.64 40.18 34.16
CA ILE L 96 41.68 40.67 35.15
C ILE L 96 42.31 41.83 35.87
N PRO L 97 41.51 42.68 36.52
CA PRO L 97 42.08 43.70 37.41
C PRO L 97 42.82 43.04 38.54
N SER L 98 43.89 43.71 39.01
CA SER L 98 44.72 43.10 40.04
C SER L 98 43.94 42.82 41.31
N TYR L 99 42.93 43.64 41.62
CA TYR L 99 42.14 43.46 42.83
C TYR L 99 41.15 42.30 42.79
N SER L 100 41.39 41.34 41.92
CA SER L 100 40.47 40.21 41.81
C SER L 100 41.20 38.89 41.69
N LYS L 101 42.46 38.84 42.01
CA LYS L 101 43.13 37.57 41.82
C LYS L 101 42.71 36.59 42.76
N TRP L 102 41.69 36.91 43.53
CA TRP L 102 41.11 36.02 44.51
C TRP L 102 40.16 35.04 43.86
N PHE L 103 39.75 35.32 42.63
CA PHE L 103 38.75 34.52 41.95
C PHE L 103 39.37 33.21 41.46
N ASN L 104 38.65 32.12 41.70
CA ASN L 104 39.06 30.80 41.27
C ASN L 104 37.83 30.06 40.77
N LEU L 105 37.88 29.56 39.54
CA LEU L 105 36.73 28.87 38.98
C LEU L 105 36.36 27.66 39.81
N GLU L 106 37.33 27.08 40.52
CA GLU L 106 37.13 25.89 41.32
C GLU L 106 36.45 26.17 42.66
N LYS L 107 36.44 27.41 43.14
CA LYS L 107 35.95 27.72 44.48
C LYS L 107 34.85 28.78 44.46
N ILE L 108 34.24 28.99 45.62
CA ILE L 108 33.31 30.09 45.87
C ILE L 108 33.87 30.90 47.04
N HIS L 109 34.03 32.20 46.81
CA HIS L 109 34.70 33.10 47.73
C HIS L 109 33.68 33.82 48.60
N SER L 110 34.17 34.50 49.65
CA SER L 110 33.27 35.23 50.53
C SER L 110 32.85 36.57 49.92
N ILE L 111 33.68 37.16 49.07
CA ILE L 111 33.24 38.35 48.35
C ILE L 111 32.01 38.04 47.52
N GLU L 112 31.91 36.82 47.01
CA GLU L 112 30.73 36.44 46.25
C GLU L 112 29.53 36.28 47.16
N VAL L 113 29.63 35.39 48.15
CA VAL L 113 28.50 35.14 49.04
C VAL L 113 27.92 36.44 49.59
N GLN L 114 28.78 37.40 49.92
CA GLN L 114 28.31 38.69 50.39
C GLN L 114 27.53 39.43 49.30
N SER L 115 28.02 39.39 48.07
CA SER L 115 27.52 40.30 47.04
C SER L 115 26.37 39.73 46.21
N LEU L 116 26.26 38.40 46.12
CA LEU L 116 25.10 37.74 45.52
C LEU L 116 24.51 36.82 46.59
N PRO L 117 23.94 37.40 47.65
CA PRO L 117 23.46 36.56 48.76
C PRO L 117 22.30 35.67 48.41
N GLU L 118 21.76 35.75 47.19
CA GLU L 118 20.56 35.01 46.87
C GLU L 118 20.81 33.56 46.54
N PHE L 119 22.04 33.18 46.24
CA PHE L 119 22.37 31.79 45.96
C PHE L 119 22.82 31.03 47.19
N PHE L 120 22.76 31.65 48.37
CA PHE L 120 23.23 31.05 49.60
C PHE L 120 22.18 31.11 50.69
N THR L 121 20.91 31.21 50.28
CA THR L 121 19.74 30.95 51.12
C THR L 121 19.48 29.46 51.08
N ASN L 122 19.79 28.74 52.16
CA ASN L 122 19.44 27.32 52.15
C ASN L 122 17.93 27.16 52.13
N ARG L 123 17.24 28.14 51.58
CA ARG L 123 15.79 28.21 51.56
C ARG L 123 15.20 28.29 50.16
N ILE L 124 16.02 28.21 49.11
CA ILE L 124 15.53 28.20 47.74
C ILE L 124 16.23 27.05 47.00
N PRO L 125 15.51 26.04 46.51
CA PRO L 125 16.17 24.88 45.92
C PRO L 125 16.63 25.06 44.47
N SER L 126 16.28 26.17 43.83
CA SER L 126 16.83 26.48 42.53
C SER L 126 18.12 27.28 42.60
N LYS L 127 18.38 27.94 43.73
CA LYS L 127 19.55 28.79 43.85
C LYS L 127 20.54 28.28 44.89
N THR L 128 21.06 27.08 44.67
CA THR L 128 22.11 26.52 45.50
C THR L 128 23.47 27.01 45.03
N PRO L 129 24.53 26.78 45.81
CA PRO L 129 25.87 27.19 45.36
C PRO L 129 26.33 26.49 44.08
N GLU L 130 26.04 25.19 43.95
CA GLU L 130 26.42 24.48 42.72
C GLU L 130 25.77 25.14 41.50
N VAL L 131 24.47 25.42 41.58
CA VAL L 131 23.80 26.18 40.53
C VAL L 131 24.54 27.48 40.28
N TYR L 132 24.88 28.22 41.33
CA TYR L 132 25.59 29.47 41.16
C TYR L 132 26.87 29.29 40.36
N MET L 133 27.60 28.21 40.63
CA MET L 133 28.91 28.03 40.00
C MET L 133 28.78 27.78 38.50
N ARG L 134 27.74 27.07 38.09
CA ARG L 134 27.57 26.73 36.69
C ARG L 134 27.14 27.95 35.87
N TYR L 135 26.16 28.71 36.36
CA TYR L 135 25.87 30.00 35.74
C TYR L 135 27.16 30.77 35.54
N ARG L 136 27.94 30.91 36.61
CA ARG L 136 29.04 31.87 36.65
C ARG L 136 30.21 31.38 35.83
N ASN L 137 30.56 30.10 35.95
CA ASN L 137 31.62 29.56 35.10
C ASN L 137 31.26 29.70 33.62
N PHE L 138 30.00 29.44 33.26
CA PHE L 138 29.58 29.67 31.89
C PHE L 138 29.86 31.11 31.47
N MET L 139 29.41 32.09 32.25
CA MET L 139 29.66 33.48 31.90
C MET L 139 31.14 33.73 31.69
N VAL L 140 31.96 33.29 32.65
CA VAL L 140 33.39 33.59 32.59
C VAL L 140 34.06 32.75 31.54
N ASN L 141 33.82 31.44 31.54
CA ASN L 141 34.39 30.57 30.50
C ASN L 141 33.94 31.00 29.11
N SER L 142 32.66 31.33 28.95
CA SER L 142 32.19 31.79 27.64
C SER L 142 32.94 33.04 27.20
N TYR L 143 33.24 33.95 28.13
CA TYR L 143 33.82 35.22 27.74
C TYR L 143 35.31 35.12 27.46
N ARG L 144 35.99 34.18 28.11
CA ARG L 144 37.42 34.01 27.89
C ARG L 144 37.73 33.21 26.62
N LEU L 145 36.72 32.79 25.86
CA LEU L 145 36.98 32.22 24.54
C LEU L 145 37.33 33.31 23.54
N ASN L 146 36.69 34.46 23.64
CA ASN L 146 36.98 35.59 22.76
C ASN L 146 36.91 36.87 23.57
N PRO L 147 37.96 37.16 24.35
CA PRO L 147 37.88 38.26 25.33
C PRO L 147 37.75 39.63 24.71
N ASN L 148 37.76 39.75 23.40
CA ASN L 148 37.54 41.03 22.78
C ASN L 148 36.07 41.26 22.45
N GLU L 149 35.27 40.20 22.46
CA GLU L 149 33.84 40.26 22.22
C GLU L 149 33.11 40.50 23.54
N TYR L 150 32.27 41.52 23.58
CA TYR L 150 31.36 41.70 24.69
C TYR L 150 30.51 40.46 24.91
N PHE L 151 30.52 39.91 26.12
CA PHE L 151 29.63 38.83 26.49
C PHE L 151 28.43 39.40 27.24
N SER L 152 27.24 38.91 26.93
CA SER L 152 26.01 39.63 27.23
C SER L 152 25.08 38.79 28.06
N VAL L 153 24.13 39.47 28.71
CA VAL L 153 23.11 38.79 29.49
C VAL L 153 22.25 37.91 28.60
N THR L 154 21.92 38.41 27.40
CA THR L 154 21.11 37.65 26.44
C THR L 154 21.74 36.30 26.12
N THR L 155 23.03 36.28 25.83
CA THR L 155 23.69 35.01 25.60
C THR L 155 23.49 34.10 26.79
N ALA L 156 23.64 34.63 28.02
CA ALA L 156 23.52 33.79 29.21
C ALA L 156 22.13 33.23 29.37
N ARG L 157 21.09 34.05 29.17
CA ARG L 157 19.73 33.57 29.35
C ARG L 157 19.25 32.65 28.22
N ARG L 158 19.88 32.66 27.04
CA ARG L 158 19.59 31.61 26.07
C ARG L 158 20.10 30.26 26.55
N ASN L 159 21.28 30.23 27.17
CA ASN L 159 21.97 28.98 27.44
C ASN L 159 21.54 28.30 28.75
N VAL L 160 21.02 29.02 29.73
CA VAL L 160 20.84 28.47 31.07
C VAL L 160 19.49 28.85 31.65
N SER L 161 18.86 27.91 32.33
CA SER L 161 17.57 28.11 32.95
C SER L 161 17.73 28.74 34.33
N GLY L 162 16.92 29.73 34.60
CA GLY L 162 17.04 30.50 35.82
C GLY L 162 16.38 31.84 35.66
N ASP L 163 16.15 32.50 36.79
CA ASP L 163 15.51 33.79 36.76
C ASP L 163 16.38 34.78 35.99
N ALA L 164 15.80 35.41 34.97
CA ALA L 164 16.56 36.33 34.16
C ALA L 164 17.18 37.44 35.00
N ALA L 165 16.43 38.01 35.95
CA ALA L 165 16.97 39.06 36.80
C ALA L 165 18.06 38.55 37.73
N ALA L 166 17.99 37.29 38.13
CA ALA L 166 19.09 36.72 38.90
C ALA L 166 20.36 36.64 38.08
N LEU L 167 20.23 36.31 36.79
CA LEU L 167 21.40 36.22 35.91
C LEU L 167 21.95 37.60 35.56
N PHE L 168 21.07 38.59 35.42
CA PHE L 168 21.48 39.99 35.28
C PHE L 168 22.31 40.46 36.48
N ARG L 169 21.89 40.13 37.71
CA ARG L 169 22.68 40.51 38.88
C ARG L 169 24.04 39.81 38.85
N LEU L 170 24.06 38.51 38.59
CA LEU L 170 25.33 37.80 38.46
C LEU L 170 26.18 38.39 37.35
N HIS L 171 25.55 38.86 36.29
CA HIS L 171 26.33 39.45 35.21
C HIS L 171 26.89 40.81 35.62
N LYS L 172 26.08 41.62 36.32
CA LYS L 172 26.56 42.90 36.82
C LYS L 172 27.65 42.74 37.87
N PHE L 173 27.56 41.69 38.68
CA PHE L 173 28.63 41.43 39.64
C PHE L 173 29.95 41.21 38.92
N LEU L 174 30.00 40.22 38.02
CA LEU L 174 31.25 39.88 37.37
C LEU L 174 31.78 41.02 36.51
N THR L 175 30.91 41.88 36.00
CA THR L 175 31.43 43.04 35.29
C THR L 175 32.21 43.93 36.23
N LYS L 176 31.69 44.14 37.45
CA LYS L 176 32.30 45.07 38.41
C LYS L 176 33.73 44.67 38.73
N TRP L 177 33.97 43.39 38.99
CA TRP L 177 35.29 42.90 39.36
C TRP L 177 36.15 42.52 38.17
N GLY L 178 35.72 42.85 36.95
CA GLY L 178 36.48 42.57 35.75
C GLY L 178 36.69 41.10 35.46
N LEU L 179 35.75 40.26 35.83
CA LEU L 179 35.89 38.84 35.55
C LEU L 179 35.32 38.45 34.20
N ILE L 180 34.30 39.16 33.72
CA ILE L 180 33.85 39.10 32.34
C ILE L 180 33.88 40.52 31.80
N ASN L 181 34.18 40.64 30.51
CA ASN L 181 34.08 41.89 29.76
C ASN L 181 35.15 42.90 30.08
N TYR L 182 36.26 42.49 30.70
CA TYR L 182 37.30 43.43 31.08
C TYR L 182 37.99 44.01 29.85
N GLN L 183 38.48 43.15 28.96
CA GLN L 183 39.32 43.55 27.84
C GLN L 183 38.53 43.90 26.57
N VAL L 184 37.35 44.47 26.67
CA VAL L 184 36.49 44.73 25.51
C VAL L 184 36.85 46.10 24.96
N ASP L 185 37.46 46.14 23.78
CA ASP L 185 37.87 47.41 23.19
C ASP L 185 36.68 48.10 22.52
C1 GOL M . 37.28 -43.27 -5.53
O1 GOL M . 37.15 -42.86 -6.86
C2 GOL M . 38.56 -42.71 -4.88
O2 GOL M . 38.34 -41.44 -4.32
C3 GOL M . 39.73 -42.64 -5.87
O3 GOL M . 39.29 -42.43 -7.20
H11 GOL M . 37.31 -44.36 -5.48
H12 GOL M . 36.43 -42.94 -4.96
HO1 GOL M . 36.36 -43.29 -7.26
H2 GOL M . 38.85 -43.40 -4.08
HO2 GOL M . 39.15 -41.13 -3.86
H31 GOL M . 40.39 -41.83 -5.58
H32 GOL M . 40.29 -43.57 -5.82
HO3 GOL M . 39.45 -43.23 -7.73
C1 GOL N . 35.17 -27.79 -3.54
O1 GOL N . 34.35 -28.24 -4.58
C2 GOL N . 35.88 -28.96 -2.85
O2 GOL N . 36.70 -29.60 -3.77
C3 GOL N . 36.70 -28.57 -1.60
O3 GOL N . 37.99 -28.04 -1.81
H11 GOL N . 34.57 -27.25 -2.81
H12 GOL N . 35.92 -27.10 -3.94
HO1 GOL N . 33.87 -27.49 -4.96
H2 GOL N . 35.11 -29.65 -2.52
HO2 GOL N . 37.44 -29.01 -4.02
H31 GOL N . 36.80 -29.46 -0.97
H32 GOL N . 36.12 -27.85 -1.02
HO3 GOL N . 38.62 -28.78 -1.98
C1 GOL O . 40.68 -28.37 -9.27
O1 GOL O . 42.00 -28.79 -9.56
C2 GOL O . 40.15 -29.14 -8.06
O2 GOL O . 40.16 -30.51 -8.38
C3 GOL O . 38.74 -28.69 -7.67
O3 GOL O . 38.79 -27.83 -6.54
H11 GOL O . 40.05 -28.56 -10.14
H12 GOL O . 40.68 -27.31 -9.07
HO1 GOL O . 42.32 -28.35 -10.37
H2 GOL O . 40.83 -28.95 -7.22
HO2 GOL O . 39.86 -31.02 -7.59
H31 GOL O . 38.14 -29.58 -7.42
H32 GOL O . 38.27 -28.19 -8.50
HO3 GOL O . 39.18 -28.30 -5.79
C1 GOL P . 31.91 -23.00 1.74
O1 GOL P . 30.97 -23.01 2.78
C2 GOL P . 32.19 -24.43 1.31
O2 GOL P . 32.84 -24.45 0.06
C3 GOL P . 33.06 -25.15 2.33
O3 GOL P . 33.95 -26.01 1.65
H11 GOL P . 32.83 -22.53 2.08
H12 GOL P . 31.52 -22.44 0.89
HO1 GOL P . 30.83 -22.09 3.09
H2 GOL P . 31.24 -24.96 1.23
HO2 GOL P . 33.71 -24.00 0.14
H31 GOL P . 32.43 -25.74 3.00
H32 GOL P . 33.62 -24.43 2.92
HO3 GOL P . 33.60 -26.92 1.65
C1 GOL Q . -5.05 -36.95 19.82
O1 GOL Q . -4.30 -37.81 18.99
C2 GOL Q . -5.04 -37.45 21.28
O2 GOL Q . -4.27 -38.64 21.33
C3 GOL Q . -4.51 -36.44 22.30
O3 GOL Q . -3.72 -37.06 23.29
H11 GOL Q . -4.63 -35.94 19.79
H12 GOL Q . -6.08 -36.90 19.47
HO1 GOL Q . -4.39 -37.51 18.06
H2 GOL Q . -6.06 -37.69 21.55
HO2 GOL Q . -3.34 -38.43 21.14
H31 GOL Q . -5.35 -35.93 22.76
H32 GOL Q . -3.91 -35.69 21.79
HO3 GOL Q . -3.10 -36.41 23.66
C1 GOL R . 57.80 25.23 -18.97
O1 GOL R . 57.42 24.07 -19.68
C2 GOL R . 56.53 25.91 -18.51
O2 GOL R . 55.94 25.21 -17.43
C3 GOL R . 55.60 25.91 -19.69
O3 GOL R . 55.81 24.71 -20.40
H11 GOL R . 58.38 25.90 -19.61
H12 GOL R . 58.41 24.96 -18.11
HO1 GOL R . 58.22 23.64 -20.05
H2 GOL R . 56.76 26.95 -18.21
HO2 GOL R . 55.08 25.63 -17.19
H31 GOL R . 55.80 26.77 -20.33
H32 GOL R . 54.56 25.97 -19.36
HO3 GOL R . 55.24 24.69 -21.20
C1 GOL S . 5.95 82.46 35.86
O1 GOL S . 5.36 83.45 36.68
C2 GOL S . 5.85 82.85 34.39
O2 GOL S . 7.11 83.26 33.91
C3 GOL S . 5.32 81.70 33.53
O3 GOL S . 3.92 81.81 33.40
H11 GOL S . 5.45 81.50 36.02
H12 GOL S . 7.00 82.34 36.14
HO1 GOL S . 5.37 83.15 37.62
H2 GOL S . 5.14 83.68 34.31
HO2 GOL S . 7.72 82.51 33.95
H31 GOL S . 5.78 81.73 32.56
H32 GOL S . 5.57 80.75 34.00
HO3 GOL S . 3.63 81.34 32.60
C1 GOL T . 31.46 42.42 49.77
O1 GOL T . 30.11 42.87 49.80
C2 GOL T . 32.21 43.36 48.86
O2 GOL T . 31.36 44.44 48.59
C3 GOL T . 33.50 43.86 49.50
O3 GOL T . 33.84 45.10 48.94
H11 GOL T . 31.51 41.40 49.38
H12 GOL T . 31.89 42.43 50.77
HO1 GOL T . 29.58 42.24 50.32
H2 GOL T . 32.45 42.84 47.93
HO2 GOL T . 31.16 44.92 49.42
H31 GOL T . 34.30 43.14 49.31
H32 GOL T . 33.36 43.96 50.57
HO3 GOL T . 34.69 45.02 48.44
C1 GOL U . 36.43 49.71 48.80
O1 GOL U . 35.04 49.75 49.02
C2 GOL U . 36.77 49.27 47.38
O2 GOL U . 37.89 50.01 46.95
C3 GOL U . 37.13 47.80 47.30
O3 GOL U . 37.75 47.49 46.08
H11 GOL U . 36.89 49.01 49.50
H12 GOL U . 36.85 50.69 48.98
HO1 GOL U . 34.88 49.97 49.96
H2 GOL U . 35.92 49.47 46.73
HO2 GOL U . 38.66 49.81 47.52
H31 GOL U . 36.21 47.20 47.39
H32 GOL U . 37.78 47.53 48.12
HO3 GOL U . 37.62 46.54 45.87
#